data_6PBS
#
_entry.id   6PBS
#
_cell.length_a   80.063
_cell.length_b   130.342
_cell.length_c   112.562
_cell.angle_alpha   90.00
_cell.angle_beta   90.07
_cell.angle_gamma   90.00
#
_symmetry.space_group_name_H-M   'P 1 21 1'
#
loop_
_entity.id
_entity.type
_entity.pdbx_description
1 polymer 'ATP-dependent Clp protease ATP-binding subunit ClpC1'
2 polymer ecumicin
3 non-polymer 'ACETATE ION'
4 water water
#
loop_
_entity_poly.entity_id
_entity_poly.type
_entity_poly.pdbx_seq_one_letter_code
_entity_poly.pdbx_strand_id
1 'polypeptide(L)'
;MFERFTDRARRVVVLAQEEARMLNHNYIGTEHILLGLIHEGEGVAAKSLESLGISLEGVRSQVEEIIGQGQQAPSGHIPF
TPRAKKVLELSLREALQLGHNYIGTEHILLGLIREGEGVAAQVLVKLGAELTRVRQQVIQLLSGYKLAAALEHHHHHH
;
A,I,C,W,Y,e,B,G,K,M,O,T
2 'polypeptide(L)' (O7G)V(WZJ)T(NZC)V(MLE)V(MVA)(O7D)V(H14)V D,E,F,H,J,L,N,P,Q,R,S,U,V,X,Z,a,b,c,d,f,g,h,i,j
#
loop_
_chem_comp.id
_chem_comp.type
_chem_comp.name
_chem_comp.formula
ACT non-polymer 'ACETATE ION' 'C2 H3 O2 -1'
#
# COMPACT_ATOMS: atom_id res chain seq x y z
N MET A 1 50.31 -4.20 30.00
CA MET A 1 51.28 -3.31 30.62
C MET A 1 52.71 -3.55 30.10
N PHE A 2 53.56 -2.51 30.17
CA PHE A 2 55.01 -2.60 29.96
C PHE A 2 55.40 -2.93 28.52
N GLU A 3 54.56 -2.56 27.56
CA GLU A 3 54.91 -2.78 26.15
C GLU A 3 56.10 -1.91 25.76
N ARG A 4 57.10 -2.51 25.14
CA ARG A 4 58.31 -1.79 24.76
C ARG A 4 58.29 -1.40 23.28
N PHE A 5 58.70 -0.16 23.00
CA PHE A 5 58.96 0.27 21.65
C PHE A 5 60.26 -0.38 21.15
N THR A 6 60.23 -0.96 19.95
CA THR A 6 61.45 -1.51 19.34
C THR A 6 62.45 -0.39 19.08
N ASP A 7 63.73 -0.79 19.03
CA ASP A 7 64.77 0.18 18.73
C ASP A 7 64.54 0.84 17.37
N ARG A 8 63.95 0.10 16.43
CA ARG A 8 63.56 0.73 15.16
C ARG A 8 62.43 1.75 15.38
N ALA A 9 61.39 1.39 16.15
CA ALA A 9 60.32 2.36 16.40
C ALA A 9 60.87 3.61 17.09
N ARG A 10 61.80 3.42 18.04
CA ARG A 10 62.38 4.56 18.72
C ARG A 10 63.08 5.50 17.76
N ARG A 11 63.67 4.95 16.69
CA ARG A 11 64.39 5.79 15.74
C ARG A 11 63.41 6.65 14.94
N VAL A 12 62.32 6.04 14.48
CA VAL A 12 61.22 6.75 13.82
C VAL A 12 60.84 8.02 14.58
N VAL A 13 60.73 7.91 15.92
CA VAL A 13 60.32 9.07 16.70
C VAL A 13 61.48 10.06 16.82
N VAL A 14 62.67 9.59 17.11
CA VAL A 14 63.82 10.50 17.08
C VAL A 14 63.90 11.20 15.73
N LEU A 15 63.69 10.45 14.64
CA LEU A 15 63.71 11.04 13.30
C LEU A 15 62.59 12.05 13.10
N ALA A 16 61.43 11.81 13.73
CA ALA A 16 60.29 12.70 13.56
C ALA A 16 60.66 14.12 13.97
N GLN A 17 61.42 14.27 15.07
CA GLN A 17 61.79 15.62 15.50
C GLN A 17 62.70 16.31 14.47
N GLU A 18 63.62 15.56 13.86
CA GLU A 18 64.61 16.18 12.99
C GLU A 18 64.00 16.59 11.66
N GLU A 19 63.15 15.73 11.09
CA GLU A 19 62.37 16.13 9.92
C GLU A 19 61.76 17.51 10.13
N ALA A 20 61.15 17.74 11.30
CA ALA A 20 60.53 19.04 11.58
C ALA A 20 61.57 20.15 11.71
N ARG A 21 62.74 19.83 12.26
CA ARG A 21 63.82 20.82 12.30
C ARG A 21 64.28 21.20 10.90
N MET A 22 64.44 20.22 10.00
CA MET A 22 64.88 20.53 8.65
C MET A 22 63.90 21.47 7.95
N LEU A 23 62.61 21.35 8.27
CA LEU A 23 61.55 22.11 7.63
C LEU A 23 61.29 23.45 8.30
N ASN A 24 61.97 23.75 9.39
CA ASN A 24 61.80 24.97 10.19
C ASN A 24 60.49 24.97 10.96
N HIS A 25 59.84 23.83 11.10
CA HIS A 25 58.58 23.75 11.81
C HIS A 25 58.83 23.82 13.32
N ASN A 26 57.93 24.49 14.03
CA ASN A 26 58.01 24.61 15.48
C ASN A 26 57.06 23.63 16.19
N TYR A 27 56.79 22.51 15.55
CA TYR A 27 55.93 21.47 16.08
C TYR A 27 56.36 20.15 15.45
N ILE A 28 56.00 19.04 16.07
CA ILE A 28 56.08 17.73 15.45
C ILE A 28 54.65 17.22 15.34
N GLY A 29 54.11 17.23 14.11
CA GLY A 29 52.80 16.71 13.85
C GLY A 29 52.83 15.27 13.40
N THR A 30 51.65 14.75 13.06
CA THR A 30 51.57 13.38 12.55
C THR A 30 52.36 13.24 11.26
N GLU A 31 52.42 14.31 10.47
CA GLU A 31 53.14 14.28 9.21
C GLU A 31 54.63 13.97 9.42
N HIS A 32 55.23 14.55 10.45
CA HIS A 32 56.65 14.30 10.72
C HIS A 32 56.92 12.89 11.26
N ILE A 33 55.92 12.26 11.89
CA ILE A 33 56.10 10.88 12.28
C ILE A 33 56.05 9.98 11.05
N LEU A 34 55.25 10.36 10.05
CA LEU A 34 55.22 9.62 8.79
C LEU A 34 56.50 9.83 8.01
N LEU A 35 57.06 11.04 8.04
CA LEU A 35 58.34 11.29 7.40
C LEU A 35 59.41 10.46 8.10
N GLY A 36 59.46 10.52 9.43
CA GLY A 36 60.34 9.63 10.16
C GLY A 36 60.16 8.17 9.76
N LEU A 37 58.90 7.71 9.75
CA LEU A 37 58.67 6.33 9.33
C LEU A 37 59.31 6.08 7.98
N ILE A 38 59.13 7.03 7.05
CA ILE A 38 59.71 6.93 5.72
C ILE A 38 61.23 6.98 5.80
N HIS A 39 61.77 7.88 6.64
CA HIS A 39 63.21 8.12 6.69
C HIS A 39 63.97 6.87 7.15
N GLU A 40 63.49 6.20 8.20
CA GLU A 40 64.11 4.92 8.52
C GLU A 40 63.77 3.86 7.47
N GLY A 41 62.68 4.04 6.73
CA GLY A 41 62.38 3.27 5.55
C GLY A 41 62.71 1.78 5.49
N GLU A 42 62.90 1.11 6.64
CA GLU A 42 63.35 -0.27 6.64
C GLU A 42 62.43 -1.25 7.34
N GLY A 43 61.53 -0.80 8.23
CA GLY A 43 60.78 -1.71 9.08
C GLY A 43 59.63 -2.41 8.38
N VAL A 44 58.89 -3.19 9.16
CA VAL A 44 57.68 -3.82 8.62
C VAL A 44 56.70 -2.77 8.10
N ALA A 45 56.68 -1.57 8.70
CA ALA A 45 55.76 -0.55 8.21
C ALA A 45 56.09 -0.16 6.78
N ALA A 46 57.37 0.05 6.49
CA ALA A 46 57.76 0.42 5.13
C ALA A 46 57.51 -0.72 4.15
N LYS A 47 57.76 -1.97 4.55
CA LYS A 47 57.50 -3.01 3.57
C LYS A 47 56.01 -3.24 3.39
N SER A 48 55.22 -3.08 4.45
CA SER A 48 53.78 -3.23 4.30
C SER A 48 53.22 -2.22 3.29
N LEU A 49 53.80 -1.01 3.24
CA LEU A 49 53.36 -0.01 2.27
C LEU A 49 53.79 -0.40 0.86
N GLU A 50 55.10 -0.66 0.68
CA GLU A 50 55.60 -0.97 -0.64
C GLU A 50 54.90 -2.20 -1.23
N SER A 51 54.68 -3.22 -0.39
CA SER A 51 53.97 -4.43 -0.78
C SER A 51 52.52 -4.16 -1.15
N LEU A 52 52.02 -2.95 -0.92
CA LEU A 52 50.70 -2.54 -1.37
C LEU A 52 50.75 -1.61 -2.58
N GLY A 53 51.91 -1.42 -3.19
CA GLY A 53 52.03 -0.52 -4.31
C GLY A 53 52.44 0.90 -3.98
N ILE A 54 52.64 1.23 -2.71
CA ILE A 54 52.85 2.61 -2.31
C ILE A 54 54.35 2.90 -2.35
N SER A 55 54.72 3.96 -3.07
CA SER A 55 56.11 4.38 -3.15
C SER A 55 56.39 5.36 -2.02
N LEU A 56 57.43 5.05 -1.22
CA LEU A 56 57.76 5.83 -0.02
C LEU A 56 58.39 7.17 -0.35
N GLU A 57 58.88 7.38 -1.57
CA GLU A 57 59.23 8.74 -1.93
C GLU A 57 58.05 9.49 -2.52
N GLY A 58 57.06 8.77 -3.07
CA GLY A 58 55.81 9.40 -3.40
C GLY A 58 55.13 9.96 -2.16
N VAL A 59 55.01 9.14 -1.11
CA VAL A 59 54.52 9.57 0.19
C VAL A 59 55.28 10.79 0.67
N ARG A 60 56.62 10.79 0.52
CA ARG A 60 57.41 11.86 1.12
C ARG A 60 57.18 13.18 0.42
N SER A 61 57.13 13.20 -0.91
CA SER A 61 56.88 14.49 -1.51
C SER A 61 55.41 14.84 -1.44
N GLN A 62 54.51 13.85 -1.42
CA GLN A 62 53.13 14.21 -1.12
C GLN A 62 53.03 14.97 0.20
N VAL A 63 53.59 14.42 1.28
CA VAL A 63 53.50 15.09 2.57
C VAL A 63 54.23 16.43 2.53
N GLU A 64 55.44 16.44 1.95
CA GLU A 64 56.22 17.67 1.96
C GLU A 64 55.51 18.80 1.21
N GLU A 65 54.72 18.46 0.19
CA GLU A 65 54.00 19.48 -0.56
C GLU A 65 52.90 20.11 0.27
N ILE A 66 52.20 19.30 1.08
CA ILE A 66 51.09 19.81 1.88
C ILE A 66 51.58 20.74 2.98
N ILE A 67 52.66 20.37 3.69
CA ILE A 67 53.00 21.10 4.93
C ILE A 67 54.01 22.22 4.72
N GLY A 68 54.67 22.28 3.56
CA GLY A 68 55.59 23.37 3.30
C GLY A 68 56.83 23.32 4.17
N GLN A 69 57.26 24.51 4.60
CA GLN A 69 58.54 24.73 5.27
C GLN A 69 58.43 25.96 6.15
N GLY A 70 59.29 26.05 7.14
CA GLY A 70 59.24 27.13 8.09
C GLY A 70 60.18 28.28 7.71
N GLN A 71 59.98 29.41 8.40
CA GLN A 71 60.83 30.57 8.19
C GLN A 71 62.25 30.30 8.67
N GLN A 72 62.42 29.98 9.96
CA GLN A 72 63.75 29.68 10.50
C GLN A 72 63.66 28.49 11.46
N ALA A 73 64.82 27.83 11.64
CA ALA A 73 64.92 26.58 12.39
C ALA A 73 64.96 26.84 13.90
N PRO A 74 64.12 26.17 14.68
CA PRO A 74 64.13 26.35 16.13
C PRO A 74 65.17 25.44 16.81
N SER A 75 65.35 25.66 18.11
CA SER A 75 66.42 25.02 18.84
C SER A 75 65.87 24.17 19.97
N GLY A 76 66.70 23.21 20.41
CA GLY A 76 66.35 22.35 21.52
C GLY A 76 65.26 21.35 21.17
N HIS A 77 64.25 21.28 22.04
CA HIS A 77 63.11 20.41 21.82
C HIS A 77 62.04 21.17 21.04
N ILE A 78 61.41 20.48 20.10
CA ILE A 78 60.21 20.93 19.40
C ILE A 78 59.05 20.08 19.91
N PRO A 79 57.97 20.68 20.42
CA PRO A 79 56.92 19.89 21.08
C PRO A 79 56.08 19.07 20.09
N PHE A 80 55.78 17.82 20.50
CA PHE A 80 54.82 16.96 19.80
C PHE A 80 53.40 17.54 19.93
N THR A 81 52.69 17.62 18.81
CA THR A 81 51.28 17.95 18.86
C THR A 81 50.53 16.89 19.68
N PRO A 82 49.44 17.28 20.33
CA PRO A 82 48.55 16.26 20.92
C PRO A 82 48.18 15.13 19.95
N ARG A 83 47.78 15.42 18.71
CA ARG A 83 47.40 14.31 17.84
C ARG A 83 48.60 13.42 17.47
N ALA A 84 49.81 14.00 17.42
CA ALA A 84 50.97 13.15 17.29
C ALA A 84 51.15 12.28 18.55
N LYS A 85 50.90 12.86 19.72
CA LYS A 85 50.92 12.01 20.91
C LYS A 85 49.89 10.90 20.79
N LYS A 86 48.73 11.21 20.21
CA LYS A 86 47.66 10.21 20.11
C LYS A 86 47.98 9.10 19.12
N VAL A 87 48.80 9.39 18.09
CA VAL A 87 49.26 8.33 17.18
C VAL A 87 50.02 7.26 17.98
N LEU A 88 51.06 7.70 18.70
CA LEU A 88 51.85 6.77 19.50
C LEU A 88 50.98 5.95 20.47
N GLU A 89 50.01 6.60 21.12
CA GLU A 89 49.10 5.86 21.98
C GLU A 89 48.21 4.91 21.15
N LEU A 90 47.83 5.28 19.91
CA LEU A 90 47.00 4.35 19.14
C LEU A 90 47.83 3.18 18.60
N SER A 91 49.14 3.41 18.39
CA SER A 91 50.08 2.33 18.10
C SER A 91 50.03 1.21 19.14
N LEU A 92 50.11 1.56 20.43
CA LEU A 92 49.96 0.53 21.46
C LEU A 92 48.60 -0.18 21.35
N ARG A 93 47.53 0.58 21.10
CA ARG A 93 46.20 -0.01 20.95
C ARG A 93 46.13 -0.94 19.75
N GLU A 94 46.81 -0.57 18.65
CA GLU A 94 46.82 -1.44 17.48
C GLU A 94 47.71 -2.67 17.71
N ALA A 95 48.85 -2.51 18.39
CA ALA A 95 49.67 -3.68 18.74
C ALA A 95 48.89 -4.66 19.60
N LEU A 96 48.15 -4.14 20.60
CA LEU A 96 47.41 -5.02 21.51
C LEU A 96 46.33 -5.80 20.77
N GLN A 97 45.65 -5.14 19.84
CA GLN A 97 44.61 -5.81 19.06
C GLN A 97 45.16 -7.09 18.45
N LEU A 98 46.30 -6.97 17.74
CA LEU A 98 46.99 -8.12 17.16
C LEU A 98 47.49 -9.12 18.20
N GLY A 99 47.49 -8.76 19.48
CA GLY A 99 48.08 -9.64 20.47
C GLY A 99 49.59 -9.53 20.53
N HIS A 100 50.13 -8.36 20.29
CA HIS A 100 51.57 -8.17 20.40
C HIS A 100 51.88 -7.48 21.72
N ASN A 101 53.01 -7.85 22.33
CA ASN A 101 53.46 -7.20 23.55
C ASN A 101 54.62 -6.22 23.30
N TYR A 102 54.80 -5.77 22.06
CA TYR A 102 55.79 -4.76 21.70
C TYR A 102 55.16 -3.73 20.76
N ILE A 103 55.85 -2.59 20.54
CA ILE A 103 55.42 -1.57 19.59
C ILE A 103 56.54 -1.35 18.57
N GLY A 104 56.33 -1.85 17.36
CA GLY A 104 57.21 -1.62 16.23
C GLY A 104 56.62 -0.73 15.15
N THR A 105 57.45 -0.46 14.14
CA THR A 105 57.05 0.48 13.09
C THR A 105 55.73 0.07 12.45
N GLU A 106 55.49 -1.24 12.28
CA GLU A 106 54.20 -1.68 11.80
C GLU A 106 53.05 -1.05 12.61
N HIS A 107 53.09 -1.15 13.94
CA HIS A 107 52.02 -0.58 14.75
C HIS A 107 51.97 0.95 14.63
N ILE A 108 53.12 1.62 14.51
CA ILE A 108 53.09 3.07 14.32
C ILE A 108 52.36 3.43 13.04
N LEU A 109 52.58 2.66 11.97
CA LEU A 109 51.83 2.87 10.75
C LEU A 109 50.33 2.78 11.03
N LEU A 110 49.90 1.74 11.75
CA LEU A 110 48.47 1.56 12.02
C LEU A 110 47.90 2.70 12.86
N GLY A 111 48.67 3.23 13.81
CA GLY A 111 48.18 4.32 14.62
C GLY A 111 48.11 5.64 13.85
N LEU A 112 49.08 5.86 12.96
CA LEU A 112 48.99 7.00 12.05
C LEU A 112 47.68 6.97 11.28
N ILE A 113 47.28 5.79 10.80
CA ILE A 113 46.08 5.66 9.98
C ILE A 113 44.87 5.76 10.86
N ARG A 114 44.89 5.01 11.96
CA ARG A 114 43.78 5.01 12.89
C ARG A 114 43.53 6.41 13.47
N GLU A 115 44.56 7.24 13.53
CA GLU A 115 44.39 8.57 14.11
C GLU A 115 43.31 9.34 13.35
N GLY A 116 43.32 9.23 12.02
CA GLY A 116 42.17 9.50 11.19
C GLY A 116 41.80 10.94 11.00
N GLU A 117 42.74 11.87 11.17
CA GLU A 117 42.42 13.28 11.02
C GLU A 117 43.60 14.11 10.50
N GLY A 118 44.83 13.68 10.81
CA GLY A 118 46.00 14.47 10.52
C GLY A 118 46.43 14.36 9.07
N VAL A 119 47.47 15.13 8.72
CA VAL A 119 48.05 15.09 7.38
C VAL A 119 48.47 13.67 7.03
N ALA A 120 49.12 12.97 7.96
CA ALA A 120 49.61 11.62 7.69
C ALA A 120 48.45 10.68 7.32
N ALA A 121 47.36 10.72 8.09
CA ALA A 121 46.26 9.82 7.76
C ALA A 121 45.61 10.20 6.43
N GLN A 122 45.44 11.48 6.17
CA GLN A 122 44.83 11.90 4.91
C GLN A 122 45.65 11.42 3.72
N VAL A 123 46.98 11.63 3.76
CA VAL A 123 47.85 11.14 2.69
C VAL A 123 47.75 9.62 2.57
N LEU A 124 47.88 8.91 3.70
CA LEU A 124 47.89 7.42 3.64
C LEU A 124 46.61 6.88 2.99
N VAL A 125 45.43 7.34 3.42
CA VAL A 125 44.16 6.74 2.88
C VAL A 125 43.92 7.13 1.41
N LYS A 126 44.42 8.29 0.97
CA LYS A 126 44.29 8.68 -0.46
C LYS A 126 45.06 7.67 -1.31
N LEU A 127 45.97 6.91 -0.69
CA LEU A 127 46.77 5.90 -1.39
C LEU A 127 46.41 4.49 -0.92
N GLY A 128 45.14 4.23 -0.75
CA GLY A 128 44.72 2.89 -0.43
C GLY A 128 45.16 2.35 0.92
N ALA A 129 45.98 3.08 1.68
CA ALA A 129 46.44 2.56 2.96
C ALA A 129 45.28 2.54 3.95
N GLU A 130 44.21 1.85 3.59
CA GLU A 130 43.05 1.75 4.46
C GLU A 130 43.39 0.92 5.69
N LEU A 131 42.71 1.19 6.80
CA LEU A 131 43.09 0.54 8.06
C LEU A 131 43.04 -0.98 7.93
N THR A 132 41.87 -1.52 7.61
CA THR A 132 41.75 -2.98 7.66
C THR A 132 42.65 -3.65 6.63
N ARG A 133 42.84 -2.98 5.48
CA ARG A 133 43.82 -3.45 4.50
C ARG A 133 45.23 -3.47 5.07
N VAL A 134 45.69 -2.34 5.63
CA VAL A 134 47.06 -2.32 6.16
C VAL A 134 47.19 -3.32 7.30
N ARG A 135 46.13 -3.46 8.10
CA ARG A 135 46.14 -4.49 9.13
C ARG A 135 46.48 -5.86 8.55
N GLN A 136 45.89 -6.19 7.40
CA GLN A 136 46.06 -7.51 6.81
C GLN A 136 47.45 -7.69 6.18
N GLN A 137 47.97 -6.65 5.53
CA GLN A 137 49.35 -6.73 5.07
C GLN A 137 50.31 -6.82 6.23
N VAL A 138 49.95 -6.23 7.38
CA VAL A 138 50.82 -6.36 8.55
C VAL A 138 50.82 -7.80 9.06
N ILE A 139 49.65 -8.44 9.09
CA ILE A 139 49.54 -9.75 9.69
C ILE A 139 50.20 -10.81 8.81
N GLN A 140 49.89 -10.82 7.51
CA GLN A 140 50.50 -11.80 6.63
C GLN A 140 52.02 -11.65 6.64
N LEU A 141 52.51 -10.42 6.49
CA LEU A 141 53.93 -10.15 6.57
C LEU A 141 54.52 -10.63 7.90
N LEU A 142 53.80 -10.45 9.01
CA LEU A 142 54.38 -10.80 10.30
C LEU A 142 54.38 -12.30 10.51
N SER A 143 53.44 -13.01 9.89
CA SER A 143 53.36 -14.46 10.03
C SER A 143 54.73 -15.11 9.81
N GLY A 144 55.18 -15.88 10.80
CA GLY A 144 56.49 -16.52 10.77
C GLY A 144 57.05 -16.90 12.13
N MET B 1 32.65 22.84 20.68
CA MET B 1 32.02 23.03 22.00
C MET B 1 30.51 23.23 21.91
N PHE B 2 29.78 22.67 22.88
CA PHE B 2 28.32 22.81 22.94
C PHE B 2 27.61 22.15 21.75
N GLU B 3 28.24 21.17 21.14
CA GLU B 3 27.56 20.40 20.12
C GLU B 3 26.46 19.58 20.77
N ARG B 4 25.20 19.83 20.36
CA ARG B 4 24.06 19.12 20.92
C ARG B 4 23.75 17.88 20.09
N PHE B 5 23.43 16.80 20.77
CA PHE B 5 23.00 15.57 20.11
C PHE B 5 21.60 15.77 19.56
N THR B 6 21.38 15.32 18.33
CA THR B 6 20.02 15.41 17.79
C THR B 6 19.10 14.40 18.48
N ASP B 7 17.80 14.64 18.32
CA ASP B 7 16.78 13.90 19.06
C ASP B 7 16.73 12.43 18.65
N ARG B 8 17.01 12.13 17.38
CA ARG B 8 17.16 10.73 17.00
C ARG B 8 18.39 10.12 17.68
N ALA B 9 19.45 10.92 17.81
CA ALA B 9 20.66 10.44 18.46
C ALA B 9 20.39 10.08 19.92
N ARG B 10 19.67 10.94 20.65
CA ARG B 10 19.39 10.62 22.05
C ARG B 10 18.60 9.32 22.17
N ARG B 11 17.57 9.16 21.35
CA ARG B 11 16.78 7.93 21.42
C ARG B 11 17.65 6.70 21.19
N VAL B 12 18.62 6.82 20.26
CA VAL B 12 19.52 5.68 19.97
C VAL B 12 20.24 5.24 21.25
N VAL B 13 20.76 6.21 22.02
CA VAL B 13 21.40 5.94 23.30
C VAL B 13 20.38 5.48 24.36
N VAL B 14 19.17 6.06 24.38
CA VAL B 14 18.16 5.51 25.27
C VAL B 14 17.84 4.07 24.91
N LEU B 15 17.74 3.79 23.61
CA LEU B 15 17.42 2.43 23.18
C LEU B 15 18.57 1.45 23.44
N ALA B 16 19.82 1.91 23.34
CA ALA B 16 20.94 1.01 23.57
C ALA B 16 20.81 0.34 24.94
N GLN B 17 20.35 1.08 25.95
CA GLN B 17 20.14 0.47 27.26
C GLN B 17 19.03 -0.57 27.21
N GLU B 18 17.95 -0.25 26.50
CA GLU B 18 16.87 -1.21 26.29
C GLU B 18 17.36 -2.46 25.58
N GLU B 19 18.10 -2.28 24.47
CA GLU B 19 18.65 -3.43 23.77
C GLU B 19 19.49 -4.29 24.72
N ALA B 20 20.24 -3.65 25.62
CA ALA B 20 21.00 -4.40 26.63
C ALA B 20 20.09 -5.12 27.63
N ARG B 21 19.04 -4.46 28.10
CA ARG B 21 18.20 -5.12 29.08
C ARG B 21 17.49 -6.33 28.47
N MET B 22 17.03 -6.21 27.22
CA MET B 22 16.28 -7.30 26.63
C MET B 22 17.12 -8.54 26.49
N LEU B 23 18.39 -8.38 26.12
CA LEU B 23 19.30 -9.52 26.02
C LEU B 23 19.85 -9.95 27.37
N ASN B 24 19.39 -9.36 28.47
CA ASN B 24 19.83 -9.73 29.81
C ASN B 24 21.34 -9.53 29.97
N HIS B 25 21.81 -8.36 29.57
CA HIS B 25 23.22 -8.00 29.68
C HIS B 25 23.37 -6.97 30.79
N ASN B 26 24.45 -7.08 31.57
CA ASN B 26 24.68 -6.19 32.70
C ASN B 26 25.65 -5.09 32.34
N TYR B 27 25.59 -4.63 31.09
CA TYR B 27 26.52 -3.65 30.54
C TYR B 27 25.95 -3.15 29.22
N ILE B 28 26.28 -1.92 28.86
CA ILE B 28 25.94 -1.36 27.55
C ILE B 28 27.25 -1.12 26.80
N GLY B 29 27.57 -2.00 25.84
CA GLY B 29 28.74 -1.90 25.01
C GLY B 29 28.46 -1.48 23.58
N THR B 30 29.55 -1.37 22.79
CA THR B 30 29.41 -0.81 21.43
C THR B 30 28.35 -1.56 20.63
N GLU B 31 28.13 -2.84 20.97
CA GLU B 31 27.14 -3.65 20.26
C GLU B 31 25.72 -3.21 20.57
N HIS B 32 25.47 -2.71 21.79
CA HIS B 32 24.14 -2.24 22.14
C HIS B 32 23.87 -0.84 21.59
N ILE B 33 24.90 -0.03 21.36
CA ILE B 33 24.70 1.22 20.62
C ILE B 33 24.30 0.93 19.17
N LEU B 34 24.96 -0.05 18.56
CA LEU B 34 24.60 -0.42 17.19
C LEU B 34 23.20 -1.01 17.13
N LEU B 35 22.87 -1.90 18.07
CA LEU B 35 21.53 -2.50 18.12
C LEU B 35 20.45 -1.44 18.30
N GLY B 36 20.73 -0.38 19.05
CA GLY B 36 19.78 0.69 19.18
C GLY B 36 19.76 1.63 18.00
N LEU B 37 20.86 1.71 17.26
CA LEU B 37 20.89 2.54 16.07
C LEU B 37 19.95 2.01 14.99
N ILE B 38 19.89 0.67 14.85
CA ILE B 38 19.03 0.07 13.83
C ILE B 38 17.59 -0.05 14.34
N HIS B 39 17.42 -0.22 15.65
CA HIS B 39 16.08 -0.11 16.25
C HIS B 39 15.43 1.20 15.84
N GLU B 40 16.15 2.30 16.01
CA GLU B 40 15.71 3.60 15.49
C GLU B 40 15.41 3.45 14.00
N GLY B 41 16.45 3.26 13.20
CA GLY B 41 16.29 2.81 11.82
C GLY B 41 15.67 3.78 10.84
N GLU B 42 15.77 5.08 11.11
CA GLU B 42 15.16 6.09 10.27
C GLU B 42 16.06 7.25 9.92
N GLY B 43 17.14 7.47 10.67
CA GLY B 43 18.02 8.59 10.45
C GLY B 43 19.06 8.32 9.38
N VAL B 44 20.00 9.26 9.30
CA VAL B 44 20.99 9.17 8.24
C VAL B 44 21.83 7.91 8.36
N ALA B 45 22.12 7.47 9.60
CA ALA B 45 22.97 6.29 9.72
C ALA B 45 22.31 5.06 9.14
N ALA B 46 21.00 4.92 9.31
CA ALA B 46 20.31 3.73 8.79
C ALA B 46 20.20 3.81 7.27
N LYS B 47 19.85 4.99 6.75
CA LYS B 47 19.79 5.23 5.31
C LYS B 47 21.15 4.95 4.65
N SER B 48 22.25 5.31 5.32
CA SER B 48 23.57 5.03 4.76
C SER B 48 23.82 3.53 4.69
N LEU B 49 23.61 2.83 5.80
CA LEU B 49 23.74 1.37 5.76
C LEU B 49 22.97 0.78 4.57
N GLU B 50 21.75 1.24 4.35
CA GLU B 50 20.94 0.71 3.28
C GLU B 50 21.29 1.28 1.91
N SER B 51 21.87 2.48 1.85
CA SER B 51 22.38 2.96 0.57
C SER B 51 23.48 2.05 0.04
N LEU B 52 24.37 1.56 0.93
CA LEU B 52 25.35 0.55 0.53
C LEU B 52 24.76 -0.84 0.41
N GLY B 53 23.44 -0.96 0.39
CA GLY B 53 22.81 -2.27 0.27
C GLY B 53 23.07 -3.19 1.46
N ILE B 54 23.26 -2.63 2.66
CA ILE B 54 23.41 -3.44 3.87
C ILE B 54 22.06 -3.49 4.58
N SER B 55 21.65 -4.71 4.97
CA SER B 55 20.35 -4.95 5.58
C SER B 55 20.42 -4.75 7.09
N LEU B 56 19.49 -3.94 7.60
CA LEU B 56 19.43 -3.66 9.03
C LEU B 56 19.19 -4.94 9.83
N GLU B 57 18.18 -5.73 9.44
CA GLU B 57 17.89 -6.97 10.16
C GLU B 57 19.06 -7.95 10.07
N GLY B 58 19.90 -7.83 9.05
CA GLY B 58 21.08 -8.65 9.01
C GLY B 58 22.10 -8.22 10.05
N VAL B 59 22.31 -6.90 10.20
CA VAL B 59 23.27 -6.43 11.19
C VAL B 59 22.83 -6.85 12.59
N ARG B 60 21.53 -6.77 12.88
CA ARG B 60 21.05 -7.25 14.17
C ARG B 60 21.41 -8.72 14.36
N SER B 61 21.12 -9.56 13.37
CA SER B 61 21.32 -10.99 13.58
C SER B 61 22.80 -11.34 13.71
N GLN B 62 23.67 -10.63 12.99
CA GLN B 62 25.11 -10.85 13.12
C GLN B 62 25.58 -10.51 14.52
N VAL B 63 25.02 -9.44 15.11
CA VAL B 63 25.47 -8.97 16.41
C VAL B 63 24.89 -9.84 17.51
N GLU B 64 23.59 -10.16 17.42
CA GLU B 64 22.97 -11.05 18.40
C GLU B 64 23.67 -12.40 18.42
N GLU B 65 24.10 -12.88 17.26
CA GLU B 65 24.84 -14.13 17.20
C GLU B 65 26.13 -14.04 18.03
N ILE B 66 26.85 -12.93 17.89
CA ILE B 66 28.13 -12.80 18.57
C ILE B 66 27.93 -12.53 20.07
N ILE B 67 26.92 -11.74 20.45
CA ILE B 67 26.86 -11.29 21.84
C ILE B 67 26.03 -12.18 22.76
N GLY B 68 25.22 -13.09 22.21
CA GLY B 68 24.51 -14.00 23.08
C GLY B 68 23.59 -13.29 24.07
N GLN B 69 23.31 -14.00 25.16
CA GLN B 69 22.28 -13.57 26.10
C GLN B 69 22.69 -13.90 27.52
N GLY B 70 22.31 -12.99 28.46
CA GLY B 70 22.56 -13.22 29.87
C GLY B 70 21.44 -14.02 30.53
N GLN B 71 21.71 -14.44 31.78
CA GLN B 71 20.82 -15.40 32.45
C GLN B 71 19.59 -14.72 33.07
N GLN B 72 19.77 -13.59 33.76
CA GLN B 72 18.64 -12.89 34.34
C GLN B 72 18.73 -11.40 34.00
N ALA B 73 17.60 -10.70 34.20
CA ALA B 73 17.45 -9.33 33.72
C ALA B 73 17.91 -8.33 34.76
N PRO B 74 18.80 -7.40 34.41
CA PRO B 74 19.23 -6.38 35.37
C PRO B 74 18.26 -5.21 35.44
N SER B 75 18.31 -4.53 36.59
CA SER B 75 17.43 -3.40 36.90
C SER B 75 18.27 -2.15 37.19
N GLY B 76 17.57 -1.05 37.43
CA GLY B 76 18.25 0.23 37.58
C GLY B 76 19.03 0.56 36.31
N HIS B 77 20.05 1.39 36.48
CA HIS B 77 20.89 1.75 35.35
C HIS B 77 21.81 0.59 34.98
N ILE B 78 22.19 0.53 33.72
CA ILE B 78 23.20 -0.43 33.24
C ILE B 78 24.44 0.36 32.82
N PRO B 79 25.60 0.11 33.41
CA PRO B 79 26.79 0.90 33.08
C PRO B 79 27.20 0.73 31.61
N PHE B 80 27.59 1.84 30.99
CA PHE B 80 28.20 1.85 29.68
C PHE B 80 29.65 1.39 29.80
N THR B 81 30.13 0.63 28.78
CA THR B 81 31.53 0.21 28.76
C THR B 81 32.44 1.38 28.37
N PRO B 82 33.67 1.38 28.86
CA PRO B 82 34.62 2.41 28.40
C PRO B 82 34.66 2.60 26.88
N ARG B 83 34.55 1.53 26.09
CA ARG B 83 34.61 1.74 24.64
C ARG B 83 33.29 2.30 24.12
N ALA B 84 32.16 1.89 24.72
CA ALA B 84 30.87 2.51 24.42
C ALA B 84 30.93 4.01 24.58
N LYS B 85 31.45 4.48 25.72
CA LYS B 85 31.62 5.92 25.91
C LYS B 85 32.58 6.49 24.86
N LYS B 86 33.63 5.73 24.51
CA LYS B 86 34.56 6.22 23.49
C LYS B 86 33.84 6.46 22.16
N VAL B 87 32.93 5.55 21.78
CA VAL B 87 32.18 5.73 20.53
C VAL B 87 31.52 7.11 20.48
N LEU B 88 30.74 7.43 21.53
CA LEU B 88 30.02 8.69 21.54
C LEU B 88 30.98 9.87 21.43
N GLU B 89 32.19 9.72 21.94
CA GLU B 89 33.21 10.77 21.85
C GLU B 89 33.84 10.83 20.46
N LEU B 90 34.08 9.69 19.83
CA LEU B 90 34.51 9.71 18.44
C LEU B 90 33.38 10.22 17.56
N SER B 91 32.13 10.11 18.01
CA SER B 91 31.01 10.69 17.27
C SER B 91 31.17 12.20 17.14
N LEU B 92 31.44 12.87 18.25
CA LEU B 92 31.74 14.31 18.20
C LEU B 92 32.83 14.60 17.19
N ARG B 93 33.90 13.79 17.19
CA ARG B 93 35.09 14.07 16.40
C ARG B 93 34.80 13.93 14.91
N GLU B 94 34.07 12.88 14.55
CA GLU B 94 33.64 12.72 13.17
C GLU B 94 32.76 13.88 12.74
N ALA B 95 31.93 14.41 13.65
CA ALA B 95 31.10 15.54 13.28
C ALA B 95 31.96 16.76 12.97
N LEU B 96 32.94 17.06 13.83
CA LEU B 96 33.77 18.23 13.59
C LEU B 96 34.61 18.08 12.32
N GLN B 97 35.18 16.89 12.09
CA GLN B 97 35.90 16.65 10.84
C GLN B 97 35.03 16.88 9.60
N LEU B 98 33.69 16.75 9.73
CA LEU B 98 32.80 17.02 8.61
C LEU B 98 32.38 18.49 8.54
N GLY B 99 32.74 19.30 9.53
CA GLY B 99 32.26 20.67 9.63
C GLY B 99 30.92 20.85 10.31
N HIS B 100 30.44 19.88 11.07
CA HIS B 100 29.16 19.94 11.76
C HIS B 100 29.29 20.43 13.20
N ASN B 101 28.23 21.08 13.69
CA ASN B 101 28.17 21.48 15.09
C ASN B 101 27.02 20.79 15.81
N TYR B 102 26.56 19.65 15.32
CA TYR B 102 25.58 18.81 15.97
C TYR B 102 26.13 17.38 15.94
N ILE B 103 25.49 16.46 16.65
CA ILE B 103 25.81 15.03 16.51
C ILE B 103 24.52 14.29 16.22
N GLY B 104 24.42 13.71 15.03
CA GLY B 104 23.27 12.96 14.61
C GLY B 104 23.53 11.47 14.65
N THR B 105 22.63 10.71 14.05
CA THR B 105 22.91 9.28 14.03
C THR B 105 24.06 8.94 13.07
N GLU B 106 24.23 9.72 12.00
CA GLU B 106 25.33 9.53 11.06
C GLU B 106 26.68 9.54 11.79
N HIS B 107 26.89 10.53 12.65
CA HIS B 107 28.11 10.58 13.42
C HIS B 107 28.24 9.43 14.39
N ILE B 108 27.13 9.02 15.04
CA ILE B 108 27.21 7.84 15.89
C ILE B 108 27.61 6.61 15.06
N LEU B 109 27.05 6.46 13.86
CA LEU B 109 27.50 5.40 12.97
C LEU B 109 28.99 5.52 12.69
N LEU B 110 29.45 6.72 12.34
CA LEU B 110 30.88 6.93 12.11
C LEU B 110 31.71 6.59 13.35
N GLY B 111 31.28 7.06 14.52
CA GLY B 111 31.98 6.71 15.75
C GLY B 111 32.05 5.22 15.98
N LEU B 112 30.92 4.51 15.82
CA LEU B 112 30.92 3.06 15.95
C LEU B 112 32.02 2.43 15.09
N ILE B 113 32.14 2.90 13.83
CA ILE B 113 33.16 2.34 12.95
C ILE B 113 34.53 2.78 13.39
N ARG B 114 34.72 4.09 13.52
CA ARG B 114 36.04 4.59 13.88
C ARG B 114 36.55 3.95 15.16
N GLU B 115 35.65 3.44 16.01
CA GLU B 115 36.08 2.89 17.30
C GLU B 115 37.11 1.77 17.13
N GLY B 116 36.94 0.92 16.10
CA GLY B 116 38.01 0.09 15.59
C GLY B 116 38.19 -1.27 16.25
N GLU B 117 37.68 -1.50 17.48
CA GLU B 117 37.99 -2.72 18.23
C GLU B 117 36.80 -3.57 18.61
N GLY B 118 35.55 -2.97 18.70
CA GLY B 118 34.43 -3.63 19.33
C GLY B 118 33.56 -4.43 18.36
N VAL B 119 32.64 -5.19 18.94
CA VAL B 119 31.73 -6.01 18.13
C VAL B 119 31.10 -5.16 17.03
N ALA B 120 30.66 -3.95 17.38
CA ALA B 120 30.06 -3.07 16.38
C ALA B 120 31.05 -2.81 15.23
N ALA B 121 32.22 -2.25 15.55
CA ALA B 121 33.25 -2.02 14.53
C ALA B 121 33.47 -3.27 13.69
N GLN B 122 33.68 -4.43 14.36
CA GLN B 122 34.00 -5.63 13.60
C GLN B 122 32.89 -5.92 12.61
N VAL B 123 31.65 -6.01 13.11
CA VAL B 123 30.58 -6.49 12.25
C VAL B 123 30.33 -5.52 11.10
N LEU B 124 30.53 -4.22 11.32
CA LEU B 124 30.22 -3.23 10.28
C LEU B 124 31.24 -3.25 9.14
N VAL B 125 32.54 -3.40 9.45
CA VAL B 125 33.54 -3.44 8.38
C VAL B 125 33.44 -4.74 7.61
N LYS B 126 33.18 -5.85 8.29
CA LYS B 126 32.92 -7.08 7.55
C LYS B 126 31.81 -6.87 6.52
N LEU B 127 30.77 -6.14 6.88
CA LEU B 127 29.69 -5.91 5.95
C LEU B 127 30.04 -4.88 4.90
N GLY B 128 31.21 -4.25 5.01
CA GLY B 128 31.65 -3.29 4.03
C GLY B 128 31.57 -1.86 4.48
N ALA B 129 31.28 -1.61 5.75
CA ALA B 129 31.06 -0.26 6.23
C ALA B 129 32.36 0.36 6.71
N GLU B 130 33.38 0.25 5.88
CA GLU B 130 34.65 0.91 6.15
C GLU B 130 34.45 2.42 6.33
N LEU B 131 35.34 3.04 7.10
CA LEU B 131 35.13 4.42 7.53
C LEU B 131 35.12 5.40 6.35
N THR B 132 36.17 5.39 5.52
CA THR B 132 36.27 6.36 4.42
C THR B 132 35.02 6.32 3.55
N ARG B 133 34.59 5.10 3.18
CA ARG B 133 33.38 4.95 2.37
C ARG B 133 32.15 5.51 3.08
N VAL B 134 31.94 5.11 4.34
CA VAL B 134 30.78 5.59 5.09
C VAL B 134 30.84 7.10 5.30
N ARG B 135 32.02 7.64 5.56
CA ARG B 135 32.18 9.09 5.60
C ARG B 135 31.63 9.72 4.33
N GLN B 136 32.08 9.23 3.18
N GLN B 136 32.11 9.25 3.18
CA GLN B 136 31.69 9.80 1.89
CA GLN B 136 31.68 9.80 1.89
C GLN B 136 30.21 9.56 1.61
C GLN B 136 30.20 9.58 1.65
N GLN B 137 29.69 8.40 2.01
CA GLN B 137 28.27 8.12 1.83
C GLN B 137 27.40 9.01 2.72
N VAL B 138 27.84 9.29 3.95
CA VAL B 138 27.11 10.20 4.81
C VAL B 138 27.12 11.60 4.20
N ILE B 139 28.26 12.02 3.66
CA ILE B 139 28.34 13.36 3.10
C ILE B 139 27.33 13.50 1.96
N GLN B 140 27.12 12.42 1.22
CA GLN B 140 26.22 12.48 0.06
C GLN B 140 24.76 12.55 0.50
N LEU B 141 24.36 11.67 1.41
CA LEU B 141 23.00 11.74 1.94
C LEU B 141 22.69 13.11 2.51
N LEU B 142 23.69 13.82 3.02
CA LEU B 142 23.45 15.14 3.61
C LEU B 142 23.37 16.25 2.56
N SER B 143 23.99 16.09 1.41
CA SER B 143 24.00 17.15 0.41
C SER B 143 22.71 17.27 -0.38
N GLY B 144 21.82 16.28 -0.29
CA GLY B 144 20.52 16.42 -0.90
C GLY B 144 20.53 16.07 -2.38
N TYR B 145 19.53 16.60 -3.09
CA TYR B 145 19.33 16.24 -4.49
C TYR B 145 19.50 17.46 -5.38
N LYS B 146 19.68 17.20 -6.68
CA LYS B 146 19.96 18.24 -7.68
C LYS B 146 18.80 18.48 -8.65
N MET C 1 25.34 -39.28 -17.11
CA MET C 1 26.31 -40.38 -17.03
C MET C 1 27.66 -39.93 -17.54
N PHE C 2 28.71 -40.51 -16.99
CA PHE C 2 30.10 -40.32 -17.46
C PHE C 2 30.62 -38.90 -17.23
N GLU C 3 30.10 -38.21 -16.20
CA GLU C 3 30.64 -36.91 -15.81
C GLU C 3 32.01 -37.07 -15.18
N ARG C 4 32.95 -36.19 -15.55
CA ARG C 4 34.34 -36.31 -15.15
C ARG C 4 34.73 -35.18 -14.20
N PHE C 5 35.53 -35.51 -13.19
CA PHE C 5 36.06 -34.52 -12.27
C PHE C 5 37.25 -33.82 -12.93
N THR C 6 37.26 -32.50 -12.84
CA THR C 6 38.39 -31.75 -13.35
C THR C 6 39.67 -32.12 -12.59
N ASP C 7 40.81 -31.84 -13.21
CA ASP C 7 42.07 -32.13 -12.54
C ASP C 7 42.18 -31.38 -11.22
N ARG C 8 41.70 -30.14 -11.18
CA ARG C 8 41.74 -29.36 -9.95
C ARG C 8 40.98 -30.08 -8.83
N ALA C 9 39.70 -30.41 -9.10
CA ALA C 9 38.88 -31.11 -8.12
C ALA C 9 39.54 -32.42 -7.69
N ARG C 10 40.14 -33.15 -8.64
CA ARG C 10 40.82 -34.39 -8.27
C ARG C 10 41.83 -34.15 -7.16
N ARG C 11 42.69 -33.15 -7.34
CA ARG C 11 43.73 -32.88 -6.35
C ARG C 11 43.12 -32.46 -5.03
N VAL C 12 41.98 -31.74 -5.04
CA VAL C 12 41.32 -31.38 -3.78
C VAL C 12 41.02 -32.63 -2.98
N VAL C 13 40.49 -33.66 -3.64
CA VAL C 13 40.21 -34.90 -2.93
C VAL C 13 41.50 -35.58 -2.49
N VAL C 14 42.52 -35.61 -3.36
CA VAL C 14 43.83 -36.11 -2.94
C VAL C 14 44.34 -35.33 -1.74
N LEU C 15 44.08 -34.01 -1.71
CA LEU C 15 44.54 -33.15 -0.64
C LEU C 15 43.84 -33.46 0.67
N ALA C 16 42.50 -33.56 0.63
CA ALA C 16 41.75 -33.77 1.87
C ALA C 16 42.28 -34.96 2.63
N GLN C 17 42.86 -35.94 1.93
CA GLN C 17 43.51 -37.05 2.62
C GLN C 17 44.78 -36.61 3.35
N GLU C 18 45.48 -35.61 2.82
CA GLU C 18 46.67 -35.16 3.55
C GLU C 18 46.32 -34.19 4.66
N GLU C 19 45.25 -33.39 4.46
CA GLU C 19 44.78 -32.53 5.54
C GLU C 19 44.48 -33.36 6.78
N ALA C 20 43.72 -34.44 6.60
CA ALA C 20 43.47 -35.32 7.74
C ALA C 20 44.78 -35.93 8.23
N ARG C 21 45.66 -36.31 7.31
CA ARG C 21 46.92 -36.90 7.73
C ARG C 21 47.72 -35.94 8.61
N MET C 22 47.82 -34.66 8.22
CA MET C 22 48.66 -33.75 8.96
C MET C 22 48.05 -33.31 10.27
N LEU C 23 46.73 -33.36 10.40
CA LEU C 23 46.06 -33.17 11.68
C LEU C 23 45.97 -34.46 12.50
N ASN C 24 46.68 -35.51 12.09
CA ASN C 24 46.66 -36.79 12.79
C ASN C 24 45.23 -37.25 13.05
N HIS C 25 44.41 -37.19 12.00
CA HIS C 25 43.04 -37.67 12.04
C HIS C 25 42.94 -39.02 11.34
N ASN C 26 42.05 -39.86 11.83
CA ASN C 26 41.90 -41.21 11.30
C ASN C 26 40.73 -41.32 10.33
N TYR C 27 40.33 -40.20 9.71
CA TYR C 27 39.13 -40.17 8.90
C TYR C 27 39.22 -38.95 8.01
N ILE C 28 38.64 -39.05 6.81
CA ILE C 28 38.54 -37.94 5.88
C ILE C 28 37.06 -37.54 5.83
N GLY C 29 36.72 -36.45 6.49
CA GLY C 29 35.36 -35.97 6.55
C GLY C 29 35.15 -34.71 5.74
N THR C 30 33.93 -34.15 5.85
CA THR C 30 33.61 -32.97 5.05
C THR C 30 34.52 -31.80 5.41
N GLU C 31 34.87 -31.66 6.69
CA GLU C 31 35.84 -30.64 7.09
C GLU C 31 37.15 -30.75 6.32
N HIS C 32 37.62 -31.98 6.05
CA HIS C 32 38.88 -32.14 5.32
C HIS C 32 38.74 -31.81 3.84
N ILE C 33 37.59 -32.09 3.24
CA ILE C 33 37.37 -31.65 1.86
C ILE C 33 37.39 -30.13 1.80
N LEU C 34 36.68 -29.46 2.72
CA LEU C 34 36.70 -28.00 2.77
C LEU C 34 38.14 -27.48 2.93
N LEU C 35 38.96 -28.21 3.70
CA LEU C 35 40.36 -27.82 3.87
C LEU C 35 41.14 -27.98 2.58
N GLY C 36 41.06 -29.16 1.95
CA GLY C 36 41.74 -29.36 0.68
C GLY C 36 41.25 -28.42 -0.42
N LEU C 37 39.98 -27.97 -0.33
CA LEU C 37 39.43 -27.03 -1.31
C LEU C 37 40.11 -25.66 -1.20
N ILE C 38 40.02 -25.03 -0.03
CA ILE C 38 40.62 -23.71 0.16
C ILE C 38 42.13 -23.76 0.09
N HIS C 39 42.75 -24.94 0.28
CA HIS C 39 44.21 -25.06 0.18
C HIS C 39 44.66 -24.88 -1.26
N GLU C 40 44.26 -25.81 -2.13
CA GLU C 40 44.28 -25.64 -3.58
C GLU C 40 44.09 -24.18 -3.98
N GLY C 41 43.06 -23.52 -3.44
CA GLY C 41 42.76 -22.12 -3.67
C GLY C 41 43.27 -21.50 -4.96
N GLU C 42 42.51 -21.65 -6.04
CA GLU C 42 42.88 -21.00 -7.30
C GLU C 42 41.75 -21.06 -8.33
N GLY C 43 40.71 -21.84 -8.05
CA GLY C 43 39.67 -22.11 -9.01
C GLY C 43 38.40 -21.30 -8.77
N VAL C 44 37.40 -21.57 -9.63
CA VAL C 44 36.07 -21.00 -9.53
C VAL C 44 35.59 -21.07 -8.08
N ALA C 45 36.05 -22.09 -7.36
CA ALA C 45 35.67 -22.24 -5.96
C ALA C 45 36.14 -21.04 -5.14
N ALA C 46 37.45 -20.86 -5.04
CA ALA C 46 38.01 -19.83 -4.17
C ALA C 46 37.41 -18.47 -4.50
N LYS C 47 37.36 -18.11 -5.79
CA LYS C 47 36.92 -16.79 -6.17
C LYS C 47 35.47 -16.56 -5.77
N SER C 48 34.61 -17.55 -5.99
CA SER C 48 33.21 -17.38 -5.59
C SER C 48 33.09 -17.08 -4.08
N LEU C 49 33.96 -17.64 -3.26
CA LEU C 49 33.93 -17.35 -1.83
C LEU C 49 34.25 -15.88 -1.57
N GLU C 50 35.48 -15.48 -1.92
CA GLU C 50 35.91 -14.10 -1.77
C GLU C 50 34.93 -13.12 -2.43
N SER C 51 34.35 -13.51 -3.58
CA SER C 51 33.40 -12.67 -4.29
C SER C 51 32.18 -12.29 -3.47
N LEU C 52 31.87 -13.03 -2.41
CA LEU C 52 30.76 -12.68 -1.53
C LEU C 52 31.26 -12.28 -0.15
N GLY C 53 32.55 -11.96 -0.03
CA GLY C 53 33.08 -11.34 1.16
C GLY C 53 33.68 -12.30 2.16
N ILE C 54 34.19 -13.43 1.69
CA ILE C 54 34.65 -14.51 2.57
C ILE C 54 36.16 -14.68 2.46
N SER C 55 36.79 -14.77 3.64
CA SER C 55 38.19 -15.10 3.82
C SER C 55 38.41 -16.58 3.60
N LEU C 56 39.54 -16.92 2.97
CA LEU C 56 39.93 -18.32 3.02
C LEU C 56 40.46 -18.66 4.42
N GLU C 57 41.32 -17.80 4.94
CA GLU C 57 42.04 -18.12 6.17
C GLU C 57 41.10 -18.16 7.35
N GLY C 58 40.15 -17.22 7.43
CA GLY C 58 39.12 -17.31 8.45
C GLY C 58 38.36 -18.62 8.40
N VAL C 59 38.09 -19.11 7.19
CA VAL C 59 37.40 -20.39 7.04
C VAL C 59 38.25 -21.53 7.61
N ARG C 60 39.49 -21.65 7.13
CA ARG C 60 40.39 -22.60 7.76
C ARG C 60 40.48 -22.35 9.26
N SER C 61 40.43 -21.07 9.66
CA SER C 61 40.36 -20.71 11.08
C SER C 61 39.28 -21.49 11.82
N GLN C 62 38.02 -21.30 11.42
CA GLN C 62 36.93 -21.96 12.11
C GLN C 62 36.88 -23.45 11.82
N VAL C 63 37.47 -23.92 10.73
CA VAL C 63 37.51 -25.37 10.50
C VAL C 63 38.51 -26.03 11.44
N GLU C 64 39.79 -25.68 11.33
CA GLU C 64 40.79 -26.24 12.24
C GLU C 64 40.43 -25.95 13.69
N GLU C 65 39.79 -24.81 13.94
CA GLU C 65 39.27 -24.51 15.27
C GLU C 65 38.39 -25.64 15.79
N ILE C 66 37.40 -26.03 14.97
CA ILE C 66 36.33 -26.94 15.40
C ILE C 66 36.80 -28.39 15.49
N ILE C 67 37.79 -28.78 14.60
CA ILE C 67 38.13 -30.20 14.47
C ILE C 67 39.32 -30.61 15.32
N GLY C 68 40.04 -29.66 15.89
CA GLY C 68 41.19 -30.01 16.68
C GLY C 68 42.10 -31.00 15.99
N GLN C 69 42.80 -31.79 16.80
CA GLN C 69 43.77 -32.76 16.35
C GLN C 69 43.60 -34.06 17.12
N GLY C 70 43.67 -35.18 16.40
CA GLY C 70 43.77 -36.48 17.03
C GLY C 70 45.21 -36.81 17.39
N GLN C 71 45.43 -38.08 17.70
CA GLN C 71 46.73 -38.53 18.21
C GLN C 71 47.45 -39.42 17.19
N GLN C 72 48.08 -38.78 16.19
CA GLN C 72 49.07 -39.44 15.34
C GLN C 72 48.48 -40.61 14.56
N ALA C 73 47.41 -40.32 13.80
CA ALA C 73 46.72 -41.43 13.16
C ALA C 73 47.46 -41.95 11.92
N PRO C 74 46.79 -42.72 11.01
CA PRO C 74 47.48 -43.84 10.36
C PRO C 74 48.47 -43.44 9.28
N SER C 75 48.61 -44.35 8.31
CA SER C 75 49.65 -44.29 7.29
C SER C 75 49.13 -45.01 6.07
N GLY C 76 49.10 -44.33 4.93
CA GLY C 76 48.36 -44.86 3.80
C GLY C 76 46.93 -44.38 3.82
N HIS C 77 46.02 -45.16 3.24
CA HIS C 77 44.67 -44.66 3.02
C HIS C 77 43.93 -44.40 4.33
N ILE C 78 43.41 -43.18 4.45
CA ILE C 78 42.47 -42.80 5.51
C ILE C 78 41.07 -42.93 4.94
N PRO C 79 40.16 -43.68 5.58
CA PRO C 79 38.86 -43.92 4.96
C PRO C 79 38.03 -42.64 4.94
N PHE C 80 37.28 -42.45 3.86
CA PHE C 80 36.32 -41.36 3.80
C PHE C 80 35.14 -41.66 4.74
N THR C 81 34.50 -40.60 5.23
CA THR C 81 33.27 -40.83 5.98
C THR C 81 32.10 -40.96 5.02
N PRO C 82 31.01 -41.58 5.48
CA PRO C 82 29.79 -41.61 4.66
C PRO C 82 29.37 -40.24 4.15
N ARG C 83 29.49 -39.19 4.98
CA ARG C 83 29.07 -37.87 4.53
C ARG C 83 30.07 -37.29 3.53
N ALA C 84 31.37 -37.44 3.80
CA ALA C 84 32.36 -37.04 2.79
C ALA C 84 31.99 -37.59 1.41
N LYS C 85 31.77 -38.91 1.31
CA LYS C 85 31.37 -39.49 0.03
C LYS C 85 30.14 -38.80 -0.51
N LYS C 86 29.17 -38.52 0.36
CA LYS C 86 27.91 -37.90 -0.11
C LYS C 86 28.17 -36.52 -0.71
N VAL C 87 29.13 -35.78 -0.15
CA VAL C 87 29.48 -34.47 -0.68
C VAL C 87 29.89 -34.57 -2.15
N LEU C 88 30.81 -35.47 -2.47
CA LEU C 88 31.20 -35.66 -3.87
C LEU C 88 29.99 -35.97 -4.74
N GLU C 89 28.97 -36.61 -4.16
CA GLU C 89 27.83 -37.08 -4.93
C GLU C 89 26.89 -35.93 -5.25
N LEU C 90 26.63 -35.10 -4.23
CA LEU C 90 25.93 -33.84 -4.41
C LEU C 90 26.70 -32.85 -5.29
N SER C 91 28.00 -33.06 -5.53
CA SER C 91 28.66 -32.20 -6.52
C SER C 91 28.19 -32.56 -7.91
N LEU C 92 28.25 -33.85 -8.24
CA LEU C 92 27.63 -34.30 -9.48
C LEU C 92 26.21 -33.74 -9.61
N ARG C 93 25.47 -33.63 -8.49
CA ARG C 93 24.07 -33.21 -8.56
C ARG C 93 23.95 -31.71 -8.78
N GLU C 94 24.78 -30.92 -8.10
CA GLU C 94 24.88 -29.49 -8.37
C GLU C 94 25.33 -29.22 -9.82
N ALA C 95 26.40 -29.87 -10.28
CA ALA C 95 26.81 -29.73 -11.68
C ALA C 95 25.66 -30.07 -12.62
N LEU C 96 24.94 -31.14 -12.33
CA LEU C 96 23.83 -31.51 -13.20
C LEU C 96 22.82 -30.37 -13.30
N GLN C 97 22.39 -29.84 -12.16
CA GLN C 97 21.38 -28.77 -12.11
C GLN C 97 21.83 -27.54 -12.91
N LEU C 98 23.08 -27.16 -12.79
CA LEU C 98 23.60 -26.06 -13.59
C LEU C 98 23.70 -26.40 -15.07
N GLY C 99 23.29 -27.58 -15.50
CA GLY C 99 23.47 -27.94 -16.90
C GLY C 99 24.89 -28.29 -17.31
N HIS C 100 25.79 -28.50 -16.36
CA HIS C 100 27.17 -28.86 -16.67
C HIS C 100 27.33 -30.37 -16.80
N ASN C 101 28.46 -30.78 -17.39
CA ASN C 101 28.74 -32.20 -17.53
C ASN C 101 30.15 -32.55 -17.08
N TYR C 102 30.81 -31.61 -16.44
CA TYR C 102 32.01 -31.85 -15.67
C TYR C 102 31.68 -31.67 -14.19
N ILE C 103 32.64 -31.99 -13.34
CA ILE C 103 32.54 -31.65 -11.93
C ILE C 103 33.83 -30.91 -11.60
N GLY C 104 33.70 -29.62 -11.29
CA GLY C 104 34.82 -28.78 -10.95
C GLY C 104 34.71 -28.30 -9.51
N THR C 105 35.79 -27.65 -9.03
CA THR C 105 35.80 -27.18 -7.66
C THR C 105 34.56 -26.34 -7.32
N GLU C 106 33.97 -25.66 -8.30
CA GLU C 106 32.71 -24.97 -8.00
C GLU C 106 31.66 -25.96 -7.53
N HIS C 107 31.68 -27.18 -8.07
CA HIS C 107 30.64 -28.14 -7.71
C HIS C 107 30.93 -28.82 -6.38
N ILE C 108 32.19 -29.11 -6.05
CA ILE C 108 32.52 -29.58 -4.70
C ILE C 108 32.06 -28.57 -3.65
N LEU C 109 32.31 -27.27 -3.91
CA LEU C 109 31.85 -26.24 -2.97
C LEU C 109 30.33 -26.32 -2.78
N LEU C 110 29.59 -26.46 -3.87
CA LEU C 110 28.14 -26.52 -3.76
C LEU C 110 27.69 -27.78 -3.04
N GLY C 111 28.42 -28.89 -3.21
CA GLY C 111 28.10 -30.11 -2.47
C GLY C 111 28.37 -29.96 -0.98
N LEU C 112 29.56 -29.47 -0.63
CA LEU C 112 29.85 -29.11 0.76
C LEU C 112 28.72 -28.31 1.37
N ILE C 113 28.25 -27.29 0.67
CA ILE C 113 27.17 -26.48 1.25
C ILE C 113 25.88 -27.28 1.30
N ARG C 114 25.53 -27.97 0.22
CA ARG C 114 24.26 -28.69 0.18
C ARG C 114 24.23 -29.88 1.16
N GLU C 115 25.40 -30.45 1.52
CA GLU C 115 25.44 -31.58 2.43
C GLU C 115 24.66 -31.30 3.71
N GLY C 116 24.63 -30.04 4.14
CA GLY C 116 23.62 -29.52 5.05
C GLY C 116 23.72 -29.95 6.50
N GLU C 117 24.76 -30.70 6.90
CA GLU C 117 24.87 -31.21 8.26
C GLU C 117 26.29 -31.23 8.81
N GLY C 118 27.34 -31.33 7.98
CA GLY C 118 28.70 -31.54 8.44
C GLY C 118 29.43 -30.25 8.80
N VAL C 119 30.65 -30.44 9.33
CA VAL C 119 31.46 -29.30 9.76
C VAL C 119 31.57 -28.27 8.64
N ALA C 120 32.00 -28.74 7.45
CA ALA C 120 32.16 -27.85 6.30
C ALA C 120 30.87 -27.06 6.05
N ALA C 121 29.74 -27.75 5.94
CA ALA C 121 28.46 -27.09 5.80
C ALA C 121 28.29 -25.95 6.80
N GLN C 122 28.37 -26.25 8.10
CA GLN C 122 27.95 -25.26 9.07
C GLN C 122 28.93 -24.10 9.15
N VAL C 123 30.22 -24.34 8.99
CA VAL C 123 31.14 -23.21 8.97
C VAL C 123 30.76 -22.27 7.84
N LEU C 124 30.59 -22.84 6.64
CA LEU C 124 30.35 -22.02 5.45
C LEU C 124 29.08 -21.19 5.57
N VAL C 125 27.97 -21.83 5.97
CA VAL C 125 26.70 -21.10 6.03
C VAL C 125 26.76 -19.97 7.05
N LYS C 126 27.35 -20.23 8.23
CA LYS C 126 27.53 -19.15 9.19
C LYS C 126 28.43 -18.05 8.64
N LEU C 127 29.39 -18.40 7.79
CA LEU C 127 30.24 -17.41 7.15
C LEU C 127 29.57 -16.75 5.93
N GLY C 128 28.24 -16.83 5.82
CA GLY C 128 27.48 -16.19 4.76
C GLY C 128 27.26 -17.02 3.51
N ALA C 129 28.11 -18.02 3.22
CA ALA C 129 28.06 -18.83 2.01
C ALA C 129 26.83 -19.72 1.89
N GLU C 130 25.62 -19.21 2.13
CA GLU C 130 24.47 -20.08 2.02
C GLU C 130 24.29 -20.53 0.56
N LEU C 131 23.48 -21.58 0.37
CA LEU C 131 23.53 -22.37 -0.86
C LEU C 131 23.07 -21.59 -2.09
N THR C 132 21.84 -21.05 -2.06
CA THR C 132 21.35 -20.43 -3.29
C THR C 132 22.08 -19.12 -3.60
N ARG C 133 22.61 -18.45 -2.57
CA ARG C 133 23.53 -17.34 -2.82
C ARG C 133 24.78 -17.82 -3.58
N VAL C 134 25.48 -18.82 -3.05
CA VAL C 134 26.68 -19.35 -3.70
C VAL C 134 26.36 -19.88 -5.09
N ARG C 135 25.12 -20.32 -5.31
CA ARG C 135 24.75 -20.84 -6.61
C ARG C 135 24.80 -19.74 -7.66
N GLN C 136 24.21 -18.58 -7.38
CA GLN C 136 24.19 -17.49 -8.34
C GLN C 136 25.58 -16.91 -8.59
N GLN C 137 26.43 -16.86 -7.56
CA GLN C 137 27.80 -16.39 -7.77
C GLN C 137 28.56 -17.28 -8.75
N VAL C 138 28.38 -18.60 -8.63
CA VAL C 138 28.96 -19.53 -9.59
C VAL C 138 28.46 -19.22 -10.99
N ILE C 139 27.14 -19.11 -11.14
CA ILE C 139 26.56 -18.90 -12.46
C ILE C 139 27.08 -17.62 -13.09
N GLN C 140 27.06 -16.52 -12.34
CA GLN C 140 27.55 -15.26 -12.87
C GLN C 140 29.06 -15.33 -13.09
N LEU C 141 29.79 -15.89 -12.10
CA LEU C 141 31.24 -16.06 -12.19
C LEU C 141 31.70 -17.06 -13.26
N LEU C 142 30.79 -17.65 -14.04
CA LEU C 142 31.14 -18.63 -15.07
C LEU C 142 30.77 -18.16 -16.46
N SER C 143 29.75 -17.32 -16.52
CA SER C 143 29.39 -16.73 -17.83
C SER C 143 30.13 -15.40 -17.96
N GLY C 144 29.52 -14.43 -18.64
CA GLY C 144 30.10 -13.12 -18.82
C GLY C 144 30.80 -12.98 -20.15
N TYR C 145 30.71 -11.79 -20.73
CA TYR C 145 31.41 -11.46 -21.97
C TYR C 145 30.75 -12.13 -23.17
N MET D 1 16.45 -44.84 14.95
CA MET D 1 15.40 -45.51 14.19
C MET D 1 14.05 -45.48 14.92
N PHE D 2 12.98 -45.79 14.19
CA PHE D 2 11.62 -45.71 14.71
C PHE D 2 11.13 -44.28 14.90
N GLU D 3 11.76 -43.30 14.25
CA GLU D 3 11.14 -41.98 14.13
C GLU D 3 9.79 -42.15 13.50
N ARG D 4 8.77 -41.67 14.20
CA ARG D 4 7.38 -41.81 13.79
C ARG D 4 6.89 -40.53 13.13
N PHE D 5 6.10 -40.68 12.07
CA PHE D 5 5.43 -39.55 11.45
C PHE D 5 4.18 -39.16 12.23
N THR D 6 4.05 -37.88 12.55
CA THR D 6 2.84 -37.37 13.20
C THR D 6 1.58 -37.63 12.36
N ASP D 7 0.45 -37.62 13.07
CA ASP D 7 -0.85 -37.78 12.43
C ASP D 7 -1.07 -36.80 11.29
N ARG D 8 -0.66 -35.54 11.46
CA ARG D 8 -0.85 -34.56 10.40
C ARG D 8 0.15 -34.74 9.27
N ALA D 9 1.42 -35.02 9.62
CA ALA D 9 2.38 -35.42 8.60
C ALA D 9 1.81 -36.55 7.76
N ARG D 10 1.39 -37.64 8.41
CA ARG D 10 0.69 -38.69 7.70
C ARG D 10 -0.35 -38.08 6.76
N ARG D 11 -1.17 -37.16 7.30
CA ARG D 11 -2.28 -36.61 6.53
C ARG D 11 -1.77 -35.79 5.34
N VAL D 12 -0.68 -35.03 5.52
CA VAL D 12 -0.08 -34.30 4.40
C VAL D 12 0.18 -35.23 3.22
N VAL D 13 0.82 -36.37 3.48
CA VAL D 13 1.26 -37.21 2.37
C VAL D 13 0.07 -37.80 1.64
N VAL D 14 -0.99 -38.14 2.38
CA VAL D 14 -2.23 -38.62 1.79
C VAL D 14 -2.91 -37.52 0.97
N LEU D 15 -2.77 -36.27 1.39
CA LEU D 15 -3.34 -35.17 0.63
C LEU D 15 -2.53 -34.92 -0.62
N ALA D 16 -1.28 -35.38 -0.65
CA ALA D 16 -0.45 -35.26 -1.84
C ALA D 16 -1.01 -36.08 -2.99
N GLN D 17 -1.23 -37.39 -2.77
CA GLN D 17 -1.86 -38.18 -3.80
C GLN D 17 -3.15 -37.52 -4.26
N GLU D 18 -3.93 -36.97 -3.35
CA GLU D 18 -5.22 -36.41 -3.74
C GLU D 18 -5.05 -35.14 -4.57
N GLU D 19 -4.08 -34.28 -4.19
CA GLU D 19 -3.79 -33.15 -5.06
C GLU D 19 -3.47 -33.62 -6.48
N ALA D 20 -2.62 -34.63 -6.62
CA ALA D 20 -2.27 -35.14 -7.95
C ALA D 20 -3.51 -35.59 -8.70
N ARG D 21 -4.43 -36.27 -8.02
CA ARG D 21 -5.65 -36.69 -8.71
C ARG D 21 -6.49 -35.49 -9.12
N MET D 22 -6.58 -34.47 -8.26
CA MET D 22 -7.38 -33.29 -8.59
C MET D 22 -6.88 -32.61 -9.85
N LEU D 23 -5.58 -32.64 -10.09
CA LEU D 23 -4.95 -32.02 -11.24
C LEU D 23 -4.79 -32.96 -12.43
N ASN D 24 -5.32 -34.18 -12.33
CA ASN D 24 -5.24 -35.13 -13.44
C ASN D 24 -3.78 -35.54 -13.73
N HIS D 25 -3.00 -35.75 -12.66
CA HIS D 25 -1.59 -36.10 -12.76
C HIS D 25 -1.39 -37.58 -12.45
N ASN D 26 -0.56 -38.25 -13.23
CA ASN D 26 -0.25 -39.64 -12.99
C ASN D 26 1.05 -39.82 -12.21
N TYR D 27 1.55 -38.75 -11.59
CA TYR D 27 2.71 -38.81 -10.72
C TYR D 27 2.47 -37.97 -9.47
N ILE D 28 3.07 -38.36 -8.35
CA ILE D 28 3.06 -37.55 -7.13
C ILE D 28 4.46 -36.98 -6.96
N GLY D 29 4.63 -35.70 -7.27
CA GLY D 29 5.92 -35.06 -7.20
C GLY D 29 6.06 -34.19 -5.96
N THR D 30 7.25 -33.58 -5.83
CA THR D 30 7.47 -32.68 -4.71
C THR D 30 6.42 -31.57 -4.68
N GLU D 31 5.98 -31.10 -5.84
CA GLU D 31 4.97 -30.06 -5.88
C GLU D 31 3.72 -30.50 -5.10
N HIS D 32 3.26 -31.73 -5.36
CA HIS D 32 2.06 -32.23 -4.71
C HIS D 32 2.25 -32.37 -3.21
N ILE D 33 3.45 -32.68 -2.75
CA ILE D 33 3.70 -32.66 -1.33
C ILE D 33 3.57 -31.23 -0.81
N LEU D 34 4.12 -30.28 -1.56
CA LEU D 34 3.92 -28.88 -1.17
C LEU D 34 2.43 -28.54 -1.05
N LEU D 35 1.59 -28.98 -1.98
CA LEU D 35 0.19 -28.55 -1.94
C LEU D 35 -0.59 -29.32 -0.87
N GLY D 36 -0.24 -30.59 -0.63
CA GLY D 36 -0.85 -31.29 0.49
C GLY D 36 -0.41 -30.75 1.83
N LEU D 37 0.82 -30.24 1.91
CA LEU D 37 1.27 -29.50 3.09
C LEU D 37 0.40 -28.28 3.29
N ILE D 38 0.30 -27.42 2.27
CA ILE D 38 -0.53 -26.22 2.34
C ILE D 38 -1.97 -26.58 2.69
N HIS D 39 -2.45 -27.72 2.18
CA HIS D 39 -3.88 -28.05 2.20
C HIS D 39 -4.49 -27.92 3.59
N GLU D 40 -3.88 -28.47 4.60
CA GLU D 40 -4.29 -28.04 5.95
C GLU D 40 -3.05 -27.56 6.66
N GLY D 41 -2.90 -26.24 6.64
CA GLY D 41 -1.86 -25.44 7.18
C GLY D 41 -2.20 -25.02 8.58
N GLU D 42 -2.53 -25.98 9.44
CA GLU D 42 -2.44 -25.72 10.86
C GLU D 42 -1.09 -26.17 11.40
N GLY D 43 -0.44 -27.11 10.73
CA GLY D 43 0.86 -27.58 11.15
C GLY D 43 1.85 -26.45 11.35
N VAL D 44 2.93 -26.73 12.08
CA VAL D 44 3.98 -25.76 12.28
C VAL D 44 4.51 -25.27 10.95
N ALA D 45 4.38 -26.10 9.90
CA ALA D 45 4.94 -25.74 8.60
C ALA D 45 4.17 -24.56 8.00
N ALA D 46 2.84 -24.67 7.96
CA ALA D 46 2.01 -23.57 7.49
C ALA D 46 2.29 -22.28 8.26
N LYS D 47 2.48 -22.37 9.57
CA LYS D 47 2.73 -21.19 10.38
C LYS D 47 4.14 -20.67 10.21
N SER D 48 5.12 -21.53 9.94
CA SER D 48 6.48 -21.03 9.72
C SER D 48 6.57 -20.24 8.41
N LEU D 49 5.85 -20.69 7.38
CA LEU D 49 5.80 -19.93 6.15
C LEU D 49 5.06 -18.61 6.35
N GLU D 50 3.85 -18.68 6.91
CA GLU D 50 3.05 -17.49 7.18
C GLU D 50 3.88 -16.41 7.86
N SER D 51 4.62 -16.79 8.92
CA SER D 51 5.38 -15.80 9.69
C SER D 51 6.47 -15.16 8.85
N LEU D 52 7.07 -15.90 7.93
CA LEU D 52 8.09 -15.28 7.09
C LEU D 52 7.48 -14.38 6.01
N GLY D 53 6.17 -14.12 6.06
CA GLY D 53 5.51 -13.22 5.13
C GLY D 53 5.11 -13.87 3.82
N ILE D 54 4.37 -14.98 3.91
CA ILE D 54 4.11 -15.86 2.79
C ILE D 54 2.66 -16.32 2.89
N SER D 55 1.88 -16.12 1.83
CA SER D 55 0.50 -16.58 1.88
C SER D 55 0.35 -17.94 1.19
N LEU D 56 -0.35 -18.85 1.87
CA LEU D 56 -0.41 -20.24 1.44
C LEU D 56 -1.02 -20.36 0.04
N GLU D 57 -2.16 -19.71 -0.19
CA GLU D 57 -2.71 -19.75 -1.54
C GLU D 57 -1.84 -19.02 -2.55
N GLY D 58 -0.99 -18.10 -2.08
CA GLY D 58 0.09 -17.60 -2.92
C GLY D 58 0.90 -18.74 -3.50
N VAL D 59 1.53 -19.53 -2.61
CA VAL D 59 2.30 -20.68 -3.07
C VAL D 59 1.43 -21.67 -3.84
N ARG D 60 0.15 -21.79 -3.47
CA ARG D 60 -0.73 -22.73 -4.15
C ARG D 60 -0.99 -22.30 -5.58
N SER D 61 -1.22 -21.01 -5.80
CA SER D 61 -1.39 -20.55 -7.17
C SER D 61 -0.04 -20.60 -7.90
N GLN D 62 1.03 -20.13 -7.24
CA GLN D 62 2.37 -20.20 -7.81
C GLN D 62 2.68 -21.61 -8.30
N VAL D 63 2.58 -22.59 -7.41
CA VAL D 63 2.90 -23.97 -7.77
C VAL D 63 1.95 -24.47 -8.85
N GLU D 64 0.66 -24.20 -8.71
CA GLU D 64 -0.30 -24.74 -9.66
C GLU D 64 -0.04 -24.24 -11.08
N GLU D 65 0.45 -23.01 -11.23
CA GLU D 65 0.63 -22.45 -12.56
C GLU D 65 1.82 -23.08 -13.26
N ILE D 66 2.83 -23.52 -12.50
CA ILE D 66 4.01 -24.13 -13.09
C ILE D 66 3.68 -25.50 -13.67
N ILE D 67 2.88 -26.30 -12.96
CA ILE D 67 2.73 -27.72 -13.25
C ILE D 67 1.53 -28.02 -14.15
N GLY D 68 0.43 -27.28 -13.99
CA GLY D 68 -0.67 -27.44 -14.91
C GLY D 68 -1.67 -28.54 -14.58
N GLN D 69 -2.26 -29.12 -15.61
CA GLN D 69 -3.39 -30.03 -15.47
C GLN D 69 -3.28 -31.14 -16.50
N GLY D 70 -3.43 -32.38 -16.05
CA GLY D 70 -3.59 -33.48 -16.97
C GLY D 70 -4.96 -33.48 -17.65
N GLN D 71 -5.09 -34.36 -18.64
CA GLN D 71 -6.37 -34.63 -19.28
C GLN D 71 -7.01 -35.91 -18.73
N GLN D 72 -6.12 -36.83 -18.31
CA GLN D 72 -6.45 -38.04 -17.58
C GLN D 72 -6.78 -37.73 -16.13
N ALA D 73 -7.70 -38.50 -15.56
CA ALA D 73 -7.68 -38.62 -14.10
C ALA D 73 -7.30 -40.06 -13.77
N PRO D 74 -6.22 -40.31 -13.04
CA PRO D 74 -5.66 -41.68 -12.97
C PRO D 74 -6.35 -42.54 -11.92
N SER D 75 -6.55 -43.81 -12.25
CA SER D 75 -7.19 -44.70 -11.30
C SER D 75 -6.18 -45.32 -10.34
N GLY D 76 -6.68 -45.75 -9.19
CA GLY D 76 -5.93 -46.40 -8.16
C GLY D 76 -4.70 -45.60 -7.76
N HIS D 77 -3.67 -46.33 -7.35
CA HIS D 77 -2.50 -45.67 -6.79
C HIS D 77 -1.75 -44.90 -7.88
N ILE D 78 -1.28 -43.72 -7.51
CA ILE D 78 -0.42 -42.89 -8.34
C ILE D 78 0.98 -42.93 -7.72
N PRO D 79 2.01 -43.29 -8.48
CA PRO D 79 3.33 -43.51 -7.85
C PRO D 79 4.00 -42.20 -7.48
N PHE D 80 4.68 -42.22 -6.33
CA PHE D 80 5.56 -41.11 -5.97
C PHE D 80 6.80 -41.09 -6.87
N THR D 81 7.20 -39.91 -7.30
CA THR D 81 8.45 -39.79 -8.03
C THR D 81 9.62 -40.11 -7.12
N PRO D 82 10.74 -40.54 -7.69
CA PRO D 82 11.96 -40.71 -6.89
C PRO D 82 12.33 -39.49 -6.05
N ARG D 83 12.06 -38.26 -6.52
CA ARG D 83 12.45 -37.12 -5.68
C ARG D 83 11.39 -36.81 -4.62
N ALA D 84 10.12 -37.15 -4.86
CA ALA D 84 9.14 -36.98 -3.79
C ALA D 84 9.51 -37.86 -2.60
N LYS D 85 9.99 -39.09 -2.86
CA LYS D 85 10.39 -39.97 -1.76
C LYS D 85 11.63 -39.44 -1.07
N LYS D 86 12.51 -38.79 -1.83
CA LYS D 86 13.71 -38.24 -1.22
C LYS D 86 13.36 -37.11 -0.26
N VAL D 87 12.35 -36.31 -0.60
CA VAL D 87 11.84 -35.31 0.36
C VAL D 87 11.53 -35.97 1.69
N LEU D 88 10.73 -37.05 1.67
CA LEU D 88 10.33 -37.66 2.93
C LEU D 88 11.56 -38.12 3.72
N GLU D 89 12.49 -38.79 3.05
CA GLU D 89 13.70 -39.25 3.71
C GLU D 89 14.56 -38.09 4.19
N LEU D 90 14.63 -37.00 3.41
CA LEU D 90 15.32 -35.81 3.89
C LEU D 90 14.63 -35.19 5.09
N SER D 91 13.30 -35.40 5.22
CA SER D 91 12.55 -34.97 6.40
C SER D 91 13.12 -35.60 7.65
N LEU D 92 13.29 -36.93 7.65
CA LEU D 92 13.92 -37.64 8.75
C LEU D 92 15.27 -37.01 9.10
N ARG D 93 16.06 -36.65 8.08
CA ARG D 93 17.37 -36.06 8.35
C ARG D 93 17.23 -34.73 9.04
N GLU D 94 16.34 -33.87 8.53
CA GLU D 94 16.09 -32.58 9.17
C GLU D 94 15.62 -32.76 10.60
N ALA D 95 14.67 -33.67 10.83
CA ALA D 95 14.22 -33.90 12.20
C ALA D 95 15.38 -34.32 13.09
N LEU D 96 16.23 -35.24 12.63
CA LEU D 96 17.35 -35.65 13.48
C LEU D 96 18.30 -34.48 13.69
N GLN D 97 18.50 -33.63 12.68
CA GLN D 97 19.43 -32.53 12.87
C GLN D 97 19.03 -31.69 14.06
N LEU D 98 17.73 -31.57 14.33
CA LEU D 98 17.19 -30.78 15.41
C LEU D 98 16.88 -31.59 16.66
N GLY D 99 17.54 -32.75 16.85
CA GLY D 99 17.35 -33.57 18.04
C GLY D 99 15.93 -34.08 18.25
N HIS D 100 15.07 -34.04 17.24
CA HIS D 100 13.73 -34.57 17.40
C HIS D 100 13.74 -36.07 17.15
N ASN D 101 12.74 -36.73 17.73
CA ASN D 101 12.55 -38.16 17.61
C ASN D 101 11.28 -38.48 16.83
N TYR D 102 10.76 -37.49 16.11
CA TYR D 102 9.46 -37.57 15.45
C TYR D 102 9.56 -36.74 14.19
N ILE D 103 8.93 -37.20 13.13
CA ILE D 103 8.85 -36.42 11.90
C ILE D 103 7.48 -35.79 11.86
N GLY D 104 7.44 -34.46 11.75
CA GLY D 104 6.18 -33.75 11.59
C GLY D 104 6.13 -32.81 10.39
N THR D 105 5.06 -32.03 10.30
CA THR D 105 4.91 -31.13 9.15
C THR D 105 6.08 -30.14 9.03
N GLU D 106 6.66 -29.70 10.14
CA GLU D 106 7.80 -28.80 10.02
C GLU D 106 8.99 -29.47 9.33
N HIS D 107 9.17 -30.78 9.53
CA HIS D 107 10.30 -31.47 8.94
C HIS D 107 10.07 -31.76 7.45
N ILE D 108 8.83 -32.02 7.03
CA ILE D 108 8.56 -32.14 5.60
C ILE D 108 8.92 -30.84 4.88
N LEU D 109 8.39 -29.72 5.39
CA LEU D 109 8.79 -28.41 4.89
C LEU D 109 10.31 -28.28 4.81
N LEU D 110 11.01 -28.68 5.87
CA LEU D 110 12.47 -28.63 5.81
C LEU D 110 13.01 -29.49 4.67
N GLY D 111 12.38 -30.64 4.42
CA GLY D 111 12.89 -31.57 3.43
C GLY D 111 12.53 -31.14 2.03
N LEU D 112 11.32 -30.58 1.89
CA LEU D 112 10.95 -29.94 0.63
C LEU D 112 12.03 -28.95 0.19
N ILE D 113 12.48 -28.09 1.11
CA ILE D 113 13.50 -27.12 0.75
C ILE D 113 14.84 -27.82 0.52
N ARG D 114 15.23 -28.68 1.47
CA ARG D 114 16.53 -29.35 1.35
C ARG D 114 16.62 -30.20 0.09
N GLU D 115 15.49 -30.74 -0.39
CA GLU D 115 15.54 -31.51 -1.64
C GLU D 115 16.26 -30.71 -2.73
N GLY D 116 16.01 -29.39 -2.79
CA GLY D 116 16.82 -28.46 -3.54
C GLY D 116 16.82 -28.58 -5.04
N GLU D 117 15.76 -29.15 -5.65
CA GLU D 117 15.78 -29.37 -7.12
C GLU D 117 14.38 -29.31 -7.72
N GLY D 118 13.35 -29.71 -6.98
CA GLY D 118 12.02 -29.81 -7.55
C GLY D 118 11.24 -28.49 -7.55
N VAL D 119 10.08 -28.52 -8.23
CA VAL D 119 9.17 -27.37 -8.29
C VAL D 119 8.95 -26.77 -6.91
N ALA D 120 8.59 -27.62 -5.92
CA ALA D 120 8.37 -27.16 -4.55
C ALA D 120 9.56 -26.34 -4.05
N ALA D 121 10.75 -26.91 -4.17
CA ALA D 121 11.96 -26.26 -3.70
C ALA D 121 12.22 -24.95 -4.43
N GLN D 122 12.04 -24.95 -5.76
CA GLN D 122 12.24 -23.73 -6.53
C GLN D 122 11.22 -22.66 -6.12
N VAL D 123 9.94 -23.01 -6.09
CA VAL D 123 8.92 -22.07 -5.66
C VAL D 123 9.26 -21.49 -4.30
N LEU D 124 9.79 -22.33 -3.39
CA LEU D 124 10.04 -21.91 -2.01
C LEU D 124 11.26 -21.00 -1.90
N VAL D 125 12.30 -21.31 -2.65
CA VAL D 125 13.49 -20.48 -2.52
C VAL D 125 13.24 -19.11 -3.15
N LYS D 126 12.43 -19.06 -4.19
CA LYS D 126 12.11 -17.79 -4.79
C LYS D 126 11.29 -16.91 -3.84
N LEU D 127 10.40 -17.54 -3.07
CA LEU D 127 9.54 -16.76 -2.16
C LEU D 127 10.34 -16.32 -0.91
N GLY D 128 11.61 -16.71 -0.79
CA GLY D 128 12.38 -16.40 0.40
C GLY D 128 12.68 -17.55 1.33
N ALA D 129 11.93 -18.65 1.28
CA ALA D 129 12.13 -19.76 2.21
C ALA D 129 13.47 -20.45 1.92
N GLU D 130 14.54 -19.86 2.43
CA GLU D 130 15.85 -20.49 2.38
C GLU D 130 16.01 -21.48 3.55
N LEU D 131 16.92 -22.43 3.40
CA LEU D 131 16.98 -23.52 4.36
C LEU D 131 17.24 -23.00 5.77
N THR D 132 18.34 -22.25 5.95
CA THR D 132 18.69 -21.81 7.30
C THR D 132 17.56 -21.02 7.96
N ARG D 133 17.00 -20.04 7.26
CA ARG D 133 15.94 -19.27 7.89
C ARG D 133 14.81 -20.21 8.29
N VAL D 134 14.25 -20.96 7.31
CA VAL D 134 13.15 -21.83 7.72
C VAL D 134 13.53 -22.76 8.88
N ARG D 135 14.80 -23.10 9.01
CA ARG D 135 15.23 -23.94 10.12
C ARG D 135 14.96 -23.23 11.45
N GLN D 136 15.51 -22.02 11.61
CA GLN D 136 15.36 -21.27 12.86
C GLN D 136 13.97 -20.69 13.00
N GLN D 137 13.34 -20.30 11.90
CA GLN D 137 11.94 -19.91 11.98
C GLN D 137 11.05 -21.07 12.38
N VAL D 138 11.51 -22.31 12.24
CA VAL D 138 10.78 -23.45 12.78
C VAL D 138 11.24 -23.81 14.19
N ILE D 139 12.47 -23.47 14.56
CA ILE D 139 12.95 -23.82 15.88
C ILE D 139 12.16 -23.08 16.96
N GLN D 140 11.90 -21.79 16.78
CA GLN D 140 11.29 -21.10 17.90
C GLN D 140 9.78 -21.12 17.89
N LEU D 141 9.11 -21.22 16.75
CA LEU D 141 7.66 -21.44 16.88
C LEU D 141 7.41 -22.73 17.63
N LEU D 142 8.38 -23.66 17.61
CA LEU D 142 8.32 -24.82 18.50
C LEU D 142 8.67 -24.46 19.94
N SER D 143 9.77 -23.72 20.14
CA SER D 143 10.05 -23.17 21.47
C SER D 143 8.89 -22.30 21.95
N GLY D 144 8.24 -21.61 21.02
CA GLY D 144 7.03 -20.91 21.35
C GLY D 144 6.02 -21.90 21.85
N TYR D 145 5.26 -22.50 20.92
CA TYR D 145 4.15 -23.44 21.27
C TYR D 145 4.46 -24.32 22.48
N LYS D 146 5.66 -24.90 22.56
CA LYS D 146 5.99 -25.87 23.66
C LYS D 146 5.63 -25.29 25.04
N LEU D 147 5.85 -23.99 25.26
CA LEU D 147 5.61 -23.40 26.60
C LEU D 147 4.12 -23.04 26.74
N MET E 1 29.96 23.81 -22.36
CA MET E 1 30.62 24.05 -23.64
C MET E 1 32.12 24.25 -23.43
N PHE E 2 32.94 23.70 -24.32
CA PHE E 2 34.38 24.00 -24.35
C PHE E 2 35.14 23.34 -23.19
N GLU E 3 34.71 22.16 -22.76
CA GLU E 3 35.43 21.37 -21.78
C GLU E 3 36.60 20.68 -22.47
N ARG E 4 37.82 20.91 -21.98
CA ARG E 4 39.03 20.35 -22.56
C ARG E 4 39.42 19.03 -21.87
N PHE E 5 39.73 18.03 -22.68
CA PHE E 5 40.43 16.87 -22.11
C PHE E 5 41.79 17.29 -21.57
N THR E 6 42.14 16.78 -20.40
CA THR E 6 43.46 16.99 -19.84
C THR E 6 44.51 16.28 -20.70
N ASP E 7 45.75 16.77 -20.61
CA ASP E 7 46.84 16.13 -21.35
C ASP E 7 46.96 14.65 -20.97
N ARG E 8 46.65 14.31 -19.70
CA ARG E 8 46.65 12.91 -19.32
C ARG E 8 45.52 12.16 -20.02
N ALA E 9 44.38 12.84 -20.19
CA ALA E 9 43.24 12.18 -20.84
C ALA E 9 43.50 11.99 -22.32
N ARG E 10 44.13 12.98 -22.97
CA ARG E 10 44.45 12.80 -24.39
C ARG E 10 45.36 11.60 -24.59
N ARG E 11 46.30 11.40 -23.66
CA ARG E 11 47.24 10.31 -23.82
C ARG E 11 46.54 8.96 -23.64
N VAL E 12 45.58 8.88 -22.69
CA VAL E 12 44.77 7.67 -22.53
C VAL E 12 44.13 7.28 -23.85
N VAL E 13 43.63 8.28 -24.60
CA VAL E 13 42.94 7.97 -25.85
C VAL E 13 43.94 7.55 -26.92
N VAL E 14 45.11 8.21 -26.96
CA VAL E 14 46.17 7.82 -27.89
C VAL E 14 46.69 6.42 -27.56
N LEU E 15 46.98 6.16 -26.28
CA LEU E 15 47.38 4.82 -25.90
C LEU E 15 46.37 3.78 -26.37
N ALA E 16 45.09 4.15 -26.39
CA ALA E 16 44.05 3.19 -26.75
C ALA E 16 44.26 2.69 -28.17
N GLN E 17 44.72 3.57 -29.09
CA GLN E 17 45.03 3.12 -30.45
C GLN E 17 46.28 2.24 -30.49
N GLU E 18 47.28 2.52 -29.65
CA GLU E 18 48.45 1.65 -29.58
C GLU E 18 48.07 0.28 -29.01
N GLU E 19 47.39 0.27 -27.86
CA GLU E 19 46.88 -0.98 -27.32
C GLU E 19 46.18 -1.79 -28.39
N ALA E 20 45.20 -1.19 -29.08
CA ALA E 20 44.46 -1.95 -30.07
C ALA E 20 45.40 -2.47 -31.16
N ARG E 21 46.25 -1.58 -31.68
CA ARG E 21 47.16 -1.97 -32.76
C ARG E 21 48.08 -3.13 -32.35
N MET E 22 48.66 -3.05 -31.15
CA MET E 22 49.47 -4.15 -30.64
C MET E 22 48.75 -5.50 -30.73
N LEU E 23 47.50 -5.57 -30.25
CA LEU E 23 46.79 -6.86 -30.34
C LEU E 23 46.30 -7.16 -31.77
N ASN E 24 46.73 -6.39 -32.76
CA ASN E 24 46.35 -6.58 -34.17
C ASN E 24 44.85 -6.41 -34.39
N HIS E 25 44.21 -5.50 -33.65
CA HIS E 25 42.77 -5.29 -33.73
C HIS E 25 42.41 -4.17 -34.71
N ASN E 26 41.37 -4.40 -35.50
CA ASN E 26 40.89 -3.45 -36.51
C ASN E 26 39.92 -2.39 -35.95
N TYR E 27 39.81 -2.27 -34.63
CA TYR E 27 38.81 -1.43 -34.01
C TYR E 27 39.34 -1.00 -32.64
N ILE E 28 38.93 0.19 -32.21
CA ILE E 28 39.17 0.66 -30.85
C ILE E 28 37.83 0.64 -30.08
N GLY E 29 37.71 -0.30 -29.15
CA GLY E 29 36.54 -0.43 -28.32
C GLY E 29 36.86 -0.08 -26.87
N THR E 30 35.80 -0.09 -26.03
CA THR E 30 35.96 0.16 -24.59
C THR E 30 37.16 -0.59 -24.01
N GLU E 31 37.30 -1.89 -24.31
CA GLU E 31 38.47 -2.64 -23.87
C GLU E 31 39.76 -1.86 -24.09
N HIS E 32 39.93 -1.29 -25.27
CA HIS E 32 41.19 -0.60 -25.53
C HIS E 32 41.30 0.70 -24.72
N ILE E 33 40.20 1.40 -24.50
CA ILE E 33 40.30 2.62 -23.68
C ILE E 33 40.73 2.26 -22.26
N LEU E 34 40.22 1.14 -21.74
CA LEU E 34 40.63 0.73 -20.38
C LEU E 34 42.10 0.34 -20.33
N LEU E 35 42.59 -0.36 -21.36
CA LEU E 35 44.00 -0.71 -21.41
C LEU E 35 44.87 0.54 -21.46
N GLY E 36 44.47 1.53 -22.26
CA GLY E 36 45.20 2.79 -22.28
C GLY E 36 45.06 3.53 -20.97
N LEU E 37 43.91 3.39 -20.31
CA LEU E 37 43.70 4.02 -19.01
C LEU E 37 44.66 3.46 -17.98
N ILE E 38 44.72 2.13 -17.85
CA ILE E 38 45.61 1.55 -16.86
C ILE E 38 47.05 1.65 -17.31
N HIS E 39 47.29 1.61 -18.63
CA HIS E 39 48.64 1.77 -19.17
C HIS E 39 49.27 3.10 -18.72
N GLU E 40 48.46 4.13 -18.58
CA GLU E 40 48.88 5.41 -18.05
C GLU E 40 48.93 5.42 -16.51
N GLY E 41 48.71 4.27 -15.88
CA GLY E 41 48.59 4.12 -14.44
C GLY E 41 49.13 5.18 -13.51
N GLU E 42 48.81 6.46 -13.76
CA GLU E 42 49.24 7.53 -12.86
C GLU E 42 48.21 8.64 -12.68
N GLY E 43 47.00 8.53 -13.22
CA GLY E 43 45.95 9.50 -12.98
C GLY E 43 45.00 9.09 -11.84
N VAL E 44 44.11 10.02 -11.50
CA VAL E 44 43.03 9.70 -10.57
C VAL E 44 42.36 8.41 -10.96
N ALA E 45 42.13 8.21 -12.26
CA ALA E 45 41.61 6.94 -12.74
C ALA E 45 42.39 5.80 -12.11
N ALA E 46 43.69 5.75 -12.39
CA ALA E 46 44.52 4.66 -11.92
C ALA E 46 44.44 4.54 -10.40
N LYS E 47 44.72 5.63 -9.69
CA LYS E 47 44.90 5.45 -8.26
C LYS E 47 43.57 5.35 -7.54
N SER E 48 42.47 5.74 -8.17
CA SER E 48 41.19 5.38 -7.58
C SER E 48 40.99 3.86 -7.66
N LEU E 49 41.16 3.29 -8.86
CA LEU E 49 41.10 1.82 -8.95
C LEU E 49 42.03 1.16 -7.92
N GLU E 50 43.22 1.72 -7.73
CA GLU E 50 44.14 1.18 -6.73
C GLU E 50 43.64 1.48 -5.34
N SER E 51 43.29 2.75 -5.07
CA SER E 51 42.72 3.11 -3.77
C SER E 51 41.60 2.18 -3.32
N LEU E 52 40.97 1.46 -4.25
CA LEU E 52 39.85 0.57 -3.93
C LEU E 52 40.25 -0.90 -4.04
N GLY E 53 41.54 -1.20 -3.89
CA GLY E 53 41.96 -2.58 -3.89
C GLY E 53 41.71 -3.32 -5.17
N ILE E 54 42.24 -2.79 -6.28
CA ILE E 54 42.13 -3.41 -7.60
C ILE E 54 43.50 -3.32 -8.26
N SER E 55 43.97 -4.43 -8.83
CA SER E 55 45.28 -4.47 -9.47
C SER E 55 45.17 -4.11 -10.96
N LEU E 56 45.85 -3.04 -11.37
CA LEU E 56 45.87 -2.65 -12.78
C LEU E 56 46.34 -3.78 -13.67
N GLU E 57 47.25 -4.65 -13.18
CA GLU E 57 47.73 -5.76 -14.00
C GLU E 57 46.77 -6.93 -14.00
N GLY E 58 45.94 -7.04 -12.95
CA GLY E 58 44.81 -7.95 -13.01
C GLY E 58 43.74 -7.49 -13.99
N VAL E 59 43.38 -6.20 -13.93
CA VAL E 59 42.53 -5.63 -14.97
C VAL E 59 43.09 -5.97 -16.34
N ARG E 60 44.33 -5.55 -16.61
CA ARG E 60 44.93 -5.81 -17.92
C ARG E 60 44.89 -7.30 -18.25
N SER E 61 45.41 -8.12 -17.35
CA SER E 61 45.42 -9.57 -17.60
C SER E 61 44.02 -10.08 -17.92
N GLN E 62 43.02 -9.58 -17.20
CA GLN E 62 41.65 -10.07 -17.36
C GLN E 62 41.07 -9.61 -18.70
N VAL E 63 41.25 -8.33 -19.03
CA VAL E 63 40.77 -7.82 -20.31
C VAL E 63 41.46 -8.51 -21.48
N GLU E 64 42.78 -8.73 -21.36
CA GLU E 64 43.51 -9.31 -22.48
C GLU E 64 43.03 -10.72 -22.78
N GLU E 65 42.73 -11.48 -21.72
CA GLU E 65 42.22 -12.84 -21.93
C GLU E 65 40.92 -12.83 -22.73
N ILE E 66 40.01 -11.88 -22.47
CA ILE E 66 38.72 -11.85 -23.16
C ILE E 66 38.90 -11.49 -24.63
N ILE E 67 39.61 -10.39 -24.91
CA ILE E 67 39.56 -9.84 -26.25
C ILE E 67 40.58 -10.48 -27.19
N GLY E 68 41.57 -11.18 -26.64
CA GLY E 68 42.47 -11.93 -27.52
C GLY E 68 43.33 -11.05 -28.39
N GLN E 69 43.70 -11.62 -29.54
CA GLN E 69 44.62 -11.02 -30.50
C GLN E 69 44.11 -11.32 -31.89
N GLY E 70 44.53 -10.47 -32.84
CA GLY E 70 43.93 -10.44 -34.16
C GLY E 70 44.74 -11.15 -35.22
N GLN E 71 44.09 -11.34 -36.37
CA GLN E 71 44.71 -12.00 -37.51
C GLN E 71 45.80 -11.14 -38.12
N GLN E 72 45.51 -9.90 -38.43
CA GLN E 72 46.58 -9.06 -38.95
C GLN E 72 46.53 -7.68 -38.35
N ALA E 73 47.70 -7.17 -38.02
CA ALA E 73 47.92 -5.83 -37.54
C ALA E 73 47.37 -4.86 -38.58
N PRO E 74 46.21 -4.26 -38.34
CA PRO E 74 45.69 -3.31 -39.31
C PRO E 74 46.59 -2.09 -39.35
N SER E 75 46.61 -1.41 -40.48
CA SER E 75 47.44 -0.22 -40.61
C SER E 75 46.62 1.01 -40.95
N GLY E 76 47.24 2.17 -40.72
CA GLY E 76 46.55 3.43 -40.81
C GLY E 76 45.73 3.66 -39.56
N HIS E 77 44.65 4.40 -39.74
CA HIS E 77 43.75 4.70 -38.64
C HIS E 77 42.94 3.46 -38.29
N ILE E 78 42.74 3.23 -37.00
CA ILE E 78 41.75 2.26 -36.54
C ILE E 78 40.49 3.05 -36.17
N PRO E 79 39.34 2.73 -36.74
CA PRO E 79 38.12 3.44 -36.33
C PRO E 79 37.76 3.12 -34.89
N PHE E 80 37.33 4.13 -34.15
CA PHE E 80 36.69 3.89 -32.87
C PHE E 80 35.33 3.23 -33.08
N THR E 81 34.96 2.34 -32.16
CA THR E 81 33.62 1.76 -32.19
C THR E 81 32.60 2.77 -31.68
N PRO E 82 31.33 2.60 -32.07
CA PRO E 82 30.27 3.46 -31.49
C PRO E 82 30.28 3.53 -29.98
N ARG E 83 30.25 2.38 -29.31
CA ARG E 83 30.22 2.39 -27.85
C ARG E 83 31.48 2.99 -27.26
N ALA E 84 32.61 2.94 -27.99
CA ALA E 84 33.78 3.65 -27.49
C ALA E 84 33.60 5.15 -27.61
N LYS E 85 33.04 5.63 -28.73
CA LYS E 85 32.76 7.05 -28.84
C LYS E 85 31.83 7.48 -27.72
N LYS E 86 30.88 6.60 -27.37
CA LYS E 86 29.94 6.89 -26.30
C LYS E 86 30.66 7.03 -24.96
N VAL E 87 31.68 6.18 -24.70
CA VAL E 87 32.47 6.29 -23.47
C VAL E 87 32.98 7.73 -23.28
N LEU E 88 33.59 8.31 -24.32
CA LEU E 88 34.18 9.64 -24.13
C LEU E 88 33.08 10.68 -23.89
N GLU E 89 31.95 10.54 -24.56
CA GLU E 89 30.82 11.43 -24.36
C GLU E 89 30.20 11.24 -22.97
N LEU E 90 30.19 10.02 -22.44
CA LEU E 90 29.72 9.88 -21.09
C LEU E 90 30.69 10.48 -20.09
N SER E 91 31.97 10.61 -20.45
CA SER E 91 32.92 11.25 -19.54
C SER E 91 32.61 12.73 -19.40
N LEU E 92 32.16 13.34 -20.49
CA LEU E 92 31.70 14.72 -20.38
C LEU E 92 30.50 14.80 -19.42
N ARG E 93 29.57 13.86 -19.58
CA ARG E 93 28.38 13.86 -18.74
C ARG E 93 28.76 13.65 -17.29
N GLU E 94 29.71 12.73 -17.05
CA GLU E 94 30.13 12.44 -15.69
C GLU E 94 30.88 13.63 -15.10
N ALA E 95 31.71 14.30 -15.89
CA ALA E 95 32.43 15.45 -15.35
C ALA E 95 31.47 16.59 -15.06
N LEU E 96 30.43 16.76 -15.86
CA LEU E 96 29.44 17.80 -15.56
C LEU E 96 28.73 17.50 -14.26
N GLN E 97 28.42 16.22 -14.03
CA GLN E 97 27.74 15.84 -12.82
C GLN E 97 28.48 16.35 -11.59
N LEU E 98 29.80 16.18 -11.57
CA LEU E 98 30.59 16.59 -10.42
C LEU E 98 30.92 18.07 -10.43
N GLY E 99 30.35 18.83 -11.36
CA GLY E 99 30.64 20.26 -11.42
C GLY E 99 32.01 20.66 -11.92
N HIS E 100 32.73 19.78 -12.62
CA HIS E 100 34.00 20.14 -13.24
C HIS E 100 33.81 20.61 -14.68
N ASN E 101 34.70 21.51 -15.12
CA ASN E 101 34.69 22.02 -16.49
C ASN E 101 35.92 21.54 -17.28
N TYR E 102 36.33 20.30 -17.03
CA TYR E 102 37.44 19.68 -17.72
C TYR E 102 37.18 18.17 -17.72
N ILE E 103 37.96 17.42 -18.50
CA ILE E 103 37.79 15.97 -18.60
C ILE E 103 39.14 15.33 -18.31
N GLY E 104 39.29 14.77 -17.10
CA GLY E 104 40.49 14.04 -16.73
C GLY E 104 40.28 12.53 -16.78
N THR E 105 41.37 11.79 -16.53
CA THR E 105 41.27 10.33 -16.66
C THR E 105 40.23 9.74 -15.72
N GLU E 106 39.92 10.44 -14.62
CA GLU E 106 38.88 10.00 -13.72
C GLU E 106 37.52 9.94 -14.44
N HIS E 107 37.20 11.00 -15.21
CA HIS E 107 35.95 11.03 -15.98
C HIS E 107 35.90 9.99 -17.09
N ILE E 108 37.06 9.58 -17.63
CA ILE E 108 37.04 8.47 -18.59
C ILE E 108 36.73 7.15 -17.87
N LEU E 109 37.28 6.98 -16.67
CA LEU E 109 36.94 5.81 -15.88
C LEU E 109 35.46 5.77 -15.53
N LEU E 110 34.89 6.90 -15.10
CA LEU E 110 33.45 6.97 -14.83
C LEU E 110 32.64 6.75 -16.12
N GLY E 111 33.14 7.30 -17.24
CA GLY E 111 32.51 7.04 -18.53
C GLY E 111 32.52 5.57 -18.90
N LEU E 112 33.68 4.92 -18.76
CA LEU E 112 33.81 3.49 -19.04
C LEU E 112 32.82 2.65 -18.22
N ILE E 113 32.71 2.94 -16.92
CA ILE E 113 31.72 2.24 -16.07
C ILE E 113 30.30 2.57 -16.54
N ARG E 114 29.98 3.84 -16.62
CA ARG E 114 28.61 4.22 -16.96
C ARG E 114 28.14 3.72 -18.34
N GLU E 115 29.06 3.47 -19.31
CA GLU E 115 28.64 2.93 -20.61
C GLU E 115 27.92 1.57 -20.48
N GLY E 116 28.09 0.89 -19.34
CA GLY E 116 27.23 -0.21 -18.89
C GLY E 116 27.03 -1.44 -19.77
N GLU E 117 27.76 -1.59 -20.88
CA GLU E 117 27.52 -2.73 -21.76
C GLU E 117 28.77 -3.44 -22.28
N GLY E 118 29.94 -2.79 -22.36
CA GLY E 118 31.07 -3.34 -23.08
C GLY E 118 32.03 -4.12 -22.19
N VAL E 119 33.06 -4.68 -22.84
CA VAL E 119 34.06 -5.44 -22.08
C VAL E 119 34.54 -4.64 -20.89
N ALA E 120 34.96 -3.39 -21.11
CA ALA E 120 35.42 -2.55 -20.01
C ALA E 120 34.43 -2.55 -18.83
N ALA E 121 33.16 -2.22 -19.11
CA ALA E 121 32.19 -2.11 -18.04
C ALA E 121 31.97 -3.46 -17.35
N GLN E 122 32.01 -4.55 -18.12
CA GLN E 122 31.79 -5.87 -17.55
C GLN E 122 32.95 -6.28 -16.64
N VAL E 123 34.18 -5.95 -17.04
CA VAL E 123 35.32 -6.34 -16.23
C VAL E 123 35.35 -5.52 -14.94
N LEU E 124 35.07 -4.22 -15.03
CA LEU E 124 35.11 -3.34 -13.86
C LEU E 124 33.93 -3.57 -12.90
N VAL E 125 32.76 -4.00 -13.38
CA VAL E 125 31.69 -4.33 -12.44
C VAL E 125 32.04 -5.61 -11.69
N LYS E 126 32.50 -6.64 -12.41
CA LYS E 126 32.96 -7.85 -11.74
C LYS E 126 34.06 -7.51 -10.75
N LEU E 127 34.84 -6.46 -10.99
CA LEU E 127 35.83 -6.11 -9.99
C LEU E 127 35.28 -5.22 -8.90
N GLY E 128 33.96 -5.04 -8.82
CA GLY E 128 33.39 -4.14 -7.83
C GLY E 128 33.68 -2.69 -8.10
N ALA E 129 33.96 -2.30 -9.34
CA ALA E 129 34.20 -0.90 -9.68
C ALA E 129 32.86 -0.23 -10.02
N GLU E 130 31.94 -0.31 -9.06
CA GLU E 130 30.58 0.15 -9.23
C GLU E 130 30.50 1.67 -9.37
N LEU E 131 29.47 2.13 -10.11
CA LEU E 131 29.42 3.52 -10.58
C LEU E 131 29.48 4.51 -9.42
N THR E 132 28.45 4.53 -8.56
CA THR E 132 28.45 5.53 -7.50
C THR E 132 29.52 5.25 -6.44
N ARG E 133 29.95 3.99 -6.26
CA ARG E 133 31.15 3.76 -5.47
C ARG E 133 32.32 4.60 -6.02
N VAL E 134 32.63 4.44 -7.31
CA VAL E 134 33.77 5.10 -7.92
C VAL E 134 33.58 6.61 -7.94
N ARG E 135 32.34 7.09 -8.08
CA ARG E 135 32.13 8.52 -8.03
C ARG E 135 32.62 9.07 -6.70
N GLN E 136 32.16 8.46 -5.59
CA GLN E 136 32.58 8.89 -4.26
C GLN E 136 34.10 8.86 -4.10
N GLN E 137 34.76 7.82 -4.59
CA GLN E 137 36.20 7.78 -4.42
C GLN E 137 36.89 8.83 -5.28
N VAL E 138 36.40 9.04 -6.50
CA VAL E 138 36.95 10.10 -7.31
C VAL E 138 36.78 11.44 -6.61
N ILE E 139 35.55 11.73 -6.18
CA ILE E 139 35.31 12.97 -5.46
C ILE E 139 36.32 13.12 -4.33
N GLN E 140 36.55 12.04 -3.58
CA GLN E 140 37.36 12.15 -2.37
C GLN E 140 38.83 12.34 -2.71
N LEU E 141 39.34 11.64 -3.72
CA LEU E 141 40.73 11.85 -4.13
C LEU E 141 40.95 13.30 -4.57
N LEU E 142 39.93 13.91 -5.20
CA LEU E 142 40.08 15.32 -5.60
C LEU E 142 39.93 16.27 -4.43
N SER E 143 39.37 15.76 -3.34
CA SER E 143 39.14 16.61 -2.16
C SER E 143 40.47 17.23 -1.70
N GLY E 144 40.43 18.49 -1.29
CA GLY E 144 41.58 19.20 -0.76
C GLY E 144 42.07 18.49 0.48
N TYR E 145 43.22 18.91 1.00
CA TYR E 145 43.62 18.41 2.31
C TYR E 145 43.06 19.30 3.41
N LYS E 146 42.84 18.71 4.58
CA LYS E 146 42.03 19.40 5.59
C LYS E 146 42.85 20.20 6.61
N LEU E 147 44.15 19.95 6.74
CA LEU E 147 44.97 20.87 7.53
C LEU E 147 46.21 21.24 6.73
N MET F 1 15.31 -4.60 -33.82
CA MET F 1 14.37 -3.63 -34.33
C MET F 1 12.96 -4.06 -33.93
N PHE F 2 12.02 -3.13 -33.83
CA PHE F 2 10.60 -3.43 -33.60
C PHE F 2 10.32 -4.04 -32.23
N GLU F 3 11.06 -3.67 -31.19
CA GLU F 3 10.71 -4.11 -29.84
C GLU F 3 9.45 -3.38 -29.38
N ARG F 4 8.56 -4.12 -28.72
CA ARG F 4 7.27 -3.61 -28.28
C ARG F 4 7.25 -3.37 -26.76
N PHE F 5 6.77 -2.20 -26.36
CA PHE F 5 6.43 -1.96 -24.96
C PHE F 5 5.20 -2.78 -24.59
N THR F 6 5.19 -3.29 -23.35
CA THR F 6 4.07 -4.07 -22.88
C THR F 6 2.91 -3.16 -22.49
N ASP F 7 1.72 -3.75 -22.39
CA ASP F 7 0.55 -2.99 -22.00
C ASP F 7 0.74 -2.35 -20.64
N ARG F 8 1.38 -3.06 -19.71
CA ARG F 8 1.68 -2.42 -18.43
C ARG F 8 2.80 -1.40 -18.58
N ALA F 9 3.78 -1.66 -19.47
CA ALA F 9 4.87 -0.72 -19.66
C ALA F 9 4.36 0.58 -20.26
N ARG F 10 3.54 0.51 -21.31
CA ARG F 10 2.97 1.76 -21.81
C ARG F 10 2.07 2.41 -20.77
N ARG F 11 1.43 1.64 -19.91
CA ARG F 11 0.53 2.30 -18.98
C ARG F 11 1.33 3.16 -18.01
N VAL F 12 2.58 2.79 -17.76
CA VAL F 12 3.48 3.53 -16.88
C VAL F 12 3.84 4.87 -17.50
N VAL F 13 3.92 4.94 -18.85
CA VAL F 13 4.23 6.21 -19.51
C VAL F 13 3.03 7.14 -19.42
N VAL F 14 1.84 6.64 -19.78
CA VAL F 14 0.60 7.41 -19.61
C VAL F 14 0.46 7.95 -18.18
N LEU F 15 0.58 7.07 -17.19
CA LEU F 15 0.47 7.52 -15.80
C LEU F 15 1.48 8.61 -15.49
N ALA F 16 2.64 8.58 -16.13
CA ALA F 16 3.65 9.61 -15.88
C ALA F 16 3.12 10.98 -16.26
N GLN F 17 2.39 11.07 -17.38
CA GLN F 17 1.79 12.35 -17.72
C GLN F 17 0.79 12.78 -16.64
N GLU F 18 0.07 11.81 -16.07
CA GLU F 18 -0.95 12.16 -15.08
C GLU F 18 -0.32 12.57 -13.76
N GLU F 19 0.73 11.86 -13.34
CA GLU F 19 1.48 12.25 -12.16
C GLU F 19 1.92 13.72 -12.21
N ALA F 20 2.45 14.14 -13.37
CA ALA F 20 2.94 15.52 -13.44
C ALA F 20 1.80 16.52 -13.51
N ARG F 21 0.64 16.11 -14.05
CA ARG F 21 -0.50 17.03 -14.05
C ARG F 21 -1.03 17.25 -12.64
N MET F 22 -1.04 16.19 -11.82
CA MET F 22 -1.58 16.32 -10.48
C MET F 22 -0.70 17.19 -9.59
N LEU F 23 0.62 17.12 -9.77
CA LEU F 23 1.54 18.02 -9.09
C LEU F 23 1.63 19.37 -9.77
N ASN F 24 0.88 19.53 -10.88
CA ASN F 24 0.80 20.79 -11.62
C ASN F 24 2.15 21.16 -12.25
N HIS F 25 2.83 20.17 -12.80
CA HIS F 25 4.15 20.40 -13.39
C HIS F 25 4.02 20.60 -14.90
N ASN F 26 4.74 21.61 -15.42
CA ASN F 26 4.74 21.87 -16.86
C ASN F 26 5.77 21.01 -17.60
N TYR F 27 6.07 19.82 -17.10
CA TYR F 27 7.03 18.92 -17.71
C TYR F 27 6.82 17.55 -17.12
N ILE F 28 7.16 16.52 -17.92
CA ILE F 28 7.28 15.14 -17.46
C ILE F 28 8.76 14.79 -17.39
N GLY F 29 9.28 14.59 -16.18
CA GLY F 29 10.67 14.27 -15.96
C GLY F 29 10.89 12.81 -15.59
N THR F 30 12.17 12.45 -15.39
CA THR F 30 12.48 11.11 -14.92
C THR F 30 11.68 10.80 -13.65
N GLU F 31 11.60 11.76 -12.74
CA GLU F 31 10.91 11.56 -11.47
C GLU F 31 9.44 11.20 -11.69
N HIS F 32 8.80 11.75 -12.72
CA HIS F 32 7.41 11.42 -13.02
C HIS F 32 7.28 10.01 -13.59
N ILE F 33 8.23 9.57 -14.42
CA ILE F 33 8.20 8.19 -14.91
C ILE F 33 8.36 7.20 -13.75
N LEU F 34 9.25 7.51 -12.81
CA LEU F 34 9.38 6.65 -11.64
C LEU F 34 8.09 6.67 -10.80
N LEU F 35 7.46 7.84 -10.67
CA LEU F 35 6.19 7.93 -9.95
C LEU F 35 5.11 7.05 -10.59
N GLY F 36 5.02 7.09 -11.93
CA GLY F 36 4.11 6.21 -12.63
C GLY F 36 4.47 4.74 -12.43
N LEU F 37 5.76 4.42 -12.30
CA LEU F 37 6.18 3.02 -12.23
C LEU F 37 5.72 2.37 -10.94
N ILE F 38 5.79 3.12 -9.84
CA ILE F 38 5.29 2.62 -8.57
C ILE F 38 3.78 2.82 -8.46
N HIS F 39 3.24 3.87 -9.08
CA HIS F 39 1.78 3.98 -9.16
C HIS F 39 1.19 2.73 -9.83
N GLU F 40 1.75 2.32 -10.98
CA GLU F 40 1.46 1.02 -11.56
C GLU F 40 1.51 -0.03 -10.44
N GLY F 41 2.70 -0.55 -10.18
CA GLY F 41 3.02 -1.03 -8.85
C GLY F 41 2.72 -2.47 -8.50
N GLU F 42 2.55 -3.36 -9.49
CA GLU F 42 2.67 -4.78 -9.19
C GLU F 42 3.22 -5.56 -10.37
N GLY F 43 4.03 -4.92 -11.21
CA GLY F 43 4.82 -5.61 -12.20
C GLY F 43 6.13 -6.12 -11.63
N VAL F 44 7.02 -6.52 -12.55
CA VAL F 44 8.32 -7.05 -12.14
C VAL F 44 9.22 -5.94 -11.57
N ALA F 45 9.04 -4.70 -12.02
CA ALA F 45 9.78 -3.61 -11.40
C ALA F 45 9.38 -3.44 -9.94
N ALA F 46 8.06 -3.38 -9.67
CA ALA F 46 7.60 -3.28 -8.29
C ALA F 46 8.02 -4.50 -7.48
N LYS F 47 7.73 -5.69 -7.99
CA LYS F 47 8.23 -6.92 -7.38
C LYS F 47 9.71 -6.80 -7.06
N SER F 48 10.50 -6.22 -7.96
CA SER F 48 11.96 -6.22 -7.80
C SER F 48 12.39 -5.26 -6.71
N LEU F 49 11.85 -4.04 -6.71
CA LEU F 49 12.19 -3.11 -5.66
C LEU F 49 11.84 -3.70 -4.30
N GLU F 50 10.60 -4.18 -4.17
CA GLU F 50 10.15 -4.72 -2.88
C GLU F 50 11.00 -5.92 -2.47
N SER F 51 11.36 -6.78 -3.40
CA SER F 51 12.19 -7.89 -3.04
C SER F 51 13.54 -7.44 -2.50
N LEU F 52 13.95 -6.20 -2.77
CA LEU F 52 15.21 -5.64 -2.25
C LEU F 52 15.03 -4.82 -0.97
N GLY F 53 13.85 -4.92 -0.33
CA GLY F 53 13.57 -4.15 0.87
C GLY F 53 13.11 -2.72 0.65
N ILE F 54 13.07 -2.25 -0.61
CA ILE F 54 12.71 -0.86 -0.89
C ILE F 54 11.19 -0.74 -0.88
N SER F 55 10.71 0.33 -0.26
CA SER F 55 9.28 0.57 -0.09
C SER F 55 8.80 1.56 -1.16
N LEU F 56 7.99 1.08 -2.11
CA LEU F 56 7.39 1.94 -3.13
C LEU F 56 6.85 3.23 -2.53
N GLU F 57 6.09 3.10 -1.44
CA GLU F 57 5.54 4.27 -0.76
C GLU F 57 6.64 5.21 -0.31
N GLY F 58 7.76 4.65 0.17
CA GLY F 58 8.93 5.47 0.46
C GLY F 58 9.44 6.18 -0.78
N VAL F 59 9.64 5.43 -1.89
CA VAL F 59 10.05 6.08 -3.12
C VAL F 59 9.14 7.24 -3.43
N ARG F 60 7.82 6.99 -3.46
CA ARG F 60 6.89 8.10 -3.74
C ARG F 60 7.11 9.21 -2.73
N SER F 61 7.16 8.84 -1.45
CA SER F 61 7.50 9.77 -0.38
C SER F 61 8.71 10.62 -0.75
N GLN F 62 9.86 9.98 -0.91
CA GLN F 62 11.09 10.73 -1.14
C GLN F 62 10.99 11.55 -2.42
N VAL F 63 10.42 10.98 -3.48
CA VAL F 63 10.33 11.69 -4.76
C VAL F 63 9.55 12.99 -4.60
N GLU F 64 8.37 12.91 -3.97
CA GLU F 64 7.51 14.09 -3.95
C GLU F 64 8.06 15.16 -3.02
N GLU F 65 8.79 14.78 -1.98
CA GLU F 65 9.47 15.77 -1.19
C GLU F 65 10.34 16.65 -2.06
N ILE F 66 11.16 16.02 -2.90
CA ILE F 66 12.15 16.76 -3.70
C ILE F 66 11.47 17.69 -4.69
N ILE F 67 10.41 17.22 -5.37
CA ILE F 67 9.97 17.85 -6.61
C ILE F 67 8.78 18.78 -6.42
N GLY F 68 8.25 18.89 -5.20
CA GLY F 68 7.23 19.88 -4.90
C GLY F 68 6.03 19.84 -5.83
N GLN F 69 5.37 21.00 -5.96
CA GLN F 69 4.19 21.16 -6.79
C GLN F 69 4.25 22.52 -7.47
N GLY F 70 3.74 22.57 -8.70
CA GLY F 70 3.85 23.78 -9.49
C GLY F 70 2.65 24.70 -9.34
N GLN F 71 2.81 25.92 -9.84
CA GLN F 71 1.70 26.86 -9.95
C GLN F 71 0.55 26.44 -10.85
N GLN F 72 0.81 26.37 -12.14
CA GLN F 72 -0.27 26.14 -13.08
C GLN F 72 -0.22 24.76 -13.72
N ALA F 73 -1.36 24.09 -13.76
CA ALA F 73 -1.49 22.82 -14.44
C ALA F 73 -1.89 23.07 -15.89
N PRO F 74 -0.93 23.15 -16.81
CA PRO F 74 -1.27 23.29 -18.22
C PRO F 74 -2.12 22.14 -18.69
N SER F 75 -2.71 22.34 -19.86
CA SER F 75 -3.75 21.47 -20.36
C SER F 75 -3.22 20.64 -21.53
N GLY F 76 -3.86 19.49 -21.73
CA GLY F 76 -3.43 18.64 -22.83
C GLY F 76 -2.06 18.06 -22.56
N HIS F 77 -1.22 18.07 -23.59
CA HIS F 77 0.05 17.37 -23.51
C HIS F 77 1.08 18.17 -22.70
N ILE F 78 1.79 17.46 -21.84
CA ILE F 78 2.93 18.00 -21.11
C ILE F 78 4.22 17.46 -21.80
N PRO F 79 5.13 18.36 -22.20
CA PRO F 79 6.34 17.83 -22.88
C PRO F 79 7.14 16.92 -21.96
N PHE F 80 7.56 15.79 -22.52
CA PHE F 80 8.64 14.98 -21.95
C PHE F 80 9.97 15.72 -22.04
N THR F 81 10.71 15.73 -20.91
CA THR F 81 12.06 16.27 -20.91
C THR F 81 13.00 15.37 -21.72
N PRO F 82 14.11 15.92 -22.23
CA PRO F 82 15.09 15.08 -22.96
C PRO F 82 15.61 13.90 -22.16
N ARG F 83 15.84 14.08 -20.85
CA ARG F 83 16.36 12.93 -20.11
C ARG F 83 15.27 11.92 -19.82
N ALA F 84 14.02 12.36 -19.73
CA ALA F 84 12.94 11.40 -19.59
C ALA F 84 12.80 10.57 -20.86
N LYS F 85 12.90 11.20 -22.03
CA LYS F 85 12.98 10.42 -23.26
C LYS F 85 14.15 9.45 -23.24
N LYS F 86 15.31 9.88 -22.72
CA LYS F 86 16.48 9.01 -22.66
C LYS F 86 16.21 7.77 -21.80
N VAL F 87 15.49 7.94 -20.67
CA VAL F 87 15.09 6.79 -19.83
C VAL F 87 14.54 5.67 -20.71
N LEU F 88 13.58 6.03 -21.58
CA LEU F 88 12.91 5.00 -22.38
C LEU F 88 13.84 4.43 -23.44
N GLU F 89 14.73 5.27 -24.00
CA GLU F 89 15.78 4.72 -24.85
C GLU F 89 16.66 3.74 -24.07
N LEU F 90 17.17 4.18 -22.92
CA LEU F 90 17.89 3.28 -22.05
C LEU F 90 17.07 2.04 -21.68
N SER F 91 15.74 2.10 -21.81
CA SER F 91 14.93 0.92 -21.50
C SER F 91 15.13 -0.15 -22.57
N LEU F 92 14.96 0.23 -23.83
CA LEU F 92 15.31 -0.66 -24.93
C LEU F 92 16.71 -1.25 -24.72
N ARG F 93 17.68 -0.41 -24.35
CA ARG F 93 19.05 -0.88 -24.27
C ARG F 93 19.18 -1.94 -23.19
N GLU F 94 18.71 -1.63 -22.00
CA GLU F 94 18.65 -2.63 -20.96
C GLU F 94 17.99 -3.90 -21.47
N ALA F 95 16.81 -3.79 -22.09
CA ALA F 95 16.12 -5.00 -22.54
C ALA F 95 17.03 -5.87 -23.37
N LEU F 96 17.69 -5.27 -24.38
CA LEU F 96 18.52 -6.04 -25.30
C LEU F 96 19.71 -6.67 -24.59
N GLN F 97 20.29 -5.96 -23.62
CA GLN F 97 21.34 -6.58 -22.79
C GLN F 97 20.88 -7.90 -22.19
N LEU F 98 19.71 -7.91 -21.54
CA LEU F 98 19.13 -9.16 -21.04
C LEU F 98 18.67 -10.09 -22.15
N GLY F 99 18.77 -9.67 -23.40
CA GLY F 99 18.38 -10.53 -24.49
C GLY F 99 16.90 -10.70 -24.69
N HIS F 100 16.10 -9.75 -24.20
CA HIS F 100 14.67 -9.73 -24.44
C HIS F 100 14.32 -8.91 -25.68
N ASN F 101 13.21 -9.25 -26.33
CA ASN F 101 12.75 -8.49 -27.49
C ASN F 101 11.43 -7.77 -27.18
N TYR F 102 11.23 -7.41 -25.92
CA TYR F 102 10.09 -6.60 -25.49
C TYR F 102 10.57 -5.61 -24.43
N ILE F 103 9.76 -4.59 -24.19
CA ILE F 103 10.02 -3.62 -23.13
C ILE F 103 8.90 -3.72 -22.11
N GLY F 104 9.25 -4.01 -20.85
CA GLY F 104 8.27 -4.01 -19.79
C GLY F 104 8.68 -3.12 -18.63
N THR F 105 8.00 -3.25 -17.46
CA THR F 105 8.28 -2.28 -16.40
C THR F 105 9.67 -2.45 -15.82
N GLU F 106 10.14 -3.69 -15.68
CA GLU F 106 11.49 -3.89 -15.13
C GLU F 106 12.52 -3.12 -15.95
N HIS F 107 12.36 -3.10 -17.29
CA HIS F 107 13.32 -2.39 -18.15
C HIS F 107 13.27 -0.89 -17.94
N ILE F 108 12.07 -0.35 -17.75
CA ILE F 108 11.94 1.05 -17.36
C ILE F 108 12.71 1.30 -16.07
N LEU F 109 12.65 0.35 -15.14
CA LEU F 109 13.36 0.47 -13.87
C LEU F 109 14.86 0.48 -14.10
N LEU F 110 15.34 -0.43 -14.95
CA LEU F 110 16.76 -0.47 -15.23
C LEU F 110 17.20 0.82 -15.93
N GLY F 111 16.34 1.34 -16.82
CA GLY F 111 16.65 2.57 -17.53
C GLY F 111 16.68 3.80 -16.65
N LEU F 112 15.81 3.86 -15.63
CA LEU F 112 15.79 5.01 -14.72
C LEU F 112 17.07 5.06 -13.92
N ILE F 113 17.50 3.92 -13.39
CA ILE F 113 18.80 3.83 -12.73
C ILE F 113 19.91 4.10 -13.73
N ARG F 114 19.83 3.52 -14.92
CA ARG F 114 20.92 3.67 -15.88
C ARG F 114 21.08 5.10 -16.37
N GLU F 115 20.01 5.88 -16.46
CA GLU F 115 20.11 7.27 -16.92
C GLU F 115 21.06 8.11 -16.02
N GLY F 116 21.20 7.71 -14.75
CA GLY F 116 22.33 8.04 -13.88
C GLY F 116 22.47 9.48 -13.42
N GLU F 117 21.44 10.33 -13.52
CA GLU F 117 21.61 11.77 -13.33
C GLU F 117 20.33 12.47 -12.90
N GLY F 118 19.17 11.93 -13.30
CA GLY F 118 17.91 12.55 -12.94
C GLY F 118 17.47 12.27 -11.49
N VAL F 119 16.36 12.91 -11.12
CA VAL F 119 15.82 12.72 -9.78
C VAL F 119 15.50 11.26 -9.52
N ALA F 120 14.97 10.55 -10.51
CA ALA F 120 14.71 9.13 -10.31
C ALA F 120 15.99 8.37 -9.98
N ALA F 121 17.07 8.63 -10.73
CA ALA F 121 18.30 7.88 -10.50
C ALA F 121 18.88 8.19 -9.12
N GLN F 122 18.87 9.46 -8.71
CA GLN F 122 19.45 9.81 -7.42
C GLN F 122 18.69 9.12 -6.28
N VAL F 123 17.34 9.19 -6.32
CA VAL F 123 16.53 8.60 -5.26
C VAL F 123 16.77 7.09 -5.20
N LEU F 124 16.79 6.43 -6.37
CA LEU F 124 16.87 4.98 -6.39
C LEU F 124 18.22 4.49 -5.84
N VAL F 125 19.33 5.06 -6.30
CA VAL F 125 20.63 4.55 -5.82
C VAL F 125 20.86 4.95 -4.38
N LYS F 126 20.28 6.06 -3.91
CA LYS F 126 20.37 6.33 -2.49
C LYS F 126 19.55 5.35 -1.65
N LEU F 127 18.56 4.68 -2.24
CA LEU F 127 17.87 3.58 -1.56
C LEU F 127 18.55 2.24 -1.75
N GLY F 128 19.77 2.20 -2.30
CA GLY F 128 20.45 0.93 -2.56
C GLY F 128 20.12 0.24 -3.88
N ALA F 129 19.29 0.85 -4.74
CA ALA F 129 18.90 0.23 -6.01
C ALA F 129 19.99 0.46 -7.07
N GLU F 130 21.16 -0.15 -6.80
CA GLU F 130 22.29 -0.06 -7.71
C GLU F 130 22.07 -0.92 -8.95
N LEU F 131 22.65 -0.48 -10.08
CA LEU F 131 22.26 -1.05 -11.37
C LEU F 131 22.55 -2.54 -11.44
N THR F 132 23.74 -2.98 -11.02
CA THR F 132 24.02 -4.41 -11.09
C THR F 132 23.13 -5.20 -10.14
N ARG F 133 22.85 -4.67 -8.95
CA ARG F 133 21.92 -5.36 -8.07
C ARG F 133 20.57 -5.55 -8.73
N VAL F 134 19.97 -4.46 -9.24
CA VAL F 134 18.61 -4.55 -9.76
C VAL F 134 18.57 -5.45 -10.99
N ARG F 135 19.61 -5.41 -11.82
CA ARG F 135 19.63 -6.28 -12.99
C ARG F 135 19.44 -7.74 -12.60
N GLN F 136 20.19 -8.22 -11.59
CA GLN F 136 20.10 -9.62 -11.19
C GLN F 136 18.83 -9.95 -10.44
N GLN F 137 18.27 -8.98 -9.73
CA GLN F 137 16.93 -9.15 -9.19
C GLN F 137 15.94 -9.37 -10.32
N VAL F 138 15.91 -8.46 -11.28
CA VAL F 138 15.09 -8.66 -12.48
C VAL F 138 15.34 -10.04 -13.05
N ILE F 139 16.60 -10.37 -13.28
CA ILE F 139 16.95 -11.66 -13.85
C ILE F 139 16.34 -12.79 -13.02
N GLN F 140 16.44 -12.69 -11.69
CA GLN F 140 15.94 -13.76 -10.83
C GLN F 140 14.44 -13.94 -11.00
N LEU F 141 13.69 -12.83 -11.04
CA LEU F 141 12.23 -12.90 -11.12
C LEU F 141 11.76 -13.36 -12.49
N LEU F 142 12.56 -13.14 -13.55
CA LEU F 142 12.21 -13.65 -14.87
C LEU F 142 12.73 -15.06 -15.07
N SER F 143 13.58 -15.54 -14.16
CA SER F 143 14.05 -16.91 -14.18
C SER F 143 12.87 -17.87 -14.19
N GLY F 144 12.90 -18.83 -15.11
CA GLY F 144 11.79 -19.75 -15.20
C GLY F 144 11.78 -20.81 -14.10
N TYR F 145 11.38 -22.01 -14.45
CA TYR F 145 11.43 -23.12 -13.52
C TYR F 145 11.92 -24.34 -14.26
N LYS F 146 12.70 -25.17 -13.57
CA LYS F 146 13.20 -26.42 -14.13
C LYS F 146 12.26 -27.57 -13.82
N LEU F 147 12.60 -28.76 -14.29
CA LEU F 147 11.67 -29.88 -14.22
C LEU F 147 12.36 -31.23 -14.25
N MET G 1 -28.11 0.67 -36.57
CA MET G 1 -27.90 -0.25 -37.68
C MET G 1 -26.39 -0.45 -38.00
N PHE G 2 -26.04 -1.65 -38.46
CA PHE G 2 -24.74 -1.96 -39.08
C PHE G 2 -23.57 -1.79 -38.11
N GLU G 3 -23.82 -1.96 -36.82
CA GLU G 3 -22.72 -1.95 -35.84
C GLU G 3 -21.84 -3.19 -36.05
N ARG G 4 -20.46 -2.97 -36.10
CA ARG G 4 -19.51 -4.06 -36.43
C ARG G 4 -18.74 -4.55 -35.20
N PHE G 5 -18.77 -5.85 -35.02
CA PHE G 5 -17.93 -6.40 -33.97
C PHE G 5 -16.47 -6.16 -34.33
N THR G 6 -15.67 -5.73 -33.34
CA THR G 6 -14.23 -5.59 -33.54
C THR G 6 -13.57 -6.95 -33.70
N ASP G 7 -12.39 -6.94 -34.34
CA ASP G 7 -11.65 -8.19 -34.57
C ASP G 7 -11.35 -8.92 -33.26
N ARG G 8 -11.07 -8.16 -32.19
CA ARG G 8 -10.84 -8.76 -30.89
C ARG G 8 -12.09 -9.47 -30.38
N ALA G 9 -13.21 -8.73 -30.34
CA ALA G 9 -14.51 -9.30 -29.93
C ALA G 9 -14.87 -10.55 -30.72
N ARG G 10 -14.46 -10.63 -32.01
CA ARG G 10 -14.77 -11.83 -32.77
C ARG G 10 -13.92 -13.00 -32.31
N ARG G 11 -12.71 -12.74 -31.83
CA ARG G 11 -11.91 -13.84 -31.31
C ARG G 11 -12.53 -14.37 -30.03
N VAL G 12 -13.04 -13.47 -29.20
CA VAL G 12 -13.75 -13.88 -27.99
C VAL G 12 -14.85 -14.89 -28.33
N VAL G 13 -15.61 -14.64 -29.41
CA VAL G 13 -16.69 -15.55 -29.75
C VAL G 13 -16.14 -16.84 -30.40
N VAL G 14 -15.15 -16.72 -31.29
CA VAL G 14 -14.47 -17.93 -31.78
C VAL G 14 -13.83 -18.70 -30.62
N LEU G 15 -13.08 -18.00 -29.78
CA LEU G 15 -12.52 -18.63 -28.60
C LEU G 15 -13.60 -19.38 -27.80
N ALA G 16 -14.79 -18.77 -27.69
CA ALA G 16 -15.82 -19.33 -26.84
C ALA G 16 -16.15 -20.78 -27.22
N GLN G 17 -16.24 -21.06 -28.53
CA GLN G 17 -16.54 -22.42 -28.96
C GLN G 17 -15.42 -23.38 -28.54
N GLU G 18 -14.17 -22.92 -28.61
CA GLU G 18 -13.04 -23.79 -28.34
C GLU G 18 -13.01 -24.18 -26.86
N GLU G 19 -13.19 -23.20 -25.97
CA GLU G 19 -13.26 -23.52 -24.53
C GLU G 19 -14.24 -24.66 -24.28
N ALA G 20 -15.41 -24.61 -24.94
CA ALA G 20 -16.40 -25.68 -24.82
C ALA G 20 -15.88 -26.99 -25.39
N ARG G 21 -15.24 -26.95 -26.57
CA ARG G 21 -14.65 -28.17 -27.12
C ARG G 21 -13.60 -28.72 -26.16
N MET G 22 -12.75 -27.84 -25.63
CA MET G 22 -11.76 -28.25 -24.63
C MET G 22 -12.44 -29.02 -23.50
N LEU G 23 -13.52 -28.46 -22.96
CA LEU G 23 -14.22 -29.05 -21.82
C LEU G 23 -15.17 -30.15 -22.22
N ASN G 24 -15.20 -30.55 -23.50
CA ASN G 24 -16.05 -31.64 -23.95
C ASN G 24 -17.53 -31.33 -23.72
N HIS G 25 -17.89 -30.07 -23.92
CA HIS G 25 -19.28 -29.64 -23.80
C HIS G 25 -19.97 -29.67 -25.17
N ASN G 26 -21.30 -29.76 -25.14
CA ASN G 26 -22.12 -29.78 -26.35
C ASN G 26 -22.95 -28.50 -26.49
N TYR G 27 -22.60 -27.47 -25.74
CA TYR G 27 -23.28 -26.18 -25.79
C TYR G 27 -22.22 -25.10 -25.62
N ILE G 28 -22.47 -23.92 -26.16
CA ILE G 28 -21.72 -22.72 -25.83
C ILE G 28 -22.66 -21.81 -25.05
N GLY G 29 -22.45 -21.74 -23.73
CA GLY G 29 -23.27 -20.94 -22.85
C GLY G 29 -22.58 -19.62 -22.48
N THR G 30 -23.24 -18.85 -21.61
CA THR G 30 -22.68 -17.57 -21.20
C THR G 30 -21.32 -17.74 -20.57
N GLU G 31 -21.03 -18.91 -20.00
CA GLU G 31 -19.79 -19.11 -19.26
C GLU G 31 -18.61 -19.33 -20.22
N HIS G 32 -18.83 -20.06 -21.30
CA HIS G 32 -17.82 -20.17 -22.35
C HIS G 32 -17.49 -18.81 -23.00
N ILE G 33 -18.46 -17.90 -23.09
CA ILE G 33 -18.14 -16.57 -23.59
C ILE G 33 -17.26 -15.82 -22.59
N LEU G 34 -17.50 -16.01 -21.29
CA LEU G 34 -16.65 -15.40 -20.28
C LEU G 34 -15.23 -15.99 -20.33
N LEU G 35 -15.12 -17.31 -20.53
CA LEU G 35 -13.80 -17.92 -20.70
C LEU G 35 -13.10 -17.35 -21.93
N GLY G 36 -13.79 -17.34 -23.08
CA GLY G 36 -13.26 -16.66 -24.24
C GLY G 36 -12.82 -15.24 -23.93
N LEU G 37 -13.56 -14.56 -23.05
CA LEU G 37 -13.21 -13.18 -22.75
C LEU G 37 -11.83 -13.11 -22.10
N ILE G 38 -11.52 -14.07 -21.24
CA ILE G 38 -10.27 -14.04 -20.48
C ILE G 38 -9.20 -14.91 -21.15
N HIS G 39 -9.59 -15.89 -21.97
CA HIS G 39 -8.65 -16.52 -22.89
C HIS G 39 -8.00 -15.46 -23.76
N GLU G 40 -8.82 -14.60 -24.38
CA GLU G 40 -8.32 -13.45 -25.10
C GLU G 40 -7.43 -12.58 -24.22
N GLY G 41 -7.97 -12.12 -23.10
CA GLY G 41 -7.17 -11.51 -22.06
C GLY G 41 -6.53 -10.17 -22.38
N GLU G 42 -7.06 -9.42 -23.35
CA GLU G 42 -6.35 -8.23 -23.81
C GLU G 42 -7.20 -6.95 -23.89
N GLY G 43 -8.50 -7.09 -24.16
CA GLY G 43 -9.29 -5.93 -24.51
C GLY G 43 -9.55 -4.94 -23.38
N VAL G 44 -10.45 -3.99 -23.66
CA VAL G 44 -10.95 -3.12 -22.60
C VAL G 44 -11.72 -3.90 -21.54
N ALA G 45 -12.31 -5.03 -21.92
CA ALA G 45 -13.04 -5.85 -20.93
C ALA G 45 -12.10 -6.36 -19.85
N ALA G 46 -11.03 -7.07 -20.26
CA ALA G 46 -10.10 -7.60 -19.27
C ALA G 46 -9.45 -6.47 -18.46
N LYS G 47 -9.10 -5.38 -19.11
CA LYS G 47 -8.51 -4.29 -18.36
C LYS G 47 -9.49 -3.79 -17.32
N SER G 48 -10.78 -3.68 -17.70
CA SER G 48 -11.77 -3.12 -16.80
C SER G 48 -12.00 -4.01 -15.58
N LEU G 49 -11.86 -5.34 -15.73
CA LEU G 49 -11.94 -6.25 -14.60
C LEU G 49 -10.78 -6.05 -13.64
N GLU G 50 -9.56 -5.99 -14.18
CA GLU G 50 -8.37 -5.88 -13.33
C GLU G 50 -8.30 -4.52 -12.63
N SER G 51 -8.69 -3.43 -13.32
CA SER G 51 -8.85 -2.14 -12.66
C SER G 51 -9.76 -2.23 -11.45
N LEU G 52 -10.54 -3.31 -11.33
CA LEU G 52 -11.50 -3.46 -10.24
C LEU G 52 -11.04 -4.48 -9.21
N GLY G 53 -9.81 -4.95 -9.29
CA GLY G 53 -9.29 -5.87 -8.30
C GLY G 53 -9.50 -7.33 -8.59
N ILE G 54 -10.08 -7.67 -9.74
CA ILE G 54 -10.54 -9.02 -10.02
C ILE G 54 -9.44 -9.77 -10.74
N SER G 55 -9.01 -10.89 -10.19
CA SER G 55 -7.95 -11.64 -10.83
C SER G 55 -8.52 -12.54 -11.92
N LEU G 56 -7.93 -12.46 -13.13
CA LEU G 56 -8.56 -13.07 -14.30
C LEU G 56 -8.44 -14.58 -14.27
N GLU G 57 -7.42 -15.12 -13.61
CA GLU G 57 -7.40 -16.58 -13.45
C GLU G 57 -8.35 -17.01 -12.34
N GLY G 58 -8.60 -16.13 -11.37
CA GLY G 58 -9.64 -16.42 -10.39
C GLY G 58 -10.98 -16.66 -11.06
N VAL G 59 -11.36 -15.76 -11.97
CA VAL G 59 -12.58 -15.92 -12.78
C VAL G 59 -12.60 -17.28 -13.46
N ARG G 60 -11.46 -17.71 -14.03
CA ARG G 60 -11.46 -18.94 -14.80
C ARG G 60 -11.52 -20.14 -13.89
N SER G 61 -10.98 -20.02 -12.68
CA SER G 61 -11.10 -21.10 -11.71
C SER G 61 -12.54 -21.29 -11.24
N GLN G 62 -13.22 -20.20 -10.89
CA GLN G 62 -14.58 -20.33 -10.40
C GLN G 62 -15.52 -20.81 -11.51
N VAL G 63 -15.43 -20.20 -12.69
CA VAL G 63 -16.25 -20.66 -13.79
C VAL G 63 -16.01 -22.16 -14.04
N GLU G 64 -14.74 -22.54 -14.22
CA GLU G 64 -14.43 -23.93 -14.55
C GLU G 64 -14.89 -24.87 -13.44
N GLU G 65 -14.77 -24.45 -12.18
CA GLU G 65 -15.25 -25.28 -11.07
C GLU G 65 -16.76 -25.48 -11.11
N ILE G 66 -17.51 -24.44 -11.50
CA ILE G 66 -18.96 -24.56 -11.52
C ILE G 66 -19.43 -25.53 -12.62
N ILE G 67 -18.79 -25.49 -13.79
CA ILE G 67 -19.45 -26.10 -14.96
C ILE G 67 -18.95 -27.51 -15.25
N GLY G 68 -17.72 -27.84 -14.88
CA GLY G 68 -17.24 -29.22 -14.97
C GLY G 68 -16.56 -29.54 -16.31
N GLN G 69 -16.93 -30.68 -16.88
CA GLN G 69 -16.28 -31.25 -18.07
C GLN G 69 -17.11 -32.41 -18.61
N GLY G 70 -17.45 -32.38 -19.89
CA GLY G 70 -18.16 -33.49 -20.50
C GLY G 70 -17.27 -34.72 -20.64
N GLN G 71 -17.92 -35.83 -21.04
CA GLN G 71 -17.22 -37.09 -21.19
C GLN G 71 -16.49 -37.19 -22.54
N GLN G 72 -17.25 -37.17 -23.64
CA GLN G 72 -16.71 -37.23 -24.99
C GLN G 72 -16.46 -35.81 -25.52
N ALA G 73 -15.83 -35.72 -26.69
CA ALA G 73 -15.60 -34.44 -27.36
C ALA G 73 -16.49 -34.34 -28.58
N PRO G 74 -17.42 -33.38 -28.63
CA PRO G 74 -18.29 -33.25 -29.79
C PRO G 74 -17.53 -32.70 -30.98
N SER G 75 -18.17 -32.79 -32.15
CA SER G 75 -17.51 -32.54 -33.42
C SER G 75 -18.16 -31.37 -34.16
N GLY G 76 -17.41 -30.81 -35.09
CA GLY G 76 -17.87 -29.67 -35.86
C GLY G 76 -18.38 -28.54 -34.97
N HIS G 77 -19.44 -27.90 -35.44
CA HIS G 77 -20.00 -26.77 -34.72
C HIS G 77 -20.72 -27.25 -33.45
N ILE G 78 -20.61 -26.45 -32.39
CA ILE G 78 -21.32 -26.66 -31.14
C ILE G 78 -22.35 -25.54 -30.99
N PRO G 79 -23.63 -25.85 -30.73
CA PRO G 79 -24.65 -24.78 -30.77
C PRO G 79 -24.51 -23.82 -29.61
N PHE G 80 -24.72 -22.53 -29.89
CA PHE G 80 -24.85 -21.50 -28.84
C PHE G 80 -26.17 -21.69 -28.09
N THR G 81 -26.16 -21.43 -26.78
CA THR G 81 -27.39 -21.44 -26.02
C THR G 81 -28.21 -20.19 -26.38
N PRO G 82 -29.52 -20.27 -26.24
CA PRO G 82 -30.32 -19.04 -26.35
C PRO G 82 -29.79 -17.89 -25.48
N ARG G 83 -29.32 -18.17 -24.26
CA ARG G 83 -28.88 -17.06 -23.41
C ARG G 83 -27.50 -16.57 -23.81
N ALA G 84 -26.67 -17.44 -24.38
CA ALA G 84 -25.45 -16.92 -24.97
C ALA G 84 -25.78 -15.99 -26.15
N LYS G 85 -26.72 -16.41 -27.00
CA LYS G 85 -27.15 -15.49 -28.05
C LYS G 85 -27.62 -14.17 -27.44
N LYS G 86 -28.39 -14.24 -26.34
CA LYS G 86 -28.93 -13.02 -25.72
C LYS G 86 -27.82 -12.10 -25.20
N VAL G 87 -26.72 -12.70 -24.71
CA VAL G 87 -25.54 -11.92 -24.32
C VAL G 87 -25.07 -11.04 -25.47
N LEU G 88 -24.94 -11.62 -26.66
CA LEU G 88 -24.46 -10.85 -27.80
C LEU G 88 -25.44 -9.74 -28.18
N GLU G 89 -26.74 -10.04 -28.14
CA GLU G 89 -27.73 -8.97 -28.34
C GLU G 89 -27.63 -7.91 -27.23
N LEU G 90 -27.31 -8.30 -26.01
CA LEU G 90 -27.21 -7.26 -24.99
C LEU G 90 -25.92 -6.45 -25.13
N SER G 91 -24.87 -7.05 -25.72
CA SER G 91 -23.66 -6.31 -26.08
C SER G 91 -23.94 -5.13 -27.02
N LEU G 92 -24.80 -5.33 -28.04
CA LEU G 92 -25.20 -4.19 -28.87
C LEU G 92 -26.00 -3.17 -28.08
N ARG G 93 -26.85 -3.63 -27.17
CA ARG G 93 -27.68 -2.69 -26.42
C ARG G 93 -26.82 -1.84 -25.48
N GLU G 94 -25.81 -2.44 -24.85
CA GLU G 94 -24.93 -1.67 -24.01
C GLU G 94 -24.10 -0.68 -24.83
N ALA G 95 -23.51 -1.15 -25.93
CA ALA G 95 -22.76 -0.24 -26.82
C ALA G 95 -23.61 0.96 -27.22
N LEU G 96 -24.80 0.70 -27.78
CA LEU G 96 -25.67 1.81 -28.17
C LEU G 96 -25.91 2.76 -27.01
N GLN G 97 -26.11 2.21 -25.81
CA GLN G 97 -26.39 3.06 -24.66
C GLN G 97 -25.28 4.07 -24.44
N LEU G 98 -24.02 3.61 -24.50
CA LEU G 98 -22.86 4.49 -24.40
C LEU G 98 -22.72 5.44 -25.59
N GLY G 99 -23.49 5.24 -26.66
CA GLY G 99 -23.30 6.03 -27.85
C GLY G 99 -22.26 5.49 -28.83
N HIS G 100 -21.83 4.26 -28.66
CA HIS G 100 -20.88 3.67 -29.60
C HIS G 100 -21.60 3.09 -30.80
N ASN G 101 -20.89 3.05 -31.93
CA ASN G 101 -21.38 2.40 -33.15
C ASN G 101 -20.58 1.14 -33.48
N TYR G 102 -19.87 0.58 -32.50
CA TYR G 102 -19.15 -0.66 -32.63
C TYR G 102 -19.47 -1.57 -31.46
N ILE G 103 -19.04 -2.83 -31.53
CA ILE G 103 -19.18 -3.77 -30.42
C ILE G 103 -17.80 -4.36 -30.16
N GLY G 104 -17.21 -4.01 -29.02
CA GLY G 104 -15.95 -4.57 -28.58
C GLY G 104 -16.06 -5.28 -27.24
N THR G 105 -14.92 -5.80 -26.78
CA THR G 105 -14.92 -6.69 -25.63
C THR G 105 -15.61 -6.05 -24.42
N GLU G 106 -15.45 -4.73 -24.24
CA GLU G 106 -16.13 -4.05 -23.14
C GLU G 106 -17.64 -4.32 -23.20
N HIS G 107 -18.23 -4.20 -24.39
CA HIS G 107 -19.66 -4.40 -24.52
C HIS G 107 -20.05 -5.85 -24.25
N ILE G 108 -19.22 -6.80 -24.68
CA ILE G 108 -19.48 -8.21 -24.38
C ILE G 108 -19.51 -8.40 -22.86
N LEU G 109 -18.56 -7.77 -22.13
CA LEU G 109 -18.57 -7.88 -20.68
C LEU G 109 -19.85 -7.32 -20.10
N LEU G 110 -20.30 -6.16 -20.60
CA LEU G 110 -21.54 -5.60 -20.09
C LEU G 110 -22.74 -6.50 -20.42
N GLY G 111 -22.80 -7.02 -21.64
CA GLY G 111 -23.89 -7.91 -21.99
C GLY G 111 -23.87 -9.21 -21.20
N LEU G 112 -22.69 -9.69 -20.83
CA LEU G 112 -22.61 -10.88 -19.99
C LEU G 112 -23.20 -10.61 -18.62
N ILE G 113 -22.93 -9.42 -18.06
CA ILE G 113 -23.47 -9.05 -16.76
C ILE G 113 -24.94 -8.79 -16.89
N ARG G 114 -25.30 -7.91 -17.84
CA ARG G 114 -26.67 -7.53 -18.08
C ARG G 114 -27.57 -8.74 -18.32
N GLU G 115 -27.02 -9.84 -18.85
CA GLU G 115 -27.86 -11.00 -19.13
C GLU G 115 -28.55 -11.50 -17.87
N GLY G 116 -27.85 -11.42 -16.73
CA GLY G 116 -28.45 -11.49 -15.40
C GLY G 116 -28.83 -12.85 -14.86
N GLU G 117 -28.44 -13.94 -15.52
CA GLU G 117 -28.96 -15.23 -15.11
C GLU G 117 -27.94 -16.35 -15.26
N GLY G 118 -27.05 -16.27 -16.24
CA GLY G 118 -26.18 -17.38 -16.58
C GLY G 118 -25.07 -17.61 -15.56
N VAL G 119 -24.30 -18.69 -15.79
CA VAL G 119 -23.12 -18.92 -14.98
C VAL G 119 -22.21 -17.69 -14.99
N ALA G 120 -22.02 -17.07 -16.16
CA ALA G 120 -21.17 -15.88 -16.23
C ALA G 120 -21.67 -14.76 -15.31
N ALA G 121 -22.92 -14.30 -15.51
CA ALA G 121 -23.42 -13.20 -14.72
C ALA G 121 -23.33 -13.47 -13.21
N GLN G 122 -23.69 -14.69 -12.80
CA GLN G 122 -23.60 -15.01 -11.39
C GLN G 122 -22.17 -14.83 -10.88
N VAL G 123 -21.23 -15.53 -11.51
CA VAL G 123 -19.82 -15.43 -11.11
C VAL G 123 -19.38 -13.98 -11.05
N LEU G 124 -19.63 -13.22 -12.12
CA LEU G 124 -19.21 -11.81 -12.11
C LEU G 124 -19.88 -11.02 -10.99
N VAL G 125 -21.18 -11.25 -10.75
CA VAL G 125 -21.86 -10.49 -9.70
C VAL G 125 -21.16 -10.69 -8.37
N LYS G 126 -20.85 -11.94 -8.04
CA LYS G 126 -20.23 -12.23 -6.76
C LYS G 126 -18.83 -11.63 -6.62
N LEU G 127 -18.19 -11.20 -7.71
CA LEU G 127 -16.88 -10.58 -7.64
C LEU G 127 -16.94 -9.07 -7.70
N GLY G 128 -18.10 -8.48 -7.44
CA GLY G 128 -18.19 -7.03 -7.45
C GLY G 128 -18.50 -6.40 -8.80
N ALA G 129 -18.38 -7.14 -9.90
CA ALA G 129 -18.65 -6.60 -11.23
C ALA G 129 -20.13 -6.24 -11.43
N GLU G 130 -20.65 -5.32 -10.64
CA GLU G 130 -22.04 -4.91 -10.78
C GLU G 130 -22.17 -3.98 -11.99
N LEU G 131 -23.34 -4.00 -12.63
CA LEU G 131 -23.47 -3.37 -13.95
C LEU G 131 -22.93 -1.95 -13.94
N THR G 132 -23.50 -1.09 -13.09
CA THR G 132 -23.17 0.34 -13.18
C THR G 132 -21.69 0.58 -12.91
N ARG G 133 -21.15 -0.10 -11.89
CA ARG G 133 -19.71 -0.06 -11.63
C ARG G 133 -18.91 -0.34 -12.91
N VAL G 134 -19.15 -1.49 -13.54
CA VAL G 134 -18.40 -1.84 -14.75
C VAL G 134 -18.69 -0.86 -15.87
N ARG G 135 -19.91 -0.34 -15.96
CA ARG G 135 -20.16 0.71 -16.94
C ARG G 135 -19.23 1.91 -16.73
N GLN G 136 -18.97 2.27 -15.47
CA GLN G 136 -18.09 3.40 -15.16
C GLN G 136 -16.62 3.07 -15.38
N GLN G 137 -16.18 1.87 -15.02
CA GLN G 137 -14.81 1.49 -15.34
C GLN G 137 -14.58 1.49 -16.84
N VAL G 138 -15.61 1.11 -17.61
CA VAL G 138 -15.46 1.09 -19.05
C VAL G 138 -15.40 2.50 -19.61
N ILE G 139 -16.26 3.38 -19.12
CA ILE G 139 -16.32 4.74 -19.64
C ILE G 139 -15.03 5.49 -19.33
N GLN G 140 -14.55 5.39 -18.09
CA GLN G 140 -13.31 6.08 -17.73
C GLN G 140 -12.13 5.47 -18.47
N LEU G 141 -12.00 4.14 -18.45
CA LEU G 141 -10.97 3.48 -19.25
C LEU G 141 -11.03 3.91 -20.72
N LEU G 142 -12.24 4.16 -21.24
CA LEU G 142 -12.35 4.58 -22.63
C LEU G 142 -12.14 6.06 -22.82
N SER G 143 -12.36 6.87 -21.78
CA SER G 143 -12.25 8.32 -21.91
C SER G 143 -10.97 8.73 -22.63
N GLY G 144 -9.92 7.92 -22.53
CA GLY G 144 -8.68 8.20 -23.25
C GLY G 144 -8.96 8.55 -24.70
N TYR G 145 -9.64 7.65 -25.43
CA TYR G 145 -9.98 7.83 -26.87
C TYR G 145 -8.83 7.34 -27.75
N MET H 1 -44.78 -21.49 -17.21
CA MET H 1 -45.96 -21.15 -18.00
C MET H 1 -47.15 -20.85 -17.09
N PHE H 2 -48.08 -20.03 -17.58
CA PHE H 2 -49.30 -19.65 -16.84
C PHE H 2 -49.02 -18.91 -15.53
N GLU H 3 -47.92 -18.19 -15.44
CA GLU H 3 -47.67 -17.40 -14.26
C GLU H 3 -48.63 -16.23 -14.23
N ARG H 4 -49.35 -16.11 -13.11
CA ARG H 4 -50.42 -15.09 -13.04
C ARG H 4 -49.98 -13.82 -12.32
N PHE H 5 -50.36 -12.67 -12.88
CA PHE H 5 -50.11 -11.41 -12.22
C PHE H 5 -51.02 -11.26 -10.99
N THR H 6 -50.49 -10.69 -9.92
CA THR H 6 -51.31 -10.49 -8.74
C THR H 6 -52.15 -9.22 -8.89
N ASP H 7 -53.17 -9.14 -8.04
CA ASP H 7 -54.13 -8.05 -8.13
C ASP H 7 -53.46 -6.69 -7.95
N ARG H 8 -52.54 -6.59 -6.97
CA ARG H 8 -51.73 -5.38 -6.85
C ARG H 8 -50.87 -5.15 -8.11
N ALA H 9 -50.29 -6.22 -8.66
CA ALA H 9 -49.58 -6.06 -9.92
C ALA H 9 -50.50 -5.46 -10.98
N ARG H 10 -51.64 -6.10 -11.23
CA ARG H 10 -52.55 -5.60 -12.26
C ARG H 10 -52.90 -4.15 -12.00
N ARG H 11 -53.21 -3.82 -10.75
CA ARG H 11 -53.56 -2.44 -10.42
C ARG H 11 -52.44 -1.48 -10.78
N VAL H 12 -51.19 -1.93 -10.67
CA VAL H 12 -50.06 -1.03 -10.96
C VAL H 12 -50.01 -0.70 -12.45
N VAL H 13 -50.32 -1.68 -13.31
CA VAL H 13 -50.32 -1.44 -14.74
C VAL H 13 -51.53 -0.63 -15.16
N VAL H 14 -52.69 -0.87 -14.52
CA VAL H 14 -53.84 0.00 -14.73
C VAL H 14 -53.54 1.42 -14.27
N LEU H 15 -52.86 1.57 -13.14
CA LEU H 15 -52.52 2.92 -12.67
C LEU H 15 -51.54 3.60 -13.60
N ALA H 16 -50.63 2.84 -14.21
CA ALA H 16 -49.63 3.44 -15.10
C ALA H 16 -50.29 4.19 -16.25
N GLN H 17 -51.36 3.63 -16.81
CA GLN H 17 -52.04 4.31 -17.90
C GLN H 17 -52.57 5.65 -17.42
N GLU H 18 -53.03 5.69 -16.17
CA GLU H 18 -53.61 6.91 -15.64
C GLU H 18 -52.55 7.89 -15.14
N GLU H 19 -51.37 7.39 -14.79
CA GLU H 19 -50.26 8.30 -14.51
C GLU H 19 -49.79 8.99 -15.78
N ALA H 20 -49.98 8.38 -16.94
CA ALA H 20 -49.61 9.06 -18.18
C ALA H 20 -50.70 9.99 -18.68
N ARG H 21 -51.97 9.61 -18.50
CA ARG H 21 -53.05 10.52 -18.86
C ARG H 21 -52.96 11.81 -18.05
N MET H 22 -52.83 11.70 -16.73
CA MET H 22 -52.66 12.87 -15.87
C MET H 22 -51.58 13.82 -16.41
N LEU H 23 -50.47 13.29 -16.89
CA LEU H 23 -49.38 14.12 -17.37
C LEU H 23 -49.53 14.54 -18.82
N ASN H 24 -50.66 14.20 -19.47
CA ASN H 24 -50.89 14.53 -20.87
C ASN H 24 -49.85 13.89 -21.79
N HIS H 25 -49.40 12.70 -21.43
CA HIS H 25 -48.44 11.96 -22.23
C HIS H 25 -49.17 11.02 -23.18
N ASN H 26 -48.68 10.91 -24.40
CA ASN H 26 -49.34 10.06 -25.39
C ASN H 26 -48.66 8.70 -25.53
N TYR H 27 -47.99 8.26 -24.46
CA TYR H 27 -47.34 6.95 -24.38
C TYR H 27 -47.41 6.51 -22.92
N ILE H 28 -47.11 5.23 -22.69
CA ILE H 28 -46.89 4.67 -21.36
C ILE H 28 -45.50 4.03 -21.35
N GLY H 29 -44.52 4.74 -20.78
CA GLY H 29 -43.15 4.28 -20.73
C GLY H 29 -42.75 3.74 -19.36
N THR H 30 -41.48 3.32 -19.27
CA THR H 30 -41.03 2.74 -18.00
C THR H 30 -41.33 3.68 -16.84
N GLU H 31 -41.26 5.00 -17.07
CA GLU H 31 -41.48 5.94 -15.98
C GLU H 31 -42.91 5.86 -15.47
N HIS H 32 -43.86 5.58 -16.37
CA HIS H 32 -45.26 5.49 -15.95
C HIS H 32 -45.53 4.21 -15.20
N ILE H 33 -44.79 3.14 -15.48
CA ILE H 33 -44.92 1.97 -14.62
C ILE H 33 -44.40 2.29 -13.22
N LEU H 34 -43.28 3.01 -13.13
CA LEU H 34 -42.76 3.33 -11.81
C LEU H 34 -43.74 4.21 -11.04
N LEU H 35 -44.31 5.21 -11.70
CA LEU H 35 -45.31 6.07 -11.06
C LEU H 35 -46.50 5.24 -10.58
N GLY H 36 -47.01 4.34 -11.41
CA GLY H 36 -48.08 3.48 -10.95
C GLY H 36 -47.66 2.57 -9.83
N LEU H 37 -46.37 2.27 -9.72
CA LEU H 37 -45.90 1.41 -8.64
C LEU H 37 -45.95 2.16 -7.33
N ILE H 38 -45.57 3.44 -7.33
CA ILE H 38 -45.55 4.15 -6.06
C ILE H 38 -46.92 4.71 -5.73
N HIS H 39 -47.70 5.08 -6.76
CA HIS H 39 -49.08 5.50 -6.56
C HIS H 39 -49.80 4.46 -5.72
N GLU H 40 -49.70 3.19 -6.09
CA GLU H 40 -50.27 2.11 -5.29
C GLU H 40 -49.57 2.07 -3.93
N GLY H 41 -48.30 1.67 -3.92
CA GLY H 41 -47.41 1.93 -2.79
C GLY H 41 -47.76 1.22 -1.49
N GLU H 42 -48.31 0.02 -1.55
CA GLU H 42 -48.56 -0.76 -0.33
C GLU H 42 -48.08 -2.20 -0.43
N GLY H 43 -47.32 -2.54 -1.47
CA GLY H 43 -46.90 -3.91 -1.70
C GLY H 43 -45.41 -4.12 -1.51
N VAL H 44 -44.97 -5.32 -1.85
CA VAL H 44 -43.58 -5.69 -1.60
C VAL H 44 -42.60 -4.75 -2.29
N ALA H 45 -42.97 -4.19 -3.44
CA ALA H 45 -42.03 -3.28 -4.08
C ALA H 45 -41.91 -1.99 -3.27
N ALA H 46 -43.05 -1.40 -2.89
CA ALA H 46 -43.01 -0.19 -2.07
C ALA H 46 -42.26 -0.43 -0.75
N LYS H 47 -42.63 -1.51 -0.04
CA LYS H 47 -41.91 -1.85 1.19
C LYS H 47 -40.41 -1.98 0.95
N SER H 48 -39.99 -2.57 -0.18
CA SER H 48 -38.56 -2.70 -0.45
C SER H 48 -37.90 -1.33 -0.63
N LEU H 49 -38.57 -0.41 -1.31
CA LEU H 49 -37.96 0.90 -1.48
C LEU H 49 -37.83 1.62 -0.13
N GLU H 50 -38.78 1.39 0.77
CA GLU H 50 -38.72 2.04 2.07
C GLU H 50 -37.69 1.37 2.98
N SER H 51 -37.64 0.03 2.98
CA SER H 51 -36.55 -0.69 3.62
C SER H 51 -35.19 -0.11 3.23
N LEU H 52 -34.97 0.17 1.95
CA LEU H 52 -33.69 0.80 1.58
C LEU H 52 -33.62 2.24 2.04
N GLY H 53 -34.65 2.71 2.73
CA GLY H 53 -34.74 4.11 3.09
C GLY H 53 -34.92 5.04 1.90
N ILE H 54 -35.58 4.57 0.83
CA ILE H 54 -35.85 5.39 -0.34
C ILE H 54 -37.27 5.92 -0.23
N SER H 55 -37.41 7.24 -0.37
CA SER H 55 -38.70 7.89 -0.22
C SER H 55 -39.53 7.75 -1.51
N LEU H 56 -40.71 7.15 -1.38
CA LEU H 56 -41.62 7.02 -2.52
C LEU H 56 -41.89 8.38 -3.17
N GLU H 57 -42.16 9.41 -2.36
CA GLU H 57 -42.47 10.73 -2.93
C GLU H 57 -41.24 11.35 -3.58
N GLY H 58 -40.05 10.99 -3.13
CA GLY H 58 -38.86 11.44 -3.81
C GLY H 58 -38.73 10.81 -5.19
N VAL H 59 -39.12 9.54 -5.31
CA VAL H 59 -39.04 8.85 -6.59
C VAL H 59 -40.04 9.45 -7.57
N ARG H 60 -41.26 9.76 -7.11
CA ARG H 60 -42.20 10.48 -7.97
C ARG H 60 -41.64 11.82 -8.40
N SER H 61 -41.06 12.56 -7.45
CA SER H 61 -40.61 13.93 -7.75
C SER H 61 -39.48 13.94 -8.78
N GLN H 62 -38.50 13.04 -8.65
CA GLN H 62 -37.40 12.98 -9.60
C GLN H 62 -37.86 12.51 -10.98
N VAL H 63 -38.90 11.67 -11.01
CA VAL H 63 -39.43 11.18 -12.27
C VAL H 63 -40.18 12.29 -13.01
N GLU H 64 -41.21 12.88 -12.37
CA GLU H 64 -41.92 14.00 -13.00
C GLU H 64 -40.94 15.07 -13.43
N GLU H 65 -39.90 15.31 -12.64
CA GLU H 65 -38.83 16.20 -13.03
C GLU H 65 -38.39 15.93 -14.45
N ILE H 66 -37.95 14.69 -14.72
CA ILE H 66 -37.33 14.36 -16.01
C ILE H 66 -38.35 14.35 -17.14
N ILE H 67 -39.59 13.91 -16.88
CA ILE H 67 -40.53 13.62 -17.96
C ILE H 67 -41.57 14.73 -18.22
N GLY H 68 -41.51 15.83 -17.47
CA GLY H 68 -42.39 16.95 -17.74
C GLY H 68 -43.82 16.59 -18.11
N GLN H 69 -44.49 17.50 -18.81
CA GLN H 69 -45.91 17.36 -19.10
C GLN H 69 -46.18 17.58 -20.58
N GLY H 70 -47.16 16.85 -21.12
CA GLY H 70 -47.67 17.15 -22.44
C GLY H 70 -48.68 18.30 -22.42
N GLN H 71 -49.01 18.78 -23.62
CA GLN H 71 -49.82 19.99 -23.71
C GLN H 71 -51.32 19.72 -23.70
N GLN H 72 -51.78 18.55 -24.17
CA GLN H 72 -53.20 18.23 -24.14
C GLN H 72 -53.38 16.75 -23.82
N ALA H 73 -54.48 16.46 -23.10
CA ALA H 73 -54.71 15.12 -22.57
C ALA H 73 -55.17 14.19 -23.69
N PRO H 74 -54.74 12.91 -23.65
CA PRO H 74 -55.22 11.93 -24.63
C PRO H 74 -56.37 11.09 -24.12
N SER H 75 -57.16 10.55 -25.05
CA SER H 75 -58.33 9.72 -24.72
C SER H 75 -58.16 8.33 -25.32
N GLY H 76 -59.14 7.49 -25.05
CA GLY H 76 -59.02 6.11 -25.47
C GLY H 76 -57.80 5.48 -24.85
N HIS H 77 -57.23 4.50 -25.56
CA HIS H 77 -56.04 3.83 -25.07
C HIS H 77 -54.80 4.69 -25.33
N ILE H 78 -53.82 4.56 -24.45
CA ILE H 78 -52.47 5.06 -24.66
C ILE H 78 -51.55 3.86 -24.82
N PRO H 79 -50.83 3.71 -25.94
CA PRO H 79 -50.00 2.51 -26.13
C PRO H 79 -48.79 2.49 -25.20
N PHE H 80 -48.45 1.29 -24.74
CA PHE H 80 -47.19 1.07 -24.05
C PHE H 80 -46.04 1.17 -25.05
N THR H 81 -44.94 1.78 -24.60
CA THR H 81 -43.70 1.74 -25.38
C THR H 81 -43.12 0.34 -25.39
N PRO H 82 -42.28 0.04 -26.39
CA PRO H 82 -41.59 -1.28 -26.41
C PRO H 82 -40.85 -1.61 -25.11
N ARG H 83 -40.10 -0.66 -24.56
CA ARG H 83 -39.36 -0.96 -23.33
C ARG H 83 -40.29 -1.14 -22.14
N ALA H 84 -41.41 -0.40 -22.11
CA ALA H 84 -42.42 -0.61 -21.08
C ALA H 84 -42.91 -2.06 -21.10
N LYS H 85 -43.15 -2.60 -22.31
CA LYS H 85 -43.53 -4.01 -22.40
C LYS H 85 -42.36 -4.92 -22.00
N LYS H 86 -41.14 -4.50 -22.29
CA LYS H 86 -40.00 -5.33 -21.91
C LYS H 86 -39.90 -5.44 -20.39
N VAL H 87 -40.30 -4.38 -19.65
CA VAL H 87 -40.31 -4.40 -18.19
C VAL H 87 -41.18 -5.55 -17.68
N LEU H 88 -42.43 -5.62 -18.15
CA LEU H 88 -43.31 -6.67 -17.66
C LEU H 88 -42.79 -8.03 -18.04
N GLU H 89 -42.15 -8.15 -19.19
CA GLU H 89 -41.55 -9.43 -19.58
C GLU H 89 -40.38 -9.79 -18.68
N LEU H 90 -39.57 -8.79 -18.31
CA LEU H 90 -38.45 -9.07 -17.42
C LEU H 90 -38.95 -9.36 -16.01
N SER H 91 -40.12 -8.83 -15.64
CA SER H 91 -40.76 -9.20 -14.37
C SER H 91 -40.99 -10.69 -14.32
N LEU H 92 -41.51 -11.28 -15.39
CA LEU H 92 -41.70 -12.72 -15.40
C LEU H 92 -40.38 -13.43 -15.13
N ARG H 93 -39.31 -12.98 -15.82
CA ARG H 93 -38.01 -13.66 -15.69
C ARG H 93 -37.47 -13.49 -14.27
N GLU H 94 -37.63 -12.29 -13.70
CA GLU H 94 -37.16 -12.06 -12.35
C GLU H 94 -37.89 -12.98 -11.38
N ALA H 95 -39.19 -13.19 -11.61
CA ALA H 95 -39.93 -14.12 -10.76
C ALA H 95 -39.45 -15.56 -10.96
N LEU H 96 -39.17 -15.96 -12.20
CA LEU H 96 -38.69 -17.32 -12.42
C LEU H 96 -37.31 -17.55 -11.78
N GLN H 97 -36.44 -16.53 -11.83
CA GLN H 97 -35.12 -16.62 -11.23
C GLN H 97 -35.21 -16.89 -9.73
N LEU H 98 -36.17 -16.26 -9.05
CA LEU H 98 -36.34 -16.45 -7.62
C LEU H 98 -37.10 -17.73 -7.28
N GLY H 99 -37.64 -18.44 -8.26
CA GLY H 99 -38.43 -19.62 -7.98
C GLY H 99 -39.90 -19.37 -7.70
N HIS H 100 -40.44 -18.21 -8.05
CA HIS H 100 -41.86 -17.90 -7.94
C HIS H 100 -42.60 -18.26 -9.21
N ASN H 101 -43.86 -18.66 -9.05
CA ASN H 101 -44.71 -18.88 -10.21
C ASN H 101 -45.84 -17.87 -10.30
N TYR H 102 -45.69 -16.71 -9.66
CA TYR H 102 -46.63 -15.60 -9.73
C TYR H 102 -45.81 -14.37 -10.05
N ILE H 103 -46.48 -13.25 -10.34
CA ILE H 103 -45.81 -11.96 -10.55
C ILE H 103 -46.54 -10.88 -9.72
N GLY H 104 -45.79 -10.22 -8.83
CA GLY H 104 -46.34 -9.23 -7.94
C GLY H 104 -45.54 -7.94 -8.05
N THR H 105 -45.91 -6.97 -7.23
CA THR H 105 -45.22 -5.69 -7.37
C THR H 105 -43.71 -5.83 -7.23
N GLU H 106 -43.23 -6.81 -6.46
CA GLU H 106 -41.78 -6.98 -6.27
C GLU H 106 -41.08 -7.25 -7.59
N HIS H 107 -41.64 -8.17 -8.37
CA HIS H 107 -41.07 -8.52 -9.66
C HIS H 107 -41.09 -7.37 -10.64
N ILE H 108 -42.14 -6.55 -10.61
CA ILE H 108 -42.21 -5.37 -11.48
C ILE H 108 -41.10 -4.39 -11.13
N LEU H 109 -40.87 -4.16 -9.83
CA LEU H 109 -39.72 -3.38 -9.40
C LEU H 109 -38.43 -3.96 -9.98
N LEU H 110 -38.22 -5.25 -9.78
CA LEU H 110 -37.02 -5.87 -10.36
C LEU H 110 -36.98 -5.67 -11.87
N GLY H 111 -38.12 -5.86 -12.53
CA GLY H 111 -38.17 -5.64 -13.97
C GLY H 111 -37.88 -4.20 -14.35
N LEU H 112 -38.39 -3.25 -13.58
CA LEU H 112 -38.05 -1.86 -13.87
C LEU H 112 -36.54 -1.65 -13.83
N ILE H 113 -35.87 -2.22 -12.83
CA ILE H 113 -34.43 -2.01 -12.70
C ILE H 113 -33.69 -2.79 -13.78
N ARG H 114 -34.05 -4.05 -13.98
CA ARG H 114 -33.29 -4.88 -14.90
C ARG H 114 -33.33 -4.32 -16.32
N GLU H 115 -34.37 -3.56 -16.65
CA GLU H 115 -34.51 -3.00 -18.00
C GLU H 115 -33.28 -2.16 -18.38
N GLY H 116 -32.60 -1.54 -17.40
CA GLY H 116 -31.29 -0.91 -17.59
C GLY H 116 -31.20 0.42 -18.34
N GLU H 117 -32.15 0.72 -19.22
CA GLU H 117 -32.04 1.85 -20.14
C GLU H 117 -33.04 2.97 -19.90
N GLY H 118 -34.15 2.70 -19.18
CA GLY H 118 -35.25 3.63 -19.12
C GLY H 118 -35.13 4.67 -18.02
N VAL H 119 -36.04 5.66 -18.07
CA VAL H 119 -36.14 6.64 -17.00
C VAL H 119 -36.29 5.95 -15.65
N ALA H 120 -37.18 4.96 -15.57
CA ALA H 120 -37.31 4.21 -14.33
C ALA H 120 -35.96 3.62 -13.90
N ALA H 121 -35.32 2.84 -14.77
CA ALA H 121 -34.04 2.23 -14.38
C ALA H 121 -33.06 3.30 -13.88
N GLN H 122 -32.92 4.40 -14.63
CA GLN H 122 -31.94 5.41 -14.26
C GLN H 122 -32.19 5.93 -12.86
N VAL H 123 -33.36 6.52 -12.62
CA VAL H 123 -33.63 7.11 -11.32
C VAL H 123 -33.47 6.09 -10.20
N LEU H 124 -34.05 4.90 -10.38
CA LEU H 124 -33.94 3.90 -9.32
C LEU H 124 -32.47 3.56 -9.00
N VAL H 125 -31.66 3.30 -10.02
CA VAL H 125 -30.25 2.94 -9.79
C VAL H 125 -29.52 4.08 -9.09
N LYS H 126 -29.89 5.33 -9.40
CA LYS H 126 -29.33 6.45 -8.66
C LYS H 126 -29.67 6.38 -7.17
N LEU H 127 -30.94 6.13 -6.85
CA LEU H 127 -31.38 6.07 -5.43
C LEU H 127 -30.67 4.91 -4.71
N GLY H 128 -29.83 4.14 -5.42
CA GLY H 128 -29.18 3.00 -4.82
C GLY H 128 -29.95 1.71 -4.89
N ALA H 129 -31.00 1.66 -5.70
CA ALA H 129 -31.77 0.44 -5.93
C ALA H 129 -31.12 -0.35 -7.08
N GLU H 130 -29.84 -0.65 -6.88
CA GLU H 130 -29.14 -1.51 -7.82
C GLU H 130 -29.75 -2.91 -7.74
N LEU H 131 -29.68 -3.63 -8.86
CA LEU H 131 -30.53 -4.79 -9.03
C LEU H 131 -30.24 -5.89 -8.00
N THR H 132 -28.95 -6.18 -7.76
CA THR H 132 -28.64 -7.25 -6.81
C THR H 132 -29.16 -6.94 -5.42
N ARG H 133 -28.87 -5.73 -4.93
CA ARG H 133 -29.31 -5.34 -3.59
C ARG H 133 -30.81 -5.55 -3.43
N VAL H 134 -31.59 -5.10 -4.41
CA VAL H 134 -33.04 -5.20 -4.32
C VAL H 134 -33.49 -6.65 -4.48
N ARG H 135 -32.77 -7.45 -5.25
CA ARG H 135 -33.06 -8.89 -5.25
C ARG H 135 -33.05 -9.44 -3.83
N GLN H 136 -31.95 -9.19 -3.10
CA GLN H 136 -31.80 -9.70 -1.74
C GLN H 136 -32.85 -9.11 -0.80
N GLN H 137 -33.16 -7.81 -0.99
CA GLN H 137 -34.15 -7.14 -0.16
C GLN H 137 -35.54 -7.76 -0.33
N VAL H 138 -35.93 -8.04 -1.57
CA VAL H 138 -37.21 -8.69 -1.83
C VAL H 138 -37.20 -10.10 -1.25
N ILE H 139 -36.09 -10.81 -1.36
CA ILE H 139 -36.04 -12.15 -0.83
C ILE H 139 -36.26 -12.15 0.67
N GLN H 140 -35.70 -11.16 1.37
CA GLN H 140 -35.85 -11.12 2.82
C GLN H 140 -37.27 -10.69 3.20
N LEU H 141 -37.81 -9.69 2.50
CA LEU H 141 -39.18 -9.25 2.79
C LEU H 141 -40.20 -10.34 2.53
N LEU H 142 -39.90 -11.27 1.61
CA LEU H 142 -40.81 -12.39 1.40
C LEU H 142 -40.66 -13.49 2.45
N SER H 143 -39.51 -13.58 3.09
CA SER H 143 -39.31 -14.67 4.02
C SER H 143 -40.00 -14.45 5.36
N GLY H 144 -40.46 -13.22 5.64
CA GLY H 144 -41.14 -13.05 6.88
C GLY H 144 -40.16 -13.02 8.05
N TYR H 145 -40.70 -13.27 9.24
CA TYR H 145 -40.00 -13.01 10.48
C TYR H 145 -39.73 -14.30 11.24
N LYS H 146 -38.70 -14.26 12.11
CA LYS H 146 -38.33 -15.39 12.96
C LYS H 146 -38.77 -15.11 14.40
N LEU H 147 -39.38 -16.11 15.02
CA LEU H 147 -39.97 -15.98 16.36
C LEU H 147 -41.26 -15.17 16.32
N MET I 1 -12.88 37.93 13.74
CA MET I 1 -12.16 38.30 12.54
C MET I 1 -10.90 37.47 12.39
N PHE I 2 -10.13 37.77 11.34
CA PHE I 2 -8.83 37.16 11.05
C PHE I 2 -8.94 35.65 10.79
N GLU I 3 -10.07 35.21 10.24
CA GLU I 3 -10.20 33.85 9.75
C GLU I 3 -9.43 33.71 8.45
N ARG I 4 -8.72 32.59 8.30
CA ARG I 4 -7.86 32.34 7.15
C ARG I 4 -8.41 31.24 6.26
N PHE I 5 -8.22 31.43 4.96
CA PHE I 5 -8.50 30.39 3.98
C PHE I 5 -7.34 29.41 3.95
N THR I 6 -7.67 28.13 4.01
CA THR I 6 -6.66 27.11 3.87
C THR I 6 -6.02 27.17 2.48
N ASP I 7 -4.83 26.58 2.39
CA ASP I 7 -4.15 26.57 1.09
C ASP I 7 -4.99 25.90 0.03
N ARG I 8 -5.64 24.78 0.37
CA ARG I 8 -6.55 24.14 -0.58
C ARG I 8 -7.58 25.14 -1.11
N ALA I 9 -8.34 25.75 -0.19
CA ALA I 9 -9.34 26.75 -0.56
C ALA I 9 -8.76 27.82 -1.49
N ARG I 10 -7.57 28.34 -1.16
CA ARG I 10 -6.97 29.37 -1.99
C ARG I 10 -6.82 28.89 -3.44
N ARG I 11 -6.22 27.71 -3.61
CA ARG I 11 -6.00 27.19 -4.95
C ARG I 11 -7.32 26.99 -5.67
N VAL I 12 -8.39 26.70 -4.92
CA VAL I 12 -9.73 26.67 -5.49
C VAL I 12 -10.07 28.00 -6.16
N VAL I 13 -9.72 29.12 -5.51
CA VAL I 13 -10.06 30.41 -6.09
C VAL I 13 -9.16 30.71 -7.27
N VAL I 14 -7.86 30.39 -7.15
CA VAL I 14 -6.92 30.56 -8.25
C VAL I 14 -7.36 29.74 -9.46
N LEU I 15 -7.76 28.49 -9.23
CA LEU I 15 -8.26 27.63 -10.30
C LEU I 15 -9.47 28.26 -10.99
N ALA I 16 -10.44 28.70 -10.19
CA ALA I 16 -11.65 29.27 -10.77
C ALA I 16 -11.32 30.36 -11.78
N GLN I 17 -10.20 31.06 -11.58
CA GLN I 17 -9.75 31.99 -12.60
C GLN I 17 -9.29 31.28 -13.86
N GLU I 18 -8.78 30.05 -13.73
CA GLU I 18 -8.31 29.37 -14.93
C GLU I 18 -9.42 28.60 -15.61
N GLU I 19 -10.40 28.11 -14.84
CA GLU I 19 -11.51 27.42 -15.44
C GLU I 19 -12.26 28.37 -16.36
N ALA I 20 -12.39 29.63 -15.97
CA ALA I 20 -13.05 30.58 -16.85
C ALA I 20 -12.16 30.93 -18.03
N ARG I 21 -10.86 31.03 -17.82
CA ARG I 21 -9.95 31.32 -18.92
C ARG I 21 -10.05 30.24 -20.01
N MET I 22 -9.96 28.98 -19.62
CA MET I 22 -10.01 27.92 -20.63
C MET I 22 -11.34 27.92 -21.37
N LEU I 23 -12.43 28.24 -20.67
CA LEU I 23 -13.73 28.41 -21.30
C LEU I 23 -13.86 29.73 -22.06
N ASN I 24 -12.80 30.54 -22.12
CA ASN I 24 -12.82 31.79 -22.87
C ASN I 24 -13.91 32.73 -22.38
N HIS I 25 -14.24 32.63 -21.09
CA HIS I 25 -15.14 33.54 -20.40
C HIS I 25 -14.39 34.76 -19.89
N ASN I 26 -15.08 35.90 -19.91
CA ASN I 26 -14.51 37.16 -19.47
C ASN I 26 -14.94 37.52 -18.06
N TYR I 27 -15.38 36.53 -17.28
CA TYR I 27 -15.85 36.73 -15.92
C TYR I 27 -15.57 35.47 -15.13
N ILE I 28 -15.61 35.59 -13.81
CA ILE I 28 -15.50 34.44 -12.90
C ILE I 28 -16.75 34.51 -12.00
N GLY I 29 -17.74 33.67 -12.31
CA GLY I 29 -18.95 33.60 -11.54
C GLY I 29 -18.97 32.38 -10.63
N THR I 30 -20.13 32.18 -9.99
CA THR I 30 -20.26 31.07 -9.03
C THR I 30 -19.92 29.73 -9.66
N GLU I 31 -20.16 29.61 -10.98
CA GLU I 31 -19.97 28.32 -11.65
C GLU I 31 -18.49 28.00 -11.84
N HIS I 32 -17.63 29.02 -11.90
CA HIS I 32 -16.20 28.75 -12.02
C HIS I 32 -15.57 28.37 -10.68
N ILE I 33 -16.10 28.90 -9.58
CA ILE I 33 -15.66 28.45 -8.27
C ILE I 33 -15.97 26.97 -8.09
N LEU I 34 -17.23 26.57 -8.34
CA LEU I 34 -17.59 25.14 -8.28
C LEU I 34 -16.71 24.32 -9.21
N LEU I 35 -16.51 24.78 -10.45
CA LEU I 35 -15.65 24.04 -11.37
C LEU I 35 -14.28 23.83 -10.74
N GLY I 36 -13.72 24.90 -10.16
CA GLY I 36 -12.44 24.83 -9.49
C GLY I 36 -12.46 24.10 -8.16
N LEU I 37 -13.64 23.90 -7.57
CA LEU I 37 -13.77 23.13 -6.33
C LEU I 37 -13.70 21.63 -6.61
N ILE I 38 -14.43 21.17 -7.64
CA ILE I 38 -14.38 19.77 -8.06
C ILE I 38 -13.11 19.44 -8.83
N HIS I 39 -12.35 20.44 -9.30
CA HIS I 39 -11.13 20.24 -10.07
C HIS I 39 -9.97 19.56 -9.35
N GLU I 40 -9.37 20.26 -8.38
CA GLU I 40 -8.34 19.62 -7.55
C GLU I 40 -9.10 19.03 -6.36
N GLY I 41 -10.32 18.56 -6.61
CA GLY I 41 -11.21 18.07 -5.57
C GLY I 41 -10.68 16.84 -4.86
N GLU I 42 -9.97 17.05 -3.75
CA GLU I 42 -9.44 15.96 -2.95
C GLU I 42 -9.60 16.20 -1.45
N GLY I 43 -10.37 17.21 -1.05
CA GLY I 43 -10.50 17.60 0.33
C GLY I 43 -11.87 17.31 0.91
N VAL I 44 -12.11 17.86 2.11
CA VAL I 44 -13.39 17.68 2.78
C VAL I 44 -14.54 18.04 1.85
N ALA I 45 -14.28 18.93 0.88
CA ALA I 45 -15.33 19.38 -0.03
C ALA I 45 -15.83 18.23 -0.89
N ALA I 46 -14.93 17.64 -1.68
CA ALA I 46 -15.31 16.54 -2.56
C ALA I 46 -15.95 15.40 -1.77
N LYS I 47 -15.31 14.93 -0.70
CA LYS I 47 -15.81 13.72 -0.07
C LYS I 47 -17.27 13.90 0.33
N SER I 48 -17.62 15.07 0.91
CA SER I 48 -19.03 15.18 1.35
C SER I 48 -20.03 15.19 0.18
N LEU I 49 -19.57 15.55 -1.02
CA LEU I 49 -20.41 15.45 -2.21
C LEU I 49 -20.74 13.99 -2.52
N GLU I 50 -19.72 13.14 -2.55
CA GLU I 50 -19.91 11.76 -2.96
C GLU I 50 -20.62 10.92 -1.91
N SER I 51 -20.67 11.38 -0.66
CA SER I 51 -21.37 10.67 0.41
C SER I 51 -22.87 10.85 0.35
N LEU I 52 -23.34 12.02 -0.08
CA LEU I 52 -24.77 12.21 -0.29
C LEU I 52 -25.25 11.59 -1.60
N GLY I 53 -24.32 11.14 -2.45
CA GLY I 53 -24.63 10.41 -3.67
C GLY I 53 -24.53 11.25 -4.91
N ILE I 54 -23.44 12.03 -5.04
CA ILE I 54 -23.30 12.99 -6.12
C ILE I 54 -22.00 12.73 -6.86
N SER I 55 -22.10 12.62 -8.19
CA SER I 55 -20.94 12.44 -9.03
C SER I 55 -20.20 13.76 -9.21
N LEU I 56 -18.88 13.68 -9.37
CA LEU I 56 -18.10 14.87 -9.68
C LEU I 56 -18.17 15.20 -11.16
N GLU I 57 -17.86 14.24 -12.04
CA GLU I 57 -17.88 14.53 -13.47
C GLU I 57 -19.29 14.89 -13.92
N GLY I 58 -20.29 14.31 -13.26
CA GLY I 58 -21.69 14.70 -13.55
C GLY I 58 -21.94 16.15 -13.17
N VAL I 59 -21.39 16.61 -12.03
CA VAL I 59 -21.52 18.05 -11.64
C VAL I 59 -20.83 18.89 -12.73
N ARG I 60 -19.60 18.56 -13.07
CA ARG I 60 -18.85 19.30 -14.12
C ARG I 60 -19.69 19.31 -15.40
N SER I 61 -20.14 18.13 -15.85
CA SER I 61 -21.00 18.04 -17.06
C SER I 61 -22.16 19.02 -16.92
N GLN I 62 -22.98 18.87 -15.87
CA GLN I 62 -24.16 19.75 -15.67
C GLN I 62 -23.76 21.22 -15.81
N VAL I 63 -22.60 21.62 -15.26
CA VAL I 63 -22.22 23.03 -15.28
C VAL I 63 -21.72 23.43 -16.67
N GLU I 64 -20.66 22.77 -17.17
CA GLU I 64 -20.17 23.11 -18.51
C GLU I 64 -21.30 23.03 -19.54
N GLU I 65 -22.32 22.22 -19.25
CA GLU I 65 -23.50 22.19 -20.11
C GLU I 65 -24.23 23.53 -20.09
N ILE I 66 -24.41 24.09 -18.89
CA ILE I 66 -25.23 25.28 -18.71
C ILE I 66 -24.48 26.56 -19.11
N ILE I 67 -23.22 26.66 -18.74
CA ILE I 67 -22.50 27.96 -18.95
C ILE I 67 -22.02 28.13 -20.40
N GLY I 68 -21.95 27.05 -21.17
CA GLY I 68 -21.43 27.18 -22.53
C GLY I 68 -19.95 27.60 -22.53
N GLN I 69 -19.54 28.07 -23.71
CA GLN I 69 -18.18 28.54 -23.92
C GLN I 69 -18.21 29.98 -24.41
N GLY I 70 -17.16 30.74 -24.06
CA GLY I 70 -16.98 32.09 -24.57
C GLY I 70 -16.13 32.10 -25.83
N GLN I 71 -16.18 33.23 -26.54
CA GLN I 71 -15.45 33.34 -27.84
C GLN I 71 -13.94 33.25 -27.60
N GLN I 72 -13.35 34.26 -26.95
CA GLN I 72 -11.91 34.25 -26.76
C GLN I 72 -11.54 34.71 -25.35
N ALA I 73 -10.65 33.94 -24.70
CA ALA I 73 -10.36 34.17 -23.29
C ALA I 73 -9.51 35.41 -23.09
N PRO I 74 -9.90 36.31 -22.20
CA PRO I 74 -9.08 37.50 -21.94
C PRO I 74 -7.76 37.08 -21.32
N SER I 75 -6.86 38.01 -21.21
CA SER I 75 -5.64 37.63 -20.53
C SER I 75 -5.41 38.44 -19.28
N GLY I 76 -4.63 37.86 -18.37
CA GLY I 76 -4.45 38.32 -17.04
C GLY I 76 -5.74 38.18 -16.25
N HIS I 77 -5.86 39.02 -15.23
CA HIS I 77 -6.97 38.93 -14.29
C HIS I 77 -8.32 38.99 -15.02
N ILE I 78 -9.23 38.13 -14.58
CA ILE I 78 -10.62 38.10 -15.03
C ILE I 78 -11.51 38.49 -13.85
N PRO I 79 -12.36 39.49 -13.97
CA PRO I 79 -13.00 40.05 -12.77
C PRO I 79 -14.00 39.07 -12.19
N PHE I 80 -14.01 38.97 -10.87
CA PHE I 80 -15.03 38.17 -10.19
C PHE I 80 -16.38 38.85 -10.34
N THR I 81 -17.45 38.05 -10.42
CA THR I 81 -18.77 38.66 -10.39
C THR I 81 -19.12 39.08 -8.98
N PRO I 82 -20.09 39.98 -8.83
CA PRO I 82 -20.60 40.30 -7.49
C PRO I 82 -21.06 39.09 -6.69
N ARG I 83 -21.71 38.11 -7.34
CA ARG I 83 -22.18 36.96 -6.57
C ARG I 83 -21.03 36.02 -6.25
N ALA I 84 -20.11 35.84 -7.20
CA ALA I 84 -18.86 35.15 -6.91
C ALA I 84 -18.24 35.60 -5.58
N LYS I 85 -17.97 36.92 -5.46
CA LYS I 85 -17.46 37.44 -4.20
C LYS I 85 -18.39 37.08 -3.05
N LYS I 86 -19.71 37.19 -3.30
CA LYS I 86 -20.68 36.87 -2.25
C LYS I 86 -20.51 35.44 -1.78
N VAL I 87 -20.14 34.53 -2.69
CA VAL I 87 -19.87 33.15 -2.31
C VAL I 87 -18.79 33.08 -1.23
N LEU I 88 -17.59 33.61 -1.54
CA LEU I 88 -16.52 33.58 -0.55
C LEU I 88 -16.96 34.18 0.77
N GLU I 89 -17.78 35.23 0.73
CA GLU I 89 -18.16 35.87 1.98
C GLU I 89 -19.07 34.97 2.81
N LEU I 90 -19.97 34.25 2.14
CA LEU I 90 -20.84 33.31 2.82
C LEU I 90 -20.07 32.06 3.29
N SER I 91 -18.92 31.77 2.71
CA SER I 91 -18.04 30.76 3.29
C SER I 91 -17.65 31.15 4.70
N LEU I 92 -17.27 32.42 4.91
CA LEU I 92 -16.92 32.88 6.24
C LEU I 92 -18.07 32.65 7.20
N ARG I 93 -19.29 32.84 6.72
CA ARG I 93 -20.47 32.75 7.58
C ARG I 93 -20.77 31.30 7.93
N GLU I 94 -20.74 30.42 6.93
CA GLU I 94 -20.93 29.01 7.18
C GLU I 94 -19.86 28.49 8.15
N ALA I 95 -18.58 28.71 7.86
CA ALA I 95 -17.50 28.35 8.78
C ALA I 95 -17.77 28.90 10.18
N LEU I 96 -18.31 30.11 10.25
CA LEU I 96 -18.53 30.72 11.56
C LEU I 96 -19.65 30.02 12.30
N GLN I 97 -20.66 29.51 11.58
CA GLN I 97 -21.80 28.86 12.19
C GLN I 97 -21.47 27.45 12.68
N LEU I 98 -20.46 26.80 12.12
CA LEU I 98 -19.97 25.54 12.67
C LEU I 98 -18.83 25.72 13.67
N GLY I 99 -18.49 26.95 14.04
CA GLY I 99 -17.50 27.17 15.08
C GLY I 99 -16.08 26.96 14.65
N HIS I 100 -15.77 27.17 13.36
CA HIS I 100 -14.40 27.14 12.89
C HIS I 100 -13.87 28.57 12.74
N ASN I 101 -12.54 28.68 12.68
CA ASN I 101 -11.89 29.96 12.43
C ASN I 101 -10.95 29.87 11.24
N TYR I 102 -11.08 28.82 10.46
CA TYR I 102 -10.45 28.70 9.15
C TYR I 102 -11.58 28.66 8.14
N ILE I 103 -11.25 28.84 6.87
CA ILE I 103 -12.20 28.62 5.80
C ILE I 103 -11.56 27.62 4.86
N GLY I 104 -12.16 26.43 4.77
CA GLY I 104 -11.68 25.39 3.89
C GLY I 104 -12.72 25.04 2.83
N THR I 105 -12.31 24.16 1.89
CA THR I 105 -13.18 23.80 0.78
C THR I 105 -14.61 23.48 1.23
N GLU I 106 -14.80 22.92 2.42
CA GLU I 106 -16.15 22.60 2.86
C GLU I 106 -16.98 23.86 3.01
N HIS I 107 -16.33 24.98 3.30
CA HIS I 107 -17.05 26.23 3.44
C HIS I 107 -17.30 26.89 2.09
N ILE I 108 -16.33 26.90 1.19
CA ILE I 108 -16.63 27.35 -0.18
C ILE I 108 -17.83 26.57 -0.71
N LEU I 109 -17.84 25.25 -0.48
CA LEU I 109 -18.93 24.44 -1.02
C LEU I 109 -20.27 24.85 -0.42
N LEU I 110 -20.32 25.04 0.90
CA LEU I 110 -21.54 25.51 1.55
C LEU I 110 -21.85 26.96 1.19
N GLY I 111 -20.85 27.73 0.77
CA GLY I 111 -21.11 29.05 0.24
C GLY I 111 -21.77 29.05 -1.12
N LEU I 112 -21.33 28.16 -2.03
CA LEU I 112 -21.99 28.09 -3.33
C LEU I 112 -23.46 27.74 -3.17
N ILE I 113 -23.79 26.91 -2.17
CA ILE I 113 -25.16 26.49 -2.00
C ILE I 113 -25.99 27.58 -1.33
N ARG I 114 -25.45 28.22 -0.31
CA ARG I 114 -26.23 29.24 0.37
C ARG I 114 -26.46 30.45 -0.53
N GLU I 115 -25.51 30.77 -1.41
CA GLU I 115 -25.69 31.86 -2.36
C GLU I 115 -27.08 31.80 -2.97
N GLY I 116 -27.56 30.59 -3.26
CA GLY I 116 -28.96 30.33 -3.53
C GLY I 116 -29.54 30.94 -4.78
N GLU I 117 -28.69 31.39 -5.72
CA GLU I 117 -29.17 32.03 -6.94
C GLU I 117 -28.34 31.73 -8.17
N GLY I 118 -27.02 31.56 -8.05
CA GLY I 118 -26.14 31.36 -9.19
C GLY I 118 -26.23 29.96 -9.78
N VAL I 119 -25.33 29.69 -10.73
CA VAL I 119 -25.36 28.42 -11.43
C VAL I 119 -24.83 27.29 -10.55
N ALA I 120 -23.82 27.57 -9.73
CA ALA I 120 -23.33 26.57 -8.79
C ALA I 120 -24.46 26.04 -7.93
N ALA I 121 -25.36 26.92 -7.50
CA ALA I 121 -26.39 26.56 -6.53
C ALA I 121 -27.55 25.83 -7.19
N GLN I 122 -27.99 26.25 -8.37
CA GLN I 122 -29.06 25.51 -9.00
C GLN I 122 -28.55 24.16 -9.50
N VAL I 123 -27.30 24.09 -9.97
CA VAL I 123 -26.77 22.79 -10.36
C VAL I 123 -26.72 21.87 -9.16
N LEU I 124 -26.07 22.32 -8.07
CA LEU I 124 -25.89 21.48 -6.89
C LEU I 124 -27.22 21.13 -6.23
N VAL I 125 -28.10 22.11 -6.05
CA VAL I 125 -29.35 21.81 -5.36
C VAL I 125 -30.21 20.86 -6.20
N LYS I 126 -30.13 20.93 -7.54
CA LYS I 126 -30.84 19.95 -8.35
C LYS I 126 -30.25 18.56 -8.20
N LEU I 127 -28.94 18.45 -7.94
CA LEU I 127 -28.29 17.16 -7.77
C LEU I 127 -28.46 16.61 -6.35
N GLY I 128 -29.27 17.26 -5.50
CA GLY I 128 -29.57 16.78 -4.17
C GLY I 128 -28.78 17.44 -3.04
N ALA I 129 -27.68 18.10 -3.43
CA ALA I 129 -26.83 18.79 -2.45
C ALA I 129 -27.58 19.98 -1.87
N GLU I 130 -28.71 19.74 -1.21
CA GLU I 130 -29.33 20.85 -0.51
C GLU I 130 -28.50 21.24 0.71
N LEU I 131 -28.68 22.48 1.17
CA LEU I 131 -27.77 23.08 2.15
C LEU I 131 -27.88 22.39 3.51
N THR I 132 -29.09 22.25 4.04
CA THR I 132 -29.24 21.63 5.36
C THR I 132 -28.61 20.23 5.39
N ARG I 133 -28.73 19.49 4.29
CA ARG I 133 -28.14 18.16 4.21
C ARG I 133 -26.62 18.23 4.13
N VAL I 134 -26.10 19.05 3.21
CA VAL I 134 -24.65 19.18 3.10
C VAL I 134 -24.06 19.71 4.39
N ARG I 135 -24.82 20.53 5.12
CA ARG I 135 -24.38 20.96 6.45
C ARG I 135 -24.15 19.76 7.36
N GLN I 136 -25.18 18.91 7.51
CA GLN I 136 -25.08 17.76 8.41
C GLN I 136 -23.98 16.80 7.94
N GLN I 137 -23.70 16.75 6.64
CA GLN I 137 -22.68 15.83 6.09
C GLN I 137 -21.27 16.37 6.28
N VAL I 138 -21.08 17.69 6.16
CA VAL I 138 -19.79 18.31 6.49
C VAL I 138 -19.43 18.01 7.94
N ILE I 139 -20.44 18.06 8.82
CA ILE I 139 -20.22 17.81 10.24
C ILE I 139 -19.54 16.46 10.45
N GLN I 140 -20.21 15.37 10.03
CA GLN I 140 -19.68 14.03 10.28
C GLN I 140 -18.32 13.82 9.64
N LEU I 141 -18.15 14.27 8.39
CA LEU I 141 -16.84 14.15 7.77
C LEU I 141 -15.77 14.95 8.51
N LEU I 142 -16.17 15.77 9.50
CA LEU I 142 -15.23 16.48 10.36
C LEU I 142 -15.29 16.00 11.80
N SER I 143 -16.33 15.25 12.17
CA SER I 143 -16.55 14.88 13.57
C SER I 143 -15.40 14.05 14.14
N GLY I 144 -14.67 13.31 13.30
CA GLY I 144 -13.66 12.44 13.86
C GLY I 144 -14.25 11.23 14.56
N TYR I 145 -13.38 10.54 15.31
CA TYR I 145 -13.64 9.20 15.83
C TYR I 145 -13.56 9.16 17.36
N LYS I 146 -14.32 8.24 17.95
CA LYS I 146 -14.29 8.00 19.40
C LYS I 146 -13.67 6.65 19.72
N MET J 1 -35.86 47.70 -9.17
CA MET J 1 -36.10 48.62 -8.06
C MET J 1 -37.57 49.03 -7.97
N PHE J 2 -38.02 49.62 -6.88
CA PHE J 2 -39.46 49.97 -6.77
C PHE J 2 -40.36 48.75 -6.51
N GLU J 3 -39.86 47.74 -5.80
CA GLU J 3 -40.71 46.65 -5.32
C GLU J 3 -41.39 47.09 -4.04
N ARG J 4 -42.73 47.25 -4.08
CA ARG J 4 -43.50 47.59 -2.90
C ARG J 4 -43.88 46.33 -2.15
N PHE J 5 -43.82 46.40 -0.83
CA PHE J 5 -44.36 45.34 -0.01
C PHE J 5 -45.88 45.38 -0.04
N THR J 6 -46.51 44.21 -0.03
CA THR J 6 -47.96 44.15 0.09
C THR J 6 -48.43 44.73 1.42
N ASP J 7 -49.67 45.22 1.44
CA ASP J 7 -50.25 45.68 2.69
C ASP J 7 -50.23 44.58 3.74
N ARG J 8 -50.48 43.35 3.30
CA ARG J 8 -50.32 42.17 4.16
C ARG J 8 -48.92 42.11 4.75
N ALA J 9 -47.88 42.24 3.91
CA ALA J 9 -46.50 42.10 4.38
C ALA J 9 -46.09 43.28 5.25
N ARG J 10 -46.46 44.49 4.84
CA ARG J 10 -46.40 45.64 5.75
C ARG J 10 -46.87 45.25 7.14
N ARG J 11 -48.10 44.72 7.23
CA ARG J 11 -48.70 44.40 8.53
C ARG J 11 -47.80 43.46 9.34
N VAL J 12 -47.19 42.48 8.68
CA VAL J 12 -46.31 41.53 9.36
C VAL J 12 -45.23 42.26 10.15
N VAL J 13 -44.46 43.11 9.48
CA VAL J 13 -43.33 43.72 10.16
C VAL J 13 -43.81 44.55 11.34
N VAL J 14 -44.99 45.19 11.21
CA VAL J 14 -45.56 45.99 12.29
C VAL J 14 -45.91 45.12 13.51
N LEU J 15 -46.41 43.91 13.25
CA LEU J 15 -46.71 43.00 14.35
C LEU J 15 -45.45 42.41 14.94
N ALA J 16 -44.37 42.34 14.16
CA ALA J 16 -43.08 41.96 14.69
C ALA J 16 -42.73 42.78 15.91
N GLN J 17 -42.70 44.11 15.78
CA GLN J 17 -42.40 44.92 16.95
C GLN J 17 -43.37 44.62 18.10
N GLU J 18 -44.65 44.42 17.78
CA GLU J 18 -45.65 44.16 18.81
C GLU J 18 -45.37 42.84 19.52
N GLU J 19 -45.06 41.78 18.76
CA GLU J 19 -44.68 40.51 19.38
C GLU J 19 -43.49 40.71 20.30
N ALA J 20 -42.45 41.41 19.83
CA ALA J 20 -41.31 41.74 20.65
C ALA J 20 -41.74 42.38 21.97
N ARG J 21 -42.57 43.43 21.88
CA ARG J 21 -43.00 44.12 23.09
C ARG J 21 -43.76 43.19 24.02
N MET J 22 -44.64 42.35 23.47
CA MET J 22 -45.45 41.48 24.30
C MET J 22 -44.57 40.53 25.10
N LEU J 23 -43.37 40.24 24.61
CA LEU J 23 -42.40 39.39 25.28
C LEU J 23 -41.33 40.18 26.04
N ASN J 24 -41.53 41.48 26.21
CA ASN J 24 -40.61 42.35 26.96
C ASN J 24 -39.18 42.35 26.37
N HIS J 25 -39.07 42.14 25.05
CA HIS J 25 -37.77 42.09 24.37
C HIS J 25 -37.38 43.48 23.89
N ASN J 26 -36.08 43.79 24.01
CA ASN J 26 -35.57 45.09 23.58
C ASN J 26 -34.95 45.04 22.18
N TYR J 27 -35.21 43.97 21.44
CA TYR J 27 -34.74 43.80 20.07
C TYR J 27 -35.87 43.17 19.24
N ILE J 28 -35.90 43.47 17.94
CA ILE J 28 -36.77 42.78 16.99
C ILE J 28 -35.90 41.90 16.10
N GLY J 29 -35.78 40.62 16.47
CA GLY J 29 -34.99 39.67 15.72
C GLY J 29 -35.83 38.80 14.79
N THR J 30 -35.14 37.87 14.12
CA THR J 30 -35.80 37.04 13.11
C THR J 30 -36.99 36.30 13.70
N GLU J 31 -36.87 35.83 14.95
CA GLU J 31 -37.96 35.08 15.58
C GLU J 31 -39.24 35.91 15.64
N HIS J 32 -39.11 37.20 15.94
CA HIS J 32 -40.28 38.07 15.98
C HIS J 32 -40.89 38.27 14.60
N ILE J 33 -40.08 38.22 13.54
CA ILE J 33 -40.63 38.29 12.21
C ILE J 33 -41.45 37.03 11.92
N LEU J 34 -40.96 35.87 12.34
CA LEU J 34 -41.78 34.66 12.21
C LEU J 34 -43.14 34.84 12.94
N LEU J 35 -43.13 35.27 14.19
CA LEU J 35 -44.39 35.37 14.91
C LEU J 35 -45.26 36.50 14.36
N GLY J 36 -44.70 37.42 13.59
CA GLY J 36 -45.53 38.37 12.88
C GLY J 36 -46.20 37.70 11.67
N LEU J 37 -45.39 36.89 10.96
CA LEU J 37 -45.91 35.97 9.95
C LEU J 37 -47.11 35.19 10.48
N ILE J 38 -46.89 34.37 11.51
CA ILE J 38 -47.92 33.48 12.05
C ILE J 38 -49.11 34.29 12.53
N HIS J 39 -48.87 35.40 13.21
CA HIS J 39 -49.97 36.24 13.67
C HIS J 39 -50.91 36.58 12.52
N GLU J 40 -50.36 37.12 11.42
CA GLU J 40 -51.18 37.39 10.24
C GLU J 40 -52.01 36.17 9.86
N GLY J 41 -51.34 35.09 9.47
CA GLY J 41 -52.00 33.80 9.34
C GLY J 41 -53.05 33.68 8.26
N GLU J 42 -52.99 34.50 7.22
CA GLU J 42 -53.87 34.30 6.08
C GLU J 42 -53.17 34.39 4.73
N GLY J 43 -52.01 35.04 4.65
CA GLY J 43 -51.33 35.19 3.39
C GLY J 43 -50.79 33.88 2.85
N VAL J 44 -50.13 33.98 1.69
CA VAL J 44 -49.55 32.80 1.06
C VAL J 44 -48.57 32.14 2.00
N ALA J 45 -47.91 32.91 2.85
CA ALA J 45 -47.00 32.33 3.82
C ALA J 45 -47.75 31.34 4.72
N ALA J 46 -48.73 31.85 5.48
CA ALA J 46 -49.46 30.99 6.41
C ALA J 46 -50.00 29.74 5.72
N LYS J 47 -50.65 29.92 4.56
CA LYS J 47 -51.17 28.78 3.81
C LYS J 47 -50.06 27.84 3.35
N SER J 48 -48.85 28.34 3.08
CA SER J 48 -47.80 27.43 2.63
C SER J 48 -47.27 26.61 3.79
N LEU J 49 -47.05 27.23 4.94
CA LEU J 49 -46.66 26.42 6.09
C LEU J 49 -47.65 25.28 6.32
N GLU J 50 -48.92 25.63 6.58
CA GLU J 50 -49.94 24.62 6.83
C GLU J 50 -49.92 23.53 5.77
N SER J 51 -49.65 23.91 4.51
CA SER J 51 -49.72 22.95 3.41
C SER J 51 -48.66 21.88 3.53
N LEU J 52 -47.49 22.21 4.07
CA LEU J 52 -46.46 21.21 4.25
C LEU J 52 -46.63 20.45 5.56
N GLY J 53 -47.78 20.56 6.20
CA GLY J 53 -48.05 19.84 7.43
C GLY J 53 -47.44 20.46 8.66
N ILE J 54 -47.50 21.78 8.79
CA ILE J 54 -46.87 22.51 9.87
C ILE J 54 -47.95 23.32 10.58
N SER J 55 -48.17 23.05 11.86
CA SER J 55 -49.20 23.76 12.60
C SER J 55 -48.69 25.12 13.08
N LEU J 56 -49.34 26.19 12.60
CA LEU J 56 -48.87 27.54 12.89
C LEU J 56 -48.81 27.78 14.39
N GLU J 57 -49.83 27.31 15.11
CA GLU J 57 -49.80 27.39 16.58
C GLU J 57 -48.57 26.70 17.13
N GLY J 58 -48.14 25.61 16.47
CA GLY J 58 -46.98 24.88 16.94
C GLY J 58 -45.67 25.61 16.67
N VAL J 59 -45.39 26.06 15.57
CA VAL J 59 -44.29 26.95 15.24
C VAL J 59 -44.23 28.10 16.26
N ARG J 60 -45.40 28.66 16.62
CA ARG J 60 -45.39 29.75 17.59
C ARG J 60 -44.88 29.30 18.96
N SER J 61 -45.30 28.13 19.42
CA SER J 61 -44.80 27.65 20.70
C SER J 61 -43.34 27.26 20.61
N GLN J 62 -42.95 26.60 19.52
CA GLN J 62 -41.54 26.31 19.30
C GLN J 62 -40.68 27.56 19.47
N VAL J 63 -41.06 28.65 18.78
CA VAL J 63 -40.26 29.88 18.84
C VAL J 63 -40.33 30.49 20.23
N GLU J 64 -41.54 30.58 20.80
CA GLU J 64 -41.69 31.29 22.07
C GLU J 64 -40.89 30.63 23.19
N GLU J 65 -40.73 29.30 23.15
CA GLU J 65 -40.01 28.65 24.24
C GLU J 65 -38.51 28.78 24.08
N ILE J 66 -38.02 28.99 22.86
CA ILE J 66 -36.59 29.22 22.62
C ILE J 66 -36.12 30.52 23.27
N ILE J 67 -36.95 31.56 23.24
CA ILE J 67 -36.53 32.94 23.47
C ILE J 67 -37.01 33.48 24.81
N GLY J 68 -38.30 33.33 25.12
CA GLY J 68 -38.80 33.73 26.42
C GLY J 68 -39.36 35.13 26.54
N GLN J 69 -39.10 35.76 27.68
CA GLN J 69 -39.59 37.09 27.97
C GLN J 69 -38.43 37.97 28.42
N GLY J 70 -38.73 39.26 28.59
CA GLY J 70 -37.89 40.16 29.35
C GLY J 70 -38.52 40.44 30.71
N GLN J 71 -37.85 41.32 31.47
CA GLN J 71 -38.41 41.73 32.76
C GLN J 71 -39.17 43.05 32.68
N GLN J 72 -38.92 43.85 31.65
CA GLN J 72 -39.55 45.14 31.47
C GLN J 72 -40.08 45.22 30.04
N ALA J 73 -41.11 46.05 29.85
CA ALA J 73 -41.44 46.23 28.44
C ALA J 73 -40.84 47.54 27.93
N PRO J 74 -40.31 47.56 26.71
CA PRO J 74 -39.55 48.72 26.23
C PRO J 74 -40.43 49.76 25.57
N SER J 75 -40.04 51.02 25.75
CA SER J 75 -40.83 52.14 25.26
C SER J 75 -40.35 52.63 23.90
N GLY J 76 -41.21 53.39 23.24
CA GLY J 76 -40.89 53.89 21.92
C GLY J 76 -40.55 52.75 20.98
N HIS J 77 -39.57 52.98 20.12
CA HIS J 77 -39.22 52.03 19.08
C HIS J 77 -38.22 51.00 19.62
N ILE J 78 -38.35 49.78 19.14
CA ILE J 78 -37.44 48.69 19.47
C ILE J 78 -36.61 48.41 18.22
N PRO J 79 -35.27 48.41 18.33
CA PRO J 79 -34.45 48.28 17.12
C PRO J 79 -34.53 46.89 16.50
N PHE J 80 -34.66 46.85 15.19
CA PHE J 80 -34.44 45.60 14.47
C PHE J 80 -32.96 45.22 14.55
N THR J 81 -32.70 43.92 14.71
CA THR J 81 -31.34 43.39 14.69
C THR J 81 -30.78 43.44 13.27
N PRO J 82 -29.46 43.41 13.11
CA PRO J 82 -28.90 43.38 11.74
C PRO J 82 -29.41 42.21 10.91
N ARG J 83 -29.73 41.08 11.53
CA ARG J 83 -30.15 39.93 10.72
C ARG J 83 -31.63 39.96 10.42
N ALA J 84 -32.43 40.61 11.26
CA ALA J 84 -33.83 40.81 10.91
C ALA J 84 -33.95 41.74 9.71
N LYS J 85 -33.15 42.82 9.67
CA LYS J 85 -33.05 43.65 8.47
C LYS J 85 -32.72 42.78 7.27
N LYS J 86 -31.80 41.83 7.47
CA LYS J 86 -31.30 41.04 6.34
C LYS J 86 -32.38 40.18 5.72
N VAL J 87 -33.27 39.60 6.53
CA VAL J 87 -34.32 38.75 5.94
C VAL J 87 -35.18 39.54 4.96
N LEU J 88 -35.39 40.85 5.19
CA LEU J 88 -36.15 41.60 4.20
C LEU J 88 -35.32 41.87 2.94
N GLU J 89 -34.06 42.31 3.09
CA GLU J 89 -33.13 42.26 1.96
C GLU J 89 -33.27 40.94 1.18
N LEU J 90 -33.33 39.81 1.90
CA LEU J 90 -33.47 38.51 1.25
C LEU J 90 -34.87 38.26 0.70
N SER J 91 -35.91 38.82 1.35
CA SER J 91 -37.26 38.84 0.78
C SER J 91 -37.26 39.34 -0.65
N LEU J 92 -36.74 40.56 -0.84
CA LEU J 92 -36.64 41.19 -2.15
C LEU J 92 -35.83 40.31 -3.11
N ARG J 93 -34.69 39.79 -2.67
CA ARG J 93 -33.94 38.86 -3.50
C ARG J 93 -34.81 37.68 -3.92
N GLU J 94 -35.48 37.04 -2.95
CA GLU J 94 -36.33 35.89 -3.25
C GLU J 94 -37.40 36.25 -4.27
N ALA J 95 -38.21 37.26 -3.96
CA ALA J 95 -39.22 37.71 -4.91
C ALA J 95 -38.65 37.92 -6.31
N LEU J 96 -37.42 38.46 -6.41
CA LEU J 96 -36.83 38.68 -7.73
C LEU J 96 -36.51 37.36 -8.41
N GLN J 97 -36.07 36.37 -7.64
CA GLN J 97 -35.76 35.07 -8.25
C GLN J 97 -37.00 34.40 -8.82
N LEU J 98 -38.17 34.73 -8.30
CA LEU J 98 -39.45 34.23 -8.79
C LEU J 98 -40.13 35.19 -9.75
N GLY J 99 -39.37 36.09 -10.38
CA GLY J 99 -39.93 37.03 -11.33
C GLY J 99 -41.04 37.93 -10.82
N HIS J 100 -41.27 37.98 -9.52
CA HIS J 100 -42.28 38.90 -9.02
C HIS J 100 -41.71 40.31 -8.93
N ASN J 101 -42.59 41.28 -9.05
CA ASN J 101 -42.20 42.67 -8.87
C ASN J 101 -42.82 43.25 -7.60
N TYR J 102 -43.08 42.37 -6.63
CA TYR J 102 -43.66 42.79 -5.33
C TYR J 102 -43.03 41.95 -4.22
N ILE J 103 -43.24 42.33 -2.95
CA ILE J 103 -42.73 41.50 -1.82
C ILE J 103 -43.88 41.28 -0.81
N GLY J 104 -44.51 40.11 -0.86
CA GLY J 104 -45.60 39.80 0.09
C GLY J 104 -45.09 38.99 1.28
N THR J 105 -46.00 38.53 2.14
CA THR J 105 -45.61 37.67 3.29
C THR J 105 -44.98 36.39 2.75
N GLU J 106 -45.44 35.93 1.57
CA GLU J 106 -44.86 34.74 0.93
C GLU J 106 -43.35 34.93 0.80
N HIS J 107 -42.91 36.14 0.40
CA HIS J 107 -41.48 36.38 0.25
C HIS J 107 -40.78 36.59 1.59
N ILE J 108 -41.46 37.14 2.58
CA ILE J 108 -40.88 37.24 3.93
C ILE J 108 -40.57 35.85 4.50
N LEU J 109 -41.46 34.88 4.28
CA LEU J 109 -41.16 33.52 4.72
C LEU J 109 -39.92 32.98 4.03
N LEU J 110 -39.77 33.25 2.73
CA LEU J 110 -38.59 32.76 2.02
C LEU J 110 -37.32 33.39 2.58
N GLY J 111 -37.34 34.69 2.85
CA GLY J 111 -36.16 35.34 3.39
C GLY J 111 -35.83 34.84 4.79
N LEU J 112 -36.85 34.66 5.62
CA LEU J 112 -36.67 34.03 6.92
C LEU J 112 -35.87 32.73 6.78
N ILE J 113 -36.23 31.90 5.79
CA ILE J 113 -35.53 30.64 5.62
C ILE J 113 -34.15 30.87 5.01
N ARG J 114 -34.07 31.80 4.07
CA ARG J 114 -32.79 32.05 3.40
C ARG J 114 -31.78 32.69 4.35
N GLU J 115 -32.25 33.52 5.30
CA GLU J 115 -31.35 34.10 6.28
C GLU J 115 -30.43 33.05 6.89
N GLY J 116 -30.95 31.82 7.06
CA GLY J 116 -30.13 30.63 7.20
C GLY J 116 -29.26 30.53 8.42
N GLU J 117 -29.49 31.38 9.46
CA GLU J 117 -28.71 31.44 10.70
C GLU J 117 -29.55 31.70 11.94
N GLY J 118 -30.64 32.47 11.85
CA GLY J 118 -31.35 32.90 13.03
C GLY J 118 -32.25 31.85 13.62
N VAL J 119 -32.87 32.23 14.74
CA VAL J 119 -33.84 31.39 15.43
C VAL J 119 -34.99 31.00 14.50
N ALA J 120 -35.45 31.94 13.65
CA ALA J 120 -36.56 31.62 12.74
C ALA J 120 -36.13 30.61 11.71
N ALA J 121 -34.89 30.69 11.25
CA ALA J 121 -34.39 29.71 10.29
C ALA J 121 -34.25 28.34 10.95
N GLN J 122 -33.63 28.30 12.13
CA GLN J 122 -33.43 27.03 12.82
C GLN J 122 -34.77 26.34 13.07
N VAL J 123 -35.72 27.07 13.63
CA VAL J 123 -37.04 26.52 13.93
C VAL J 123 -37.69 25.95 12.67
N LEU J 124 -37.62 26.70 11.56
CA LEU J 124 -38.31 26.28 10.34
C LEU J 124 -37.60 25.12 9.64
N VAL J 125 -36.26 25.09 9.69
CA VAL J 125 -35.55 24.00 8.95
C VAL J 125 -35.75 22.70 9.71
N LYS J 126 -35.79 22.74 11.05
CA LYS J 126 -36.12 21.55 11.82
C LYS J 126 -37.48 21.01 11.39
N LEU J 127 -38.51 21.86 11.50
CA LEU J 127 -39.90 21.42 11.16
C LEU J 127 -39.99 20.85 9.75
N GLY J 128 -39.00 21.09 8.87
CA GLY J 128 -39.02 20.46 7.57
C GLY J 128 -38.91 21.51 6.47
N ALA J 129 -39.39 22.73 6.71
CA ALA J 129 -39.31 23.80 5.72
C ALA J 129 -38.01 24.08 4.97
N GLU J 130 -37.38 23.10 4.37
CA GLU J 130 -36.25 23.39 3.50
C GLU J 130 -36.49 24.57 2.55
N LEU J 131 -35.40 25.09 1.96
CA LEU J 131 -35.57 26.27 1.09
C LEU J 131 -36.25 25.88 -0.22
N THR J 132 -35.62 25.02 -1.04
CA THR J 132 -36.19 24.69 -2.34
C THR J 132 -37.65 24.24 -2.25
N ARG J 133 -38.04 23.55 -1.17
CA ARG J 133 -39.40 23.00 -1.13
C ARG J 133 -40.43 24.06 -0.80
N VAL J 134 -40.14 24.96 0.15
CA VAL J 134 -41.03 26.08 0.37
C VAL J 134 -41.11 26.96 -0.87
N ARG J 135 -40.04 26.99 -1.66
CA ARG J 135 -40.08 27.73 -2.91
C ARG J 135 -41.14 27.15 -3.84
N GLN J 136 -40.95 25.88 -4.25
CA GLN J 136 -41.89 25.21 -5.14
C GLN J 136 -43.33 25.31 -4.63
N GLN J 137 -43.50 25.21 -3.31
CA GLN J 137 -44.85 25.31 -2.75
C GLN J 137 -45.45 26.69 -3.00
N VAL J 138 -44.75 27.76 -2.62
CA VAL J 138 -45.26 29.11 -2.84
C VAL J 138 -45.53 29.34 -4.33
N ILE J 139 -44.69 28.75 -5.20
CA ILE J 139 -44.94 28.89 -6.64
C ILE J 139 -46.35 28.41 -7.01
N GLN J 140 -46.77 27.26 -6.46
CA GLN J 140 -48.03 26.66 -6.88
C GLN J 140 -49.22 27.35 -6.21
N LEU J 141 -49.17 27.46 -4.87
CA LEU J 141 -50.26 28.12 -4.10
C LEU J 141 -50.66 29.40 -4.82
N LEU J 142 -49.69 30.11 -5.40
CA LEU J 142 -49.96 31.31 -6.17
C LEU J 142 -50.65 30.97 -7.50
N SER J 143 -50.13 29.96 -8.23
CA SER J 143 -50.82 29.51 -9.43
C SER J 143 -52.26 29.07 -9.12
N GLY J 144 -52.56 28.73 -7.87
CA GLY J 144 -53.91 28.46 -7.46
C GLY J 144 -54.60 29.76 -7.08
N MET K 1 -23.84 -24.57 20.66
CA MET K 1 -22.74 -25.30 21.29
C MET K 1 -21.72 -25.77 20.25
N PHE K 2 -20.44 -25.58 20.54
CA PHE K 2 -19.34 -26.21 19.81
C PHE K 2 -19.20 -25.71 18.37
N GLU K 3 -19.65 -24.49 18.10
CA GLU K 3 -19.33 -23.80 16.84
C GLU K 3 -17.83 -23.54 16.82
N ARG K 4 -17.15 -24.03 15.79
CA ARG K 4 -15.71 -23.86 15.63
C ARG K 4 -15.42 -22.66 14.72
N PHE K 5 -14.45 -21.85 15.12
CA PHE K 5 -13.91 -20.88 14.18
C PHE K 5 -13.21 -21.59 13.03
N THR K 6 -13.46 -21.11 11.81
CA THR K 6 -12.70 -21.60 10.66
C THR K 6 -11.22 -21.30 10.81
N ASP K 7 -10.44 -22.02 10.01
CA ASP K 7 -9.00 -21.77 9.94
C ASP K 7 -8.69 -20.32 9.57
N ARG K 8 -9.38 -19.78 8.58
CA ARG K 8 -9.17 -18.38 8.23
C ARG K 8 -9.56 -17.48 9.39
N ALA K 9 -10.66 -17.83 10.08
CA ALA K 9 -11.11 -17.07 11.24
C ALA K 9 -10.03 -16.99 12.31
N ARG K 10 -9.45 -18.14 12.66
CA ARG K 10 -8.36 -18.16 13.63
C ARG K 10 -7.22 -17.23 13.23
N ARG K 11 -6.83 -17.30 11.95
CA ARG K 11 -5.73 -16.49 11.45
C ARG K 11 -5.99 -15.01 11.65
N VAL K 12 -7.25 -14.56 11.39
CA VAL K 12 -7.62 -13.16 11.61
C VAL K 12 -7.30 -12.74 13.05
N VAL K 13 -7.68 -13.56 14.02
CA VAL K 13 -7.39 -13.18 15.40
C VAL K 13 -5.88 -13.18 15.65
N VAL K 14 -5.17 -14.19 15.12
CA VAL K 14 -3.72 -14.18 15.28
C VAL K 14 -3.13 -12.92 14.66
N LEU K 15 -3.43 -12.69 13.38
CA LEU K 15 -2.90 -11.48 12.75
C LEU K 15 -3.23 -10.25 13.60
N ALA K 16 -4.45 -10.19 14.16
CA ALA K 16 -4.83 -9.06 14.98
C ALA K 16 -3.78 -8.76 16.03
N GLN K 17 -3.24 -9.79 16.68
CA GLN K 17 -2.13 -9.57 17.61
C GLN K 17 -0.92 -9.00 16.91
N GLU K 18 -0.59 -9.50 15.72
CA GLU K 18 0.58 -8.98 14.99
C GLU K 18 0.40 -7.51 14.61
N GLU K 19 -0.77 -7.19 14.03
CA GLU K 19 -1.10 -5.79 13.78
C GLU K 19 -0.84 -4.95 15.02
N ALA K 20 -1.35 -5.38 16.17
CA ALA K 20 -1.21 -4.57 17.37
C ALA K 20 0.25 -4.39 17.71
N ARG K 21 1.05 -5.44 17.53
CA ARG K 21 2.45 -5.39 17.93
C ARG K 21 3.29 -4.56 16.96
N MET K 22 3.04 -4.66 15.66
CA MET K 22 3.75 -3.80 14.71
C MET K 22 3.51 -2.32 14.98
N LEU K 23 2.31 -1.94 15.47
CA LEU K 23 2.00 -0.55 15.77
C LEU K 23 2.46 -0.12 17.15
N ASN K 24 3.15 -1.01 17.87
CA ASN K 24 3.66 -0.70 19.20
C ASN K 24 2.54 -0.56 20.24
N HIS K 25 1.43 -1.27 20.08
CA HIS K 25 0.32 -1.15 21.03
C HIS K 25 0.33 -2.25 22.08
N ASN K 26 -0.12 -1.90 23.29
CA ASN K 26 -0.24 -2.85 24.39
C ASN K 26 -1.68 -3.33 24.57
N TYR K 27 -2.48 -3.32 23.50
CA TYR K 27 -3.88 -3.73 23.55
C TYR K 27 -4.28 -4.20 22.15
N ILE K 28 -5.15 -5.20 22.10
CA ILE K 28 -5.80 -5.62 20.85
C ILE K 28 -7.25 -5.17 20.90
N GLY K 29 -7.58 -4.15 20.12
CA GLY K 29 -8.92 -3.61 20.05
C GLY K 29 -9.63 -4.04 18.77
N THR K 30 -10.89 -3.55 18.63
CA THR K 30 -11.64 -3.74 17.39
C THR K 30 -10.78 -3.35 16.18
N GLU K 31 -9.98 -2.30 16.32
CA GLU K 31 -9.21 -1.81 15.20
C GLU K 31 -8.19 -2.86 14.72
N HIS K 32 -7.60 -3.59 15.65
CA HIS K 32 -6.62 -4.56 15.21
C HIS K 32 -7.28 -5.78 14.59
N ILE K 33 -8.52 -6.09 15.00
CA ILE K 33 -9.23 -7.21 14.39
C ILE K 33 -9.54 -6.90 12.93
N LEU K 34 -9.97 -5.66 12.66
CA LEU K 34 -10.25 -5.27 11.27
C LEU K 34 -8.97 -5.23 10.44
N LEU K 35 -7.87 -4.73 11.00
CA LEU K 35 -6.62 -4.78 10.26
C LEU K 35 -6.24 -6.21 9.96
N GLY K 36 -6.29 -7.10 10.97
CA GLY K 36 -6.04 -8.51 10.71
C GLY K 36 -7.02 -9.14 9.74
N LEU K 37 -8.23 -8.60 9.67
CA LEU K 37 -9.22 -9.13 8.73
C LEU K 37 -8.91 -8.69 7.29
N ILE K 38 -8.60 -7.42 7.09
CA ILE K 38 -8.17 -6.98 5.76
C ILE K 38 -6.82 -7.58 5.42
N HIS K 39 -5.91 -7.61 6.39
CA HIS K 39 -4.58 -8.19 6.19
C HIS K 39 -4.70 -9.60 5.64
N GLU K 40 -5.58 -10.41 6.23
CA GLU K 40 -5.89 -11.71 5.65
C GLU K 40 -6.38 -11.54 4.21
N GLY K 41 -7.52 -10.88 4.04
CA GLY K 41 -7.90 -10.37 2.72
C GLY K 41 -8.14 -11.40 1.64
N GLU K 42 -8.74 -12.54 1.97
CA GLU K 42 -9.10 -13.49 0.92
C GLU K 42 -10.24 -14.42 1.32
N GLY K 43 -11.13 -13.94 2.19
CA GLY K 43 -12.30 -14.69 2.58
C GLY K 43 -13.58 -13.90 2.32
N VAL K 44 -14.69 -14.51 2.67
CA VAL K 44 -15.98 -13.84 2.49
C VAL K 44 -15.92 -12.44 3.07
N ALA K 45 -15.33 -12.30 4.26
CA ALA K 45 -15.22 -10.96 4.82
C ALA K 45 -14.65 -10.00 3.79
N ALA K 46 -13.45 -10.31 3.31
CA ALA K 46 -12.74 -9.45 2.37
C ALA K 46 -13.56 -9.22 1.10
N LYS K 47 -13.96 -10.30 0.45
CA LYS K 47 -14.62 -10.15 -0.85
C LYS K 47 -15.98 -9.50 -0.69
N SER K 48 -16.63 -9.68 0.46
CA SER K 48 -17.86 -8.96 0.73
C SER K 48 -17.61 -7.46 0.75
N LEU K 49 -16.62 -7.01 1.55
CA LEU K 49 -16.26 -5.60 1.52
C LEU K 49 -15.89 -5.11 0.12
N GLU K 50 -15.29 -5.98 -0.71
CA GLU K 50 -14.90 -5.59 -2.05
C GLU K 50 -16.10 -5.62 -2.98
N SER K 51 -16.93 -6.66 -2.89
CA SER K 51 -18.15 -6.76 -3.73
C SER K 51 -19.00 -5.50 -3.54
N LEU K 52 -18.74 -4.74 -2.47
CA LEU K 52 -19.49 -3.52 -2.21
C LEU K 52 -18.66 -2.27 -2.44
N GLY K 53 -17.55 -2.39 -3.17
CA GLY K 53 -16.84 -1.20 -3.60
C GLY K 53 -16.06 -0.49 -2.51
N ILE K 54 -15.62 -1.22 -1.50
CA ILE K 54 -14.73 -0.66 -0.47
C ILE K 54 -13.33 -1.17 -0.75
N SER K 55 -12.36 -0.26 -0.78
CA SER K 55 -10.97 -0.65 -0.95
C SER K 55 -10.38 -1.05 0.40
N LEU K 56 -9.99 -2.33 0.52
CA LEU K 56 -9.25 -2.78 1.69
C LEU K 56 -8.15 -1.81 2.07
N GLU K 57 -7.29 -1.46 1.10
CA GLU K 57 -6.19 -0.57 1.42
C GLU K 57 -6.68 0.78 1.90
N GLY K 58 -7.84 1.21 1.40
CA GLY K 58 -8.46 2.42 1.93
C GLY K 58 -8.81 2.25 3.39
N VAL K 59 -9.40 1.10 3.74
CA VAL K 59 -9.78 0.87 5.14
C VAL K 59 -8.53 0.87 6.03
N ARG K 60 -7.50 0.11 5.63
CA ARG K 60 -6.28 0.10 6.43
C ARG K 60 -5.75 1.51 6.64
N SER K 61 -5.68 2.28 5.56
CA SER K 61 -5.10 3.61 5.66
C SER K 61 -5.83 4.46 6.69
N GLN K 62 -7.16 4.45 6.68
CA GLN K 62 -7.85 5.33 7.62
C GLN K 62 -7.75 4.80 9.06
N VAL K 63 -7.86 3.47 9.24
CA VAL K 63 -7.64 2.94 10.59
C VAL K 63 -6.27 3.35 11.12
N GLU K 64 -5.20 3.11 10.33
CA GLU K 64 -3.85 3.41 10.83
C GLU K 64 -3.69 4.88 11.20
N GLU K 65 -4.38 5.77 10.47
CA GLU K 65 -4.33 7.20 10.78
C GLU K 65 -5.04 7.52 12.09
N ILE K 66 -6.12 6.80 12.39
CA ILE K 66 -6.85 7.06 13.63
C ILE K 66 -6.06 6.58 14.83
N ILE K 67 -5.61 5.33 14.80
CA ILE K 67 -5.11 4.71 16.02
C ILE K 67 -3.62 4.97 16.27
N GLY K 68 -2.88 5.36 15.24
CA GLY K 68 -1.52 5.83 15.45
C GLY K 68 -0.51 4.72 15.69
N GLN K 69 0.53 5.05 16.44
CA GLN K 69 1.56 4.10 16.84
C GLN K 69 1.95 4.39 18.28
N GLY K 70 2.46 3.34 18.94
CA GLY K 70 2.64 3.34 20.38
C GLY K 70 4.04 3.74 20.83
N GLN K 71 4.17 3.84 22.16
CA GLN K 71 5.41 4.19 22.84
C GLN K 71 6.26 2.92 22.99
N GLN K 72 7.01 2.61 21.93
CA GLN K 72 7.86 1.42 21.92
C GLN K 72 7.04 0.12 21.97
N ALA K 73 7.49 -0.90 21.22
CA ALA K 73 6.79 -2.18 21.10
C ALA K 73 6.42 -2.74 22.47
N PRO K 74 5.42 -3.62 22.54
CA PRO K 74 4.86 -4.00 23.85
C PRO K 74 5.60 -5.05 24.66
N SER K 75 5.92 -6.20 24.05
CA SER K 75 6.61 -7.34 24.71
C SER K 75 5.59 -8.32 25.30
N GLY K 76 5.79 -9.62 25.08
CA GLY K 76 4.83 -10.62 25.52
C GLY K 76 3.43 -10.65 24.93
N HIS K 77 2.51 -11.25 25.68
CA HIS K 77 1.13 -11.32 25.22
C HIS K 77 0.44 -9.97 25.41
N ILE K 78 -0.32 -9.56 24.40
CA ILE K 78 -1.07 -8.31 24.41
C ILE K 78 -2.52 -8.64 24.79
N PRO K 79 -3.06 -8.04 25.85
CA PRO K 79 -4.47 -8.32 26.17
C PRO K 79 -5.38 -7.81 25.08
N PHE K 80 -6.36 -8.62 24.75
CA PHE K 80 -7.52 -8.12 24.02
C PHE K 80 -8.31 -7.16 24.90
N THR K 81 -8.97 -6.20 24.26
CA THR K 81 -9.86 -5.29 24.97
C THR K 81 -11.21 -5.94 25.23
N PRO K 82 -11.94 -5.47 26.25
CA PRO K 82 -13.32 -5.96 26.42
C PRO K 82 -14.12 -5.92 25.12
N ARG K 83 -14.17 -4.76 24.46
CA ARG K 83 -14.95 -4.63 23.24
C ARG K 83 -14.45 -5.56 22.14
N ALA K 84 -13.13 -5.75 22.01
CA ALA K 84 -12.61 -6.77 21.10
C ALA K 84 -13.20 -8.13 21.43
N LYS K 85 -13.16 -8.52 22.71
CA LYS K 85 -13.74 -9.80 23.12
C LYS K 85 -15.19 -9.90 22.69
N LYS K 86 -15.93 -8.77 22.83
CA LYS K 86 -17.34 -8.73 22.47
C LYS K 86 -17.51 -8.94 20.96
N VAL K 87 -16.62 -8.36 20.14
CA VAL K 87 -16.66 -8.58 18.70
C VAL K 87 -16.76 -10.08 18.37
N LEU K 88 -15.88 -10.89 18.98
CA LEU K 88 -15.87 -12.30 18.62
C LEU K 88 -17.15 -13.00 19.08
N GLU K 89 -17.58 -12.74 20.30
CA GLU K 89 -18.85 -13.25 20.81
C GLU K 89 -20.05 -12.81 19.96
N LEU K 90 -20.06 -11.56 19.50
CA LEU K 90 -21.11 -11.15 18.57
C LEU K 90 -21.01 -11.89 17.23
N SER K 91 -19.78 -12.27 16.80
CA SER K 91 -19.64 -13.07 15.59
C SER K 91 -20.40 -14.38 15.70
N LEU K 92 -20.31 -15.04 16.86
CA LEU K 92 -21.11 -16.24 17.06
C LEU K 92 -22.60 -15.89 17.06
N ARG K 93 -22.97 -14.77 17.67
CA ARG K 93 -24.36 -14.35 17.58
C ARG K 93 -24.79 -14.17 16.13
N GLU K 94 -23.91 -13.55 15.31
CA GLU K 94 -24.27 -13.30 13.92
C GLU K 94 -24.27 -14.58 13.09
N ALA K 95 -23.33 -15.49 13.36
CA ALA K 95 -23.36 -16.78 12.69
C ALA K 95 -24.66 -17.51 13.00
N LEU K 96 -25.08 -17.52 14.26
CA LEU K 96 -26.30 -18.20 14.64
C LEU K 96 -27.52 -17.62 13.92
N GLN K 97 -27.57 -16.30 13.73
CA GLN K 97 -28.70 -15.71 13.03
C GLN K 97 -28.81 -16.20 11.60
N LEU K 98 -27.68 -16.46 10.94
CA LEU K 98 -27.70 -16.93 9.55
C LEU K 98 -27.99 -18.42 9.44
N GLY K 99 -28.25 -19.10 10.54
CA GLY K 99 -28.47 -20.53 10.46
C GLY K 99 -27.21 -21.36 10.38
N HIS K 100 -26.03 -20.74 10.56
CA HIS K 100 -24.77 -21.45 10.49
C HIS K 100 -24.39 -22.02 11.86
N ASN K 101 -23.50 -23.00 11.82
CA ASN K 101 -22.92 -23.59 13.03
C ASN K 101 -21.40 -23.58 12.95
N TYR K 102 -20.83 -22.59 12.26
CA TYR K 102 -19.42 -22.30 12.27
C TYR K 102 -19.26 -20.79 12.33
N ILE K 103 -18.05 -20.33 12.56
CA ILE K 103 -17.76 -18.90 12.60
C ILE K 103 -16.62 -18.66 11.63
N GLY K 104 -16.90 -17.96 10.52
CA GLY K 104 -15.92 -17.63 9.52
C GLY K 104 -15.61 -16.14 9.46
N THR K 105 -14.74 -15.78 8.52
CA THR K 105 -14.32 -14.37 8.43
C THR K 105 -15.53 -13.45 8.29
N GLU K 106 -16.57 -13.91 7.59
CA GLU K 106 -17.76 -13.07 7.37
C GLU K 106 -18.47 -12.75 8.69
N HIS K 107 -18.52 -13.73 9.61
CA HIS K 107 -19.13 -13.52 10.91
C HIS K 107 -18.32 -12.57 11.78
N ILE K 108 -17.00 -12.60 11.67
CA ILE K 108 -16.20 -11.62 12.39
C ILE K 108 -16.46 -10.21 11.87
N LEU K 109 -16.57 -10.05 10.55
CA LEU K 109 -16.85 -8.73 9.99
C LEU K 109 -18.23 -8.25 10.43
N LEU K 110 -19.22 -9.17 10.44
CA LEU K 110 -20.54 -8.82 10.97
C LEU K 110 -20.43 -8.44 12.45
N GLY K 111 -19.60 -9.16 13.20
CA GLY K 111 -19.42 -8.83 14.60
C GLY K 111 -18.77 -7.48 14.81
N LEU K 112 -17.75 -7.16 14.01
CA LEU K 112 -17.12 -5.85 14.08
C LEU K 112 -18.14 -4.72 13.86
N ILE K 113 -19.08 -4.93 12.94
CA ILE K 113 -20.05 -3.89 12.63
C ILE K 113 -21.08 -3.77 13.73
N ARG K 114 -21.55 -4.92 14.23
CA ARG K 114 -22.59 -4.94 15.25
C ARG K 114 -22.09 -4.50 16.62
N GLU K 115 -20.79 -4.66 16.94
CA GLU K 115 -20.27 -4.11 18.21
C GLU K 115 -20.63 -2.62 18.38
N GLY K 116 -20.72 -1.88 17.26
CA GLY K 116 -21.40 -0.60 17.18
C GLY K 116 -20.79 0.55 17.93
N GLU K 117 -19.57 0.43 18.42
CA GLU K 117 -19.00 1.50 19.24
C GLU K 117 -17.55 1.79 18.94
N GLY K 118 -16.75 0.78 18.52
CA GLY K 118 -15.32 0.93 18.45
C GLY K 118 -14.86 1.50 17.13
N VAL K 119 -13.56 1.82 17.08
CA VAL K 119 -12.97 2.37 15.86
C VAL K 119 -13.38 1.57 14.64
N ALA K 120 -13.40 0.24 14.76
CA ALA K 120 -13.79 -0.62 13.64
C ALA K 120 -15.17 -0.26 13.10
N ALA K 121 -16.18 -0.20 13.97
CA ALA K 121 -17.54 0.07 13.52
C ALA K 121 -17.68 1.50 12.99
N GLN K 122 -16.98 2.46 13.58
CA GLN K 122 -17.02 3.83 13.07
C GLN K 122 -16.39 3.92 11.68
N VAL K 123 -15.29 3.21 11.46
CA VAL K 123 -14.69 3.22 10.13
C VAL K 123 -15.60 2.51 9.15
N LEU K 124 -15.99 1.27 9.47
CA LEU K 124 -16.80 0.49 8.54
C LEU K 124 -18.16 1.16 8.27
N VAL K 125 -18.62 2.04 9.17
CA VAL K 125 -19.93 2.65 8.99
C VAL K 125 -19.83 3.84 8.05
N LYS K 126 -18.89 4.76 8.30
CA LYS K 126 -18.65 5.85 7.36
C LYS K 126 -18.47 5.33 5.95
N LEU K 127 -17.91 4.12 5.83
CA LEU K 127 -17.71 3.52 4.48
C LEU K 127 -19.03 2.92 3.98
N GLY K 128 -20.16 3.26 4.60
CA GLY K 128 -21.44 2.74 4.17
C GLY K 128 -21.58 1.25 4.28
N ALA K 129 -20.75 0.60 5.08
CA ALA K 129 -20.86 -0.85 5.29
C ALA K 129 -21.83 -1.17 6.44
N GLU K 130 -23.09 -0.75 6.26
CA GLU K 130 -24.09 -0.95 7.30
C GLU K 130 -24.36 -2.44 7.55
N LEU K 131 -24.90 -2.73 8.73
CA LEU K 131 -25.09 -4.09 9.21
C LEU K 131 -25.94 -4.95 8.28
N THR K 132 -27.23 -4.62 8.13
CA THR K 132 -28.09 -5.50 7.34
C THR K 132 -27.69 -5.49 5.85
N ARG K 133 -27.11 -4.42 5.34
CA ARG K 133 -26.54 -4.53 4.00
C ARG K 133 -25.45 -5.59 3.99
N VAL K 134 -24.50 -5.52 4.96
CA VAL K 134 -23.44 -6.54 4.96
C VAL K 134 -24.03 -7.95 5.16
N ARG K 135 -25.05 -8.07 6.01
CA ARG K 135 -25.69 -9.36 6.21
C ARG K 135 -26.11 -9.95 4.87
N GLN K 136 -26.81 -9.15 4.06
CA GLN K 136 -27.38 -9.63 2.81
C GLN K 136 -26.33 -9.83 1.73
N GLN K 137 -25.19 -9.13 1.80
CA GLN K 137 -24.09 -9.41 0.89
C GLN K 137 -23.36 -10.69 1.27
N VAL K 138 -23.20 -10.94 2.57
CA VAL K 138 -22.65 -12.21 3.03
C VAL K 138 -23.54 -13.36 2.59
N ILE K 139 -24.85 -13.23 2.83
CA ILE K 139 -25.75 -14.29 2.41
C ILE K 139 -25.64 -14.54 0.91
N GLN K 140 -25.51 -13.47 0.11
CA GLN K 140 -25.41 -13.61 -1.34
C GLN K 140 -24.14 -14.37 -1.72
N LEU K 141 -22.98 -13.92 -1.21
CA LEU K 141 -21.75 -14.60 -1.57
C LEU K 141 -21.81 -16.09 -1.24
N LEU K 142 -22.42 -16.44 -0.10
CA LEU K 142 -22.46 -17.84 0.33
C LEU K 142 -23.50 -18.68 -0.38
N SER K 143 -24.40 -18.05 -1.16
CA SER K 143 -25.43 -18.78 -1.88
C SER K 143 -24.84 -19.71 -2.95
N GLY K 144 -25.66 -20.67 -3.38
CA GLY K 144 -25.27 -21.62 -4.41
C GLY K 144 -25.37 -20.96 -5.77
N TYR K 145 -25.22 -21.75 -6.84
CA TYR K 145 -24.90 -21.25 -8.18
C TYR K 145 -25.94 -21.70 -9.19
N LYS K 146 -27.22 -21.60 -8.82
CA LYS K 146 -28.32 -22.04 -9.68
C LYS K 146 -27.91 -22.12 -11.15
N LEU K 147 -27.61 -23.33 -11.63
CA LEU K 147 -27.07 -23.51 -12.98
C LEU K 147 -28.10 -23.22 -14.07
N MET L 1 -21.68 5.65 36.08
CA MET L 1 -22.77 4.88 36.70
C MET L 1 -23.88 5.81 37.12
N PHE L 2 -25.01 5.26 37.54
CA PHE L 2 -26.14 6.01 38.12
C PHE L 2 -26.93 6.82 37.08
N GLU L 3 -27.06 6.30 35.86
CA GLU L 3 -27.93 6.91 34.86
C GLU L 3 -29.37 6.57 35.19
N ARG L 4 -30.23 7.60 35.29
CA ARG L 4 -31.65 7.39 35.55
C ARG L 4 -32.42 7.24 34.24
N PHE L 5 -33.40 6.35 34.24
CA PHE L 5 -34.43 6.33 33.22
C PHE L 5 -35.41 7.47 33.47
N THR L 6 -35.81 8.15 32.40
CA THR L 6 -36.82 9.18 32.53
C THR L 6 -38.15 8.55 32.90
N ASP L 7 -39.08 9.42 33.33
CA ASP L 7 -40.42 8.96 33.63
C ASP L 7 -41.10 8.42 32.40
N ARG L 8 -41.00 9.11 31.27
CA ARG L 8 -41.57 8.49 30.09
C ARG L 8 -40.87 7.18 29.82
N ALA L 9 -39.52 7.19 29.83
CA ALA L 9 -38.82 5.91 29.70
C ALA L 9 -39.44 4.82 30.61
N ARG L 10 -39.48 5.05 31.93
CA ARG L 10 -40.07 4.06 32.84
C ARG L 10 -41.43 3.59 32.34
N ARG L 11 -42.29 4.51 31.90
CA ARG L 11 -43.65 4.13 31.62
C ARG L 11 -43.73 3.22 30.41
N VAL L 12 -42.78 3.37 29.47
CA VAL L 12 -42.69 2.44 28.35
C VAL L 12 -42.45 1.01 28.82
N VAL L 13 -41.72 0.84 29.92
CA VAL L 13 -41.44 -0.51 30.43
C VAL L 13 -42.67 -1.07 31.16
N VAL L 14 -43.28 -0.27 32.03
CA VAL L 14 -44.59 -0.60 32.60
C VAL L 14 -45.59 -0.99 31.49
N LEU L 15 -45.68 -0.14 30.46
CA LEU L 15 -46.63 -0.39 29.36
C LEU L 15 -46.36 -1.74 28.70
N ALA L 16 -45.09 -2.08 28.49
CA ALA L 16 -44.73 -3.31 27.79
C ALA L 16 -45.26 -4.54 28.54
N GLN L 17 -45.14 -4.55 29.87
CA GLN L 17 -45.79 -5.62 30.62
C GLN L 17 -47.29 -5.64 30.34
N GLU L 18 -47.94 -4.48 30.35
CA GLU L 18 -49.37 -4.55 30.14
C GLU L 18 -49.71 -4.92 28.70
N GLU L 19 -48.91 -4.45 27.75
CA GLU L 19 -49.10 -4.90 26.37
C GLU L 19 -49.04 -6.42 26.26
N ALA L 20 -48.02 -7.04 26.88
CA ALA L 20 -47.91 -8.49 26.81
C ALA L 20 -49.08 -9.18 27.49
N ARG L 21 -49.66 -8.55 28.52
CA ARG L 21 -50.82 -9.14 29.18
C ARG L 21 -52.04 -9.14 28.28
N MET L 22 -52.32 -7.99 27.65
CA MET L 22 -53.52 -7.87 26.81
C MET L 22 -53.56 -8.93 25.72
N LEU L 23 -52.41 -9.21 25.10
CA LEU L 23 -52.32 -10.26 24.08
C LEU L 23 -52.31 -11.65 24.69
N ASN L 24 -52.37 -11.76 26.01
CA ASN L 24 -52.33 -13.02 26.74
C ASN L 24 -50.97 -13.71 26.65
N HIS L 25 -49.90 -12.94 26.48
CA HIS L 25 -48.58 -13.52 26.32
C HIS L 25 -47.94 -13.75 27.69
N ASN L 26 -47.25 -14.88 27.83
CA ASN L 26 -46.63 -15.23 29.11
C ASN L 26 -45.15 -14.83 29.15
N TYR L 27 -44.77 -13.77 28.45
CA TYR L 27 -43.41 -13.28 28.38
C TYR L 27 -43.48 -11.84 27.95
N ILE L 28 -42.44 -11.07 28.29
CA ILE L 28 -42.28 -9.71 27.80
C ILE L 28 -41.06 -9.70 26.89
N GLY L 29 -41.31 -9.63 25.58
CA GLY L 29 -40.26 -9.67 24.59
C GLY L 29 -39.85 -8.30 24.09
N THR L 30 -38.91 -8.29 23.14
CA THR L 30 -38.51 -7.03 22.51
C THR L 30 -39.70 -6.39 21.84
N GLU L 31 -40.59 -7.20 21.27
CA GLU L 31 -41.74 -6.68 20.55
C GLU L 31 -42.75 -6.00 21.48
N HIS L 32 -42.83 -6.45 22.73
CA HIS L 32 -43.68 -5.77 23.69
C HIS L 32 -43.12 -4.42 24.07
N ILE L 33 -41.79 -4.31 24.22
CA ILE L 33 -41.21 -3.01 24.54
C ILE L 33 -41.41 -2.04 23.38
N LEU L 34 -41.32 -2.52 22.14
CA LEU L 34 -41.61 -1.66 20.99
C LEU L 34 -43.07 -1.21 21.02
N LEU L 35 -44.01 -2.12 21.32
CA LEU L 35 -45.40 -1.73 21.48
C LEU L 35 -45.56 -0.67 22.55
N GLY L 36 -44.96 -0.91 23.72
CA GLY L 36 -44.98 0.10 24.75
C GLY L 36 -44.38 1.40 24.30
N LEU L 37 -43.39 1.34 23.41
CA LEU L 37 -42.72 2.57 22.99
C LEU L 37 -43.66 3.45 22.17
N ILE L 38 -44.66 2.85 21.51
CA ILE L 38 -45.54 3.60 20.63
C ILE L 38 -46.86 3.89 21.35
N HIS L 39 -47.32 2.97 22.19
CA HIS L 39 -48.44 3.29 23.07
C HIS L 39 -48.20 4.65 23.75
N GLU L 40 -47.11 4.76 24.52
CA GLU L 40 -46.60 6.06 24.94
C GLU L 40 -46.68 7.06 23.78
N GLY L 41 -45.71 7.03 22.88
CA GLY L 41 -45.92 7.51 21.54
C GLY L 41 -45.99 9.01 21.30
N GLU L 42 -45.27 9.81 22.09
CA GLU L 42 -44.87 11.13 21.60
C GLU L 42 -43.70 11.70 22.40
N GLY L 43 -42.73 10.83 22.72
CA GLY L 43 -41.39 11.26 23.07
C GLY L 43 -40.50 11.42 21.84
N VAL L 44 -39.19 11.51 22.09
CA VAL L 44 -38.21 11.67 21.01
C VAL L 44 -38.12 10.39 20.17
N ALA L 45 -38.42 9.24 20.76
CA ALA L 45 -38.54 8.03 19.98
C ALA L 45 -39.65 8.16 18.94
N ALA L 46 -40.87 8.42 19.40
CA ALA L 46 -42.00 8.57 18.47
C ALA L 46 -41.72 9.62 17.41
N LYS L 47 -41.35 10.83 17.83
CA LYS L 47 -41.13 11.90 16.86
C LYS L 47 -40.01 11.56 15.91
N SER L 48 -39.07 10.71 16.34
CA SER L 48 -37.96 10.39 15.46
C SER L 48 -38.35 9.35 14.42
N LEU L 49 -39.14 8.34 14.82
CA LEU L 49 -39.70 7.44 13.81
C LEU L 49 -40.52 8.20 12.78
N GLU L 50 -41.30 9.20 13.23
CA GLU L 50 -42.19 9.91 12.32
C GLU L 50 -41.42 10.81 11.36
N SER L 51 -40.42 11.53 11.87
CA SER L 51 -39.57 12.30 10.98
C SER L 51 -39.05 11.43 9.84
N LEU L 52 -38.89 10.13 10.10
CA LEU L 52 -38.38 9.18 9.10
C LEU L 52 -39.49 8.60 8.23
N GLY L 53 -40.69 9.18 8.25
CA GLY L 53 -41.77 8.69 7.41
C GLY L 53 -42.45 7.45 7.92
N ILE L 54 -41.97 6.87 9.00
CA ILE L 54 -42.48 5.61 9.51
C ILE L 54 -43.75 5.87 10.30
N SER L 55 -44.77 5.06 10.06
CA SER L 55 -46.04 5.17 10.74
C SER L 55 -46.07 4.24 11.96
N LEU L 56 -46.36 4.81 13.14
CA LEU L 56 -46.36 4.01 14.36
C LEU L 56 -47.47 2.98 14.36
N GLU L 57 -48.68 3.39 13.96
CA GLU L 57 -49.74 2.40 13.84
C GLU L 57 -49.40 1.34 12.80
N GLY L 58 -48.56 1.69 11.83
CA GLY L 58 -47.95 0.67 11.00
C GLY L 58 -47.08 -0.27 11.81
N VAL L 59 -46.28 0.28 12.72
CA VAL L 59 -45.42 -0.56 13.55
C VAL L 59 -46.28 -1.47 14.43
N ARG L 60 -47.29 -0.91 15.09
CA ARG L 60 -48.15 -1.76 15.91
C ARG L 60 -48.77 -2.86 15.07
N SER L 61 -49.36 -2.49 13.94
CA SER L 61 -50.03 -3.46 13.09
C SER L 61 -49.06 -4.58 12.73
N GLN L 62 -47.92 -4.23 12.12
CA GLN L 62 -46.96 -5.25 11.71
C GLN L 62 -46.56 -6.16 12.87
N VAL L 63 -46.30 -5.57 14.04
CA VAL L 63 -45.87 -6.36 15.20
C VAL L 63 -46.95 -7.33 15.63
N GLU L 64 -48.18 -6.83 15.82
CA GLU L 64 -49.26 -7.67 16.30
C GLU L 64 -49.54 -8.83 15.35
N GLU L 65 -49.46 -8.59 14.05
CA GLU L 65 -49.56 -9.68 13.08
C GLU L 65 -48.56 -10.78 13.40
N ILE L 66 -47.30 -10.41 13.61
CA ILE L 66 -46.24 -11.41 13.76
C ILE L 66 -46.44 -12.25 15.01
N ILE L 67 -46.87 -11.64 16.12
CA ILE L 67 -46.78 -12.29 17.43
C ILE L 67 -48.12 -12.78 17.94
N GLY L 68 -49.21 -12.59 17.20
CA GLY L 68 -50.50 -13.17 17.55
C GLY L 68 -50.97 -12.84 18.97
N GLN L 69 -51.66 -13.81 19.57
CA GLN L 69 -52.16 -13.71 20.92
C GLN L 69 -52.06 -15.07 21.60
N GLY L 70 -51.99 -15.06 22.93
CA GLY L 70 -51.72 -16.28 23.67
C GLY L 70 -52.95 -16.95 24.26
N GLN L 71 -52.75 -18.20 24.67
CA GLN L 71 -53.73 -19.00 25.39
C GLN L 71 -54.16 -18.44 26.73
N GLN L 72 -53.31 -18.44 27.72
CA GLN L 72 -53.55 -17.69 28.94
C GLN L 72 -52.27 -17.07 29.48
N ALA L 73 -52.33 -15.83 29.85
CA ALA L 73 -51.26 -15.04 30.43
C ALA L 73 -51.50 -14.90 31.92
N PRO L 74 -51.09 -15.89 32.71
CA PRO L 74 -51.17 -15.76 34.16
C PRO L 74 -50.81 -14.35 34.58
N SER L 75 -51.57 -13.88 35.58
CA SER L 75 -51.34 -12.53 36.14
C SER L 75 -50.06 -12.57 36.97
N GLY L 76 -49.98 -11.74 38.00
CA GLY L 76 -48.69 -11.68 38.63
C GLY L 76 -47.72 -11.13 37.60
N HIS L 77 -46.45 -11.26 37.92
CA HIS L 77 -45.43 -10.72 37.04
C HIS L 77 -45.28 -11.59 35.80
N ILE L 78 -45.08 -10.93 34.67
CA ILE L 78 -44.71 -11.61 33.42
C ILE L 78 -43.22 -11.49 33.25
N PRO L 79 -42.45 -12.58 33.24
CA PRO L 79 -41.00 -12.46 33.19
C PRO L 79 -40.57 -11.80 31.89
N PHE L 80 -39.59 -10.89 32.02
CA PHE L 80 -38.89 -10.35 30.87
C PHE L 80 -37.96 -11.39 30.26
N THR L 81 -37.92 -11.42 28.89
CA THR L 81 -36.98 -12.32 28.24
C THR L 81 -35.56 -11.76 28.33
N PRO L 82 -34.56 -12.66 28.29
CA PRO L 82 -33.16 -12.22 28.21
C PRO L 82 -32.87 -11.18 27.15
N ARG L 83 -33.42 -11.32 25.95
CA ARG L 83 -33.07 -10.30 24.97
C ARG L 83 -33.84 -9.00 25.21
N ALA L 84 -34.99 -9.06 25.86
CA ALA L 84 -35.65 -7.84 26.29
C ALA L 84 -34.81 -7.13 27.33
N LYS L 85 -34.29 -7.86 28.32
CA LYS L 85 -33.40 -7.23 29.28
C LYS L 85 -32.22 -6.58 28.59
N LYS L 86 -31.76 -7.16 27.49
CA LYS L 86 -30.58 -6.65 26.78
C LYS L 86 -30.90 -5.39 25.95
N VAL L 87 -32.14 -5.24 25.45
CA VAL L 87 -32.57 -3.95 24.89
C VAL L 87 -32.30 -2.83 25.88
N LEU L 88 -32.69 -3.02 27.14
CA LEU L 88 -32.50 -1.99 28.15
C LEU L 88 -31.02 -1.74 28.43
N GLU L 89 -30.23 -2.81 28.57
CA GLU L 89 -28.80 -2.62 28.69
C GLU L 89 -28.24 -1.90 27.48
N LEU L 90 -28.67 -2.28 26.27
CA LEU L 90 -28.13 -1.57 25.14
C LEU L 90 -28.67 -0.14 25.05
N SER L 91 -29.78 0.17 25.72
CA SER L 91 -30.25 1.54 25.84
C SER L 91 -29.22 2.40 26.57
N LEU L 92 -28.86 1.98 27.78
CA LEU L 92 -27.74 2.62 28.48
C LEU L 92 -26.52 2.79 27.58
N ARG L 93 -26.16 1.75 26.81
CA ARG L 93 -24.98 1.85 25.96
C ARG L 93 -25.17 2.95 24.91
N GLU L 94 -26.28 2.91 24.20
CA GLU L 94 -26.61 3.99 23.27
C GLU L 94 -26.48 5.38 23.92
N ALA L 95 -27.17 5.59 25.04
CA ALA L 95 -27.09 6.87 25.75
C ALA L 95 -25.64 7.33 25.90
N LEU L 96 -24.77 6.44 26.38
CA LEU L 96 -23.41 6.85 26.70
C LEU L 96 -22.64 7.20 25.44
N GLN L 97 -22.85 6.46 24.36
CA GLN L 97 -22.24 6.81 23.08
C GLN L 97 -22.58 8.24 22.68
N LEU L 98 -23.87 8.61 22.78
CA LEU L 98 -24.33 10.01 22.52
C LEU L 98 -23.87 10.98 23.55
N GLY L 99 -23.06 10.58 24.51
CA GLY L 99 -22.66 11.50 25.56
C GLY L 99 -23.70 11.80 26.60
N HIS L 100 -24.82 11.10 26.60
CA HIS L 100 -25.86 11.36 27.60
C HIS L 100 -25.58 10.61 28.91
N ASN L 101 -26.33 11.02 29.96
CA ASN L 101 -26.25 10.39 31.27
C ASN L 101 -27.66 10.20 31.82
N TYR L 102 -28.65 10.16 30.93
CA TYR L 102 -29.99 9.74 31.26
C TYR L 102 -30.39 8.70 30.23
N ILE L 103 -31.52 8.05 30.44
CA ILE L 103 -32.02 7.08 29.46
C ILE L 103 -33.47 7.45 29.16
N GLY L 104 -33.70 7.98 27.96
CA GLY L 104 -35.01 8.35 27.51
C GLY L 104 -35.58 7.38 26.50
N THR L 105 -36.73 7.75 25.94
CA THR L 105 -37.38 6.86 24.98
C THR L 105 -36.57 6.71 23.69
N GLU L 106 -35.94 7.79 23.23
CA GLU L 106 -35.07 7.66 22.07
C GLU L 106 -34.01 6.58 22.29
N HIS L 107 -33.54 6.42 23.53
CA HIS L 107 -32.49 5.44 23.81
C HIS L 107 -33.01 4.03 23.76
N ILE L 108 -34.22 3.81 24.27
CA ILE L 108 -34.83 2.51 24.11
C ILE L 108 -34.99 2.19 22.63
N LEU L 109 -35.26 3.20 21.80
CA LEU L 109 -35.47 2.95 20.38
C LEU L 109 -34.18 2.50 19.72
N LEU L 110 -33.09 3.20 20.03
CA LEU L 110 -31.79 2.77 19.52
C LEU L 110 -31.46 1.37 20.00
N GLY L 111 -31.64 1.12 21.31
CA GLY L 111 -31.38 -0.19 21.88
C GLY L 111 -32.21 -1.31 21.28
N LEU L 112 -33.44 -1.03 20.90
CA LEU L 112 -34.24 -2.08 20.27
C LEU L 112 -33.67 -2.45 18.91
N ILE L 113 -33.22 -1.45 18.16
CA ILE L 113 -32.61 -1.69 16.86
C ILE L 113 -31.24 -2.34 17.05
N ARG L 114 -30.43 -1.76 17.94
CA ARG L 114 -29.12 -2.29 18.23
C ARG L 114 -29.18 -3.74 18.75
N GLU L 115 -30.28 -4.13 19.39
CA GLU L 115 -30.36 -5.51 19.87
C GLU L 115 -30.27 -6.51 18.73
N GLY L 116 -30.74 -6.14 17.53
CA GLY L 116 -30.30 -6.73 16.28
C GLY L 116 -30.89 -8.08 15.86
N GLU L 117 -31.90 -8.60 16.55
CA GLU L 117 -32.21 -10.02 16.39
C GLU L 117 -33.69 -10.27 16.62
N GLY L 118 -34.29 -9.56 17.61
CA GLY L 118 -35.68 -9.80 17.97
C GLY L 118 -36.68 -9.18 16.96
N VAL L 119 -37.95 -9.56 17.17
CA VAL L 119 -39.06 -9.02 16.40
C VAL L 119 -38.96 -7.50 16.29
N ALA L 120 -38.81 -6.82 17.43
CA ALA L 120 -38.74 -5.36 17.41
C ALA L 120 -37.73 -4.87 16.36
N ALA L 121 -36.53 -5.46 16.36
CA ALA L 121 -35.48 -4.99 15.45
C ALA L 121 -35.75 -5.40 14.02
N GLN L 122 -36.32 -6.59 13.82
CA GLN L 122 -36.65 -7.06 12.48
C GLN L 122 -37.64 -6.10 11.82
N VAL L 123 -38.72 -5.80 12.54
CA VAL L 123 -39.72 -4.87 12.05
C VAL L 123 -39.08 -3.52 11.79
N LEU L 124 -38.34 -3.00 12.79
CA LEU L 124 -37.81 -1.65 12.67
C LEU L 124 -36.90 -1.50 11.44
N VAL L 125 -36.10 -2.52 11.11
CA VAL L 125 -35.16 -2.34 9.99
C VAL L 125 -35.85 -2.53 8.64
N LYS L 126 -36.81 -3.45 8.56
CA LYS L 126 -37.58 -3.56 7.32
C LYS L 126 -38.36 -2.28 7.03
N LEU L 127 -38.72 -1.52 8.06
CA LEU L 127 -39.34 -0.22 7.89
C LEU L 127 -38.33 0.88 7.62
N GLY L 128 -37.05 0.54 7.48
CA GLY L 128 -35.97 1.48 7.21
C GLY L 128 -35.35 2.17 8.41
N ALA L 129 -35.72 1.78 9.63
CA ALA L 129 -35.17 2.41 10.82
C ALA L 129 -33.82 1.78 11.16
N GLU L 130 -32.92 1.79 10.17
CA GLU L 130 -31.54 1.38 10.36
C GLU L 130 -30.86 2.23 11.42
N LEU L 131 -29.95 1.60 12.17
CA LEU L 131 -29.40 2.19 13.39
C LEU L 131 -28.76 3.55 13.15
N THR L 132 -27.84 3.63 12.19
CA THR L 132 -27.12 4.89 11.96
C THR L 132 -28.09 6.02 11.65
N ARG L 133 -29.04 5.80 10.75
CA ARG L 133 -30.05 6.80 10.47
C ARG L 133 -30.71 7.25 11.76
N VAL L 134 -31.35 6.31 12.49
CA VAL L 134 -32.08 6.68 13.72
C VAL L 134 -31.22 7.51 14.67
N ARG L 135 -30.05 6.99 15.04
CA ARG L 135 -29.07 7.80 15.76
C ARG L 135 -29.02 9.24 15.25
N GLN L 136 -28.80 9.39 13.94
CA GLN L 136 -28.72 10.71 13.33
C GLN L 136 -30.01 11.49 13.55
N GLN L 137 -31.15 10.82 13.43
CA GLN L 137 -32.45 11.45 13.66
C GLN L 137 -32.57 11.92 15.10
N VAL L 138 -32.40 10.98 16.04
CA VAL L 138 -32.35 11.30 17.46
C VAL L 138 -31.45 12.52 17.71
N ILE L 139 -30.23 12.46 17.20
CA ILE L 139 -29.32 13.57 17.43
C ILE L 139 -29.93 14.89 16.96
N GLN L 140 -30.49 14.89 15.73
CA GLN L 140 -30.97 16.13 15.15
C GLN L 140 -32.10 16.73 15.97
N LEU L 141 -33.00 15.88 16.48
CA LEU L 141 -34.11 16.28 17.33
C LEU L 141 -33.68 16.76 18.72
N LEU L 142 -32.42 16.51 19.10
CA LEU L 142 -31.87 16.90 20.41
C LEU L 142 -30.94 18.09 20.31
N SER L 143 -30.57 18.49 19.08
CA SER L 143 -29.72 19.64 18.81
C SER L 143 -30.18 20.87 19.57
N GLY L 144 -29.19 21.68 20.01
CA GLY L 144 -29.61 22.92 20.65
C GLY L 144 -30.07 24.02 19.70
N TYR L 145 -29.87 25.28 20.08
CA TYR L 145 -30.26 26.43 19.29
C TYR L 145 -29.17 27.50 19.44
N LYS L 146 -29.53 28.73 19.11
CA LYS L 146 -28.62 29.88 19.19
C LYS L 146 -29.42 31.16 19.42
N O7G M 1 46.96 -7.01 28.74
CA O7G M 1 45.67 -7.11 29.41
C O7G M 1 45.41 -5.84 30.24
O O7G M 1 44.45 -5.14 29.94
CB O7G M 1 45.56 -8.30 30.35
CAA O7G M 1 47.38 -5.63 28.40
CAB O7G M 1 46.88 -7.65 27.40
CAF O7G M 1 46.22 -9.56 29.82
CAG O7G M 1 44.05 -8.56 30.56
N VAL M 2 46.23 -5.54 31.29
CA VAL M 2 45.93 -4.27 32.04
C VAL M 2 46.67 -3.19 31.22
N WZJ M 3 45.95 -2.11 30.80
CA WZJ M 3 46.55 -1.09 29.94
C WZJ M 3 46.75 0.21 30.66
O WZJ M 3 45.80 0.77 31.19
CB WZJ M 3 45.65 -0.87 28.68
CN WZJ M 3 44.54 -1.99 31.15
CG2 WZJ M 3 45.53 -2.18 27.88
CG1 WZJ M 3 46.22 0.30 27.86
CD1 WZJ M 3 45.93 0.18 26.36
N THR M 4 47.99 0.66 30.65
CA THR M 4 48.44 1.95 31.23
C THR M 4 48.95 2.71 30.15
N NZC M 5 48.72 4.06 30.06
O NZC M 5 50.34 6.84 28.54
OG1 NZC M 5 47.00 4.56 28.07
C NZC M 5 50.16 5.84 29.22
CA NZC M 5 49.24 4.88 28.90
CB NZC M 5 48.02 5.53 28.22
CG2 NZC M 5 48.37 6.05 26.83
C40 NZC M 5 47.94 4.77 31.12
N VAL M 6 51.01 5.67 30.30
CA VAL M 6 52.09 6.66 30.59
C VAL M 6 53.17 6.39 29.73
N MLE M 7 53.81 7.36 29.02
CN MLE M 7 53.47 8.82 29.10
CA MLE M 7 54.96 6.93 28.16
CB MLE M 7 55.10 7.69 26.87
CG MLE M 7 55.41 6.76 25.67
CD1 MLE M 7 56.15 7.63 24.61
CD2 MLE M 7 56.27 5.53 26.00
C MLE M 7 56.09 7.11 28.99
O MLE M 7 56.34 8.21 29.52
N VAL M 8 56.95 6.05 29.30
CA VAL M 8 58.12 6.27 30.24
C VAL M 8 59.19 5.63 29.63
N MVA M 9 60.23 6.37 29.14
CN MVA M 9 60.30 7.86 29.33
CA MVA M 9 61.37 5.81 28.33
CB MVA M 9 62.59 5.29 29.14
CG1 MVA M 9 63.31 6.51 29.73
CG2 MVA M 9 62.21 4.32 30.29
C MVA M 9 60.97 4.81 27.39
O MVA M 9 61.33 3.65 27.49
CCT O7D M 10 59.67 6.49 26.14
CA O7D M 10 59.80 4.08 25.39
CCW O7D M 10 61.03 3.62 24.55
CCX O7D M 10 62.02 4.74 24.17
CCY O7D M 10 63.23 4.83 24.71
CDA O7D M 10 63.01 6.42 23.26
CDB O7D M 10 61.86 5.73 23.25
CDC O7D M 10 60.85 6.09 22.44
CDD O7D M 10 60.99 7.18 21.60
CDE O7D M 10 62.18 7.89 21.61
CDF O7D M 10 63.18 7.47 22.47
CDH O7D M 10 58.51 6.04 22.10
C O7D M 10 59.12 2.95 25.86
N O7D M 10 60.17 5.12 26.37
NCZ O7D M 10 63.83 5.87 24.15
ODG O7D M 10 59.69 5.35 22.47
O O7D M 10 59.00 1.93 25.19
N VAL M 11 58.42 3.00 27.02
CA VAL M 11 57.58 1.84 27.31
C VAL M 11 56.37 2.35 27.80
N H14 M 12 55.20 1.65 27.47
CA H14 M 12 53.96 2.16 28.03
C H14 M 12 53.64 1.49 29.23
CB H14 M 12 52.72 1.93 27.12
OB H14 M 12 52.81 0.63 26.47
CG H14 M 12 52.55 2.98 26.20
CD1 H14 M 12 52.24 4.24 26.68
CD2 H14 M 12 52.65 2.78 24.82
CE1 H14 M 12 52.04 5.27 25.78
CE2 H14 M 12 52.45 3.82 23.94
CZ H14 M 12 52.15 5.07 24.42
OXT H14 M 12 53.52 0.26 29.25
N VAL M 13 53.38 2.23 30.35
CA VAL M 13 52.93 1.63 31.63
C VAL M 13 51.60 2.06 31.82
N O7G N 1 75.07 23.37 21.04
CA O7G N 1 73.71 23.14 21.57
C O7G N 1 73.51 21.68 22.04
O O7G N 1 73.65 20.74 21.27
CB O7G N 1 72.66 23.52 20.50
CAA O7G N 1 76.11 22.95 21.99
CAB O7G N 1 75.37 24.80 20.75
CAF O7G N 1 71.29 23.77 21.15
CAG O7G N 1 72.49 22.41 19.43
N VAL N 2 73.16 21.55 23.35
CA VAL N 2 72.91 20.24 24.02
C VAL N 2 71.68 19.54 23.42
N WZJ N 3 71.83 18.40 22.68
CA WZJ N 3 70.63 17.74 22.14
C WZJ N 3 70.54 16.26 22.60
O WZJ N 3 70.80 15.33 21.83
CB WZJ N 3 70.54 17.81 20.61
CN WZJ N 3 73.19 17.84 22.44
CG2 WZJ N 3 71.37 18.98 20.10
CG1 WZJ N 3 69.07 17.99 20.18
CD1 WZJ N 3 68.22 16.76 20.50
N THR N 4 70.11 16.08 23.87
CA THR N 4 69.92 14.74 24.51
C THR N 4 68.82 14.10 23.91
N NZC N 5 68.77 12.75 23.79
O NZC N 5 66.41 10.18 23.38
OG1 NZC N 5 67.79 10.12 21.75
C NZC N 5 66.94 11.17 23.88
CA NZC N 5 67.62 12.14 23.10
CB NZC N 5 67.95 11.55 21.72
CG2 NZC N 5 69.39 11.86 21.32
C40 NZC N 5 69.81 11.86 24.36
N VAL N 6 66.82 11.40 25.24
CA VAL N 6 66.01 10.50 26.08
C VAL N 6 64.69 11.00 26.07
N MLE N 7 63.60 10.21 25.94
CN MLE N 7 63.69 8.72 25.78
CA MLE N 7 62.24 10.85 25.96
CB MLE N 7 61.29 10.05 25.08
CG MLE N 7 60.11 10.88 24.60
CD1 MLE N 7 60.58 12.05 23.74
CD2 MLE N 7 59.25 9.92 23.78
C MLE N 7 61.71 10.89 27.25
O MLE N 7 61.46 9.85 27.81
N VAL N 8 61.43 12.11 27.92
CA VAL N 8 60.84 12.19 29.29
C VAL N 8 59.61 12.85 29.23
N MVA N 9 58.45 12.26 29.64
CN MVA N 9 58.40 10.88 30.21
CA MVA N 9 57.13 12.97 29.48
CB MVA N 9 56.94 13.97 30.61
CG1 MVA N 9 55.49 14.40 30.66
CG2 MVA N 9 57.30 13.33 31.95
C MVA N 9 57.01 13.56 28.19
O MVA N 9 56.85 14.78 28.06
CCT O7D N 10 57.23 11.31 27.11
CA O7D N 10 57.02 13.38 25.70
CCW O7D N 10 55.62 13.91 25.34
CCX O7D N 10 54.52 12.95 25.74
CCY O7D N 10 53.84 13.03 26.87
CDA O7D N 10 53.09 11.35 25.73
CDB O7D N 10 54.07 11.93 25.01
CDC O7D N 10 54.42 11.43 23.82
CDD O7D N 10 53.78 10.33 23.29
CDE O7D N 10 52.76 9.74 24.04
CDF O7D N 10 52.44 10.28 25.27
CDH O7D N 10 56.01 11.36 22.09
C O7D N 10 57.93 14.42 25.41
N O7D N 10 57.10 12.80 27.06
NCZ O7D N 10 52.95 12.04 26.87
ODG O7D N 10 55.42 12.09 23.17
O O7D N 10 57.78 15.06 24.35
N VAL N 11 59.05 14.72 26.24
CA VAL N 11 60.03 15.76 25.78
C VAL N 11 61.37 15.19 25.65
N H14 N 12 62.19 15.55 24.57
CA H14 N 12 63.54 14.95 24.45
C H14 N 12 64.45 15.62 25.31
CB H14 N 12 64.10 14.94 23.02
OB H14 N 12 63.97 16.26 22.46
CG H14 N 12 63.51 13.99 22.17
CD1 H14 N 12 63.85 12.65 22.31
CD2 H14 N 12 62.63 14.36 21.17
CE1 H14 N 12 63.29 11.70 21.46
CE2 H14 N 12 62.06 13.41 20.33
CZ H14 N 12 62.40 12.07 20.47
OXT H14 N 12 64.38 16.83 25.54
N VAL N 13 65.45 14.91 25.94
CA VAL N 13 66.40 15.58 26.86
C VAL N 13 67.61 14.92 26.74
N O7G O 1 -30.91 6.05 -33.84
CA O7G O 1 -30.40 4.80 -34.39
C O7G O 1 -31.54 3.80 -34.64
O O7G O 1 -32.27 3.47 -33.72
CB O7G O 1 -29.39 4.12 -33.42
CAA O7G O 1 -32.32 6.28 -34.23
CAB O7G O 1 -30.13 7.17 -34.40
CAF O7G O 1 -28.26 5.05 -32.96
CAG O7G O 1 -28.76 2.89 -34.08
N VAL O 2 -31.67 3.34 -35.89
CA VAL O 2 -32.66 2.29 -36.21
C VAL O 2 -31.97 1.02 -35.72
N WZJ O 3 -32.61 0.16 -34.91
CA WZJ O 3 -31.84 -1.00 -34.51
C WZJ O 3 -32.49 -2.30 -34.97
O WZJ O 3 -33.64 -2.58 -34.69
CB WZJ O 3 -31.44 -1.05 -32.99
CN WZJ O 3 -34.01 0.39 -34.53
CG2 WZJ O 3 -31.98 -2.27 -32.23
CG1 WZJ O 3 -31.76 0.30 -32.33
CD1 WZJ O 3 -31.45 0.25 -30.82
N THR O 4 -31.65 -3.06 -35.70
CA THR O 4 -31.94 -4.40 -36.27
C THR O 4 -31.16 -5.30 -35.51
N NZC O 5 -31.61 -6.56 -35.26
O NZC O 5 -30.29 -9.71 -34.41
OG1 NZC O 5 -32.30 -6.72 -32.55
C NZC O 5 -30.56 -8.70 -35.04
CA NZC O 5 -30.85 -7.51 -34.39
CB NZC O 5 -31.69 -7.89 -33.13
CG2 NZC O 5 -30.86 -8.54 -32.03
C40 NZC O 5 -32.91 -7.01 -35.84
N VAL O 6 -30.54 -8.80 -36.42
CA VAL O 6 -30.15 -10.09 -37.02
C VAL O 6 -28.73 -10.11 -37.03
N MLE O 7 -28.03 -11.23 -36.72
CN MLE O 7 -28.66 -12.56 -36.44
CA MLE O 7 -26.52 -11.15 -36.73
CB MLE O 7 -25.97 -11.94 -35.54
CG MLE O 7 -24.47 -11.66 -35.41
CD1 MLE O 7 -24.17 -10.24 -34.88
CD2 MLE O 7 -23.85 -12.72 -34.45
C MLE O 7 -26.04 -11.54 -38.01
O MLE O 7 -26.34 -12.62 -38.53
N VAL O 8 -25.30 -10.63 -38.74
CA VAL O 8 -24.82 -10.99 -40.13
C VAL O 8 -23.43 -10.90 -40.19
N MVA O 9 -22.66 -12.03 -40.18
CN MVA O 9 -23.28 -13.39 -40.14
CA MVA O 9 -21.15 -12.04 -40.12
CB MVA O 9 -20.52 -12.02 -41.54
CG1 MVA O 9 -19.07 -12.45 -41.45
CG2 MVA O 9 -21.23 -13.01 -42.48
C MVA O 9 -20.60 -11.00 -39.30
O MVA O 9 -19.95 -10.09 -39.78
CCT O7D O 10 -21.53 -12.12 -37.30
CA O7D O 10 -20.22 -9.95 -37.06
CCW O7D O 10 -18.70 -9.92 -37.15
CCX O7D O 10 -18.02 -11.32 -37.22
CCY O7D O 10 -17.34 -11.66 -38.31
CDA O7D O 10 -17.22 -13.29 -36.88
CDB O7D O 10 -17.96 -12.31 -36.31
CDC O7D O 10 -18.45 -12.51 -35.06
CDD O7D O 10 -18.21 -13.69 -34.38
CDE O7D O 10 -17.44 -14.67 -34.98
CDF O7D O 10 -16.96 -14.43 -36.26
CDH O7D O 10 -19.84 -11.84 -33.27
C O7D O 10 -20.75 -8.67 -37.24
N O7D O 10 -20.77 -11.02 -37.96
NCZ O7D O 10 -16.86 -12.89 -38.11
ODG O7D O 10 -19.20 -11.50 -34.51
O O7D O 10 -20.23 -7.67 -36.71
N VAL O 11 -21.94 -8.49 -37.91
CA VAL O 11 -22.56 -7.14 -38.02
C VAL O 11 -23.91 -7.24 -37.63
N H14 O 12 -24.43 -6.27 -36.77
CA H14 O 12 -25.86 -6.35 -36.39
C H14 O 12 -26.60 -5.52 -37.27
CB H14 O 12 -26.20 -5.87 -34.98
OB H14 O 12 -25.34 -4.78 -34.59
CG H14 O 12 -26.15 -6.92 -34.03
CD1 H14 O 12 -26.99 -8.03 -34.16
CD2 H14 O 12 -25.33 -6.83 -32.91
CE1 H14 O 12 -26.98 -9.04 -33.21
CE2 H14 O 12 -25.31 -7.83 -31.96
CZ H14 O 12 -26.14 -8.94 -32.11
OXT H14 O 12 -26.38 -4.32 -37.36
N VAL O 13 -27.61 -6.10 -38.02
CA VAL O 13 -28.47 -5.32 -38.92
C VAL O 13 -29.76 -5.37 -38.36
N O7G P 1 -11.47 -33.85 -39.81
CA O7G P 1 -12.26 -32.93 -38.98
C O7G P 1 -12.12 -31.48 -39.50
O O7G P 1 -11.11 -30.80 -39.28
CB O7G P 1 -11.80 -32.99 -37.51
CAA O7G P 1 -10.16 -33.32 -40.20
CAB O7G P 1 -12.21 -34.18 -41.06
CAF O7G P 1 -11.32 -34.37 -37.07
CAG O7G P 1 -12.98 -32.59 -36.59
N VAL P 2 -13.18 -31.00 -40.20
CA VAL P 2 -13.17 -29.63 -40.79
C VAL P 2 -13.73 -28.58 -39.80
N WZJ P 3 -13.11 -27.36 -39.67
CA WZJ P 3 -13.67 -26.37 -38.75
C WZJ P 3 -13.65 -24.93 -39.33
O WZJ P 3 -12.79 -24.12 -38.95
CB WZJ P 3 -12.89 -26.42 -37.41
CN WZJ P 3 -11.87 -27.06 -40.41
CG2 WZJ P 3 -12.45 -27.86 -37.11
CG1 WZJ P 3 -13.78 -25.87 -36.29
CD1 WZJ P 3 -13.04 -25.80 -34.94
N THR P 4 -14.60 -24.63 -40.24
CA THR P 4 -14.67 -23.29 -40.90
C THR P 4 -15.09 -22.35 -39.93
N NZC P 5 -14.64 -21.07 -39.93
O NZC P 5 -15.49 -17.88 -38.67
OG1 NZC P 5 -14.20 -19.11 -36.75
C NZC P 5 -15.68 -18.96 -39.21
CA NZC P 5 -15.04 -20.15 -38.82
CB NZC P 5 -13.83 -19.96 -37.85
CG2 NZC P 5 -12.58 -19.35 -38.51
C40 NZC P 5 -13.74 -20.57 -41.01
N VAL P 6 -16.66 -19.05 -40.18
CA VAL P 6 -17.47 -17.87 -40.53
C VAL P 6 -18.66 -17.98 -39.79
N MLE P 7 -19.26 -16.95 -39.15
CN MLE P 7 -18.71 -15.56 -39.18
CA MLE P 7 -20.52 -17.19 -38.38
CB MLE P 7 -20.53 -16.28 -37.15
CG MLE P 7 -21.54 -16.77 -36.10
CD1 MLE P 7 -21.05 -18.06 -35.45
CD2 MLE P 7 -21.70 -15.64 -35.07
C MLE P 7 -21.68 -16.93 -39.13
O MLE P 7 -21.96 -15.78 -39.39
N VAL P 8 -22.54 -17.95 -39.59
CA VAL P 8 -23.77 -17.73 -40.39
C VAL P 8 -24.90 -18.03 -39.61
N MVA P 9 -25.87 -17.12 -39.33
CN MVA P 9 -25.84 -15.73 -39.88
CA MVA P 9 -27.03 -17.44 -38.43
CB MVA P 9 -28.07 -18.26 -39.21
CG1 MVA P 9 -29.40 -18.21 -38.50
CG2 MVA P 9 -28.23 -17.64 -40.59
C MVA P 9 -26.64 -18.12 -37.23
O MVA P 9 -27.06 -19.26 -36.98
CCT O7D P 10 -25.33 -16.11 -36.59
CA O7D P 10 -25.34 -18.15 -35.09
CCW O7D P 10 -26.51 -18.28 -34.05
CCX O7D P 10 -27.28 -16.97 -33.91
CCY O7D P 10 -28.44 -16.70 -34.51
CDA O7D P 10 -27.85 -15.00 -33.30
CDB O7D P 10 -26.90 -15.94 -33.15
CDC O7D P 10 -25.83 -15.72 -32.36
CDD O7D P 10 -25.67 -14.53 -31.69
CDE O7D P 10 -26.66 -13.56 -31.84
CDF O7D P 10 -27.75 -13.82 -32.67
CDH O7D P 10 -23.72 -16.39 -31.62
C O7D P 10 -24.72 -19.41 -35.22
N O7D P 10 -25.81 -17.52 -36.35
NCZ O7D P 10 -28.80 -15.45 -34.13
ODG O7D P 10 -24.93 -16.74 -32.26
O O7D P 10 -24.57 -20.12 -34.21
N VAL P 11 -24.22 -19.86 -36.48
CA VAL P 11 -23.50 -21.20 -36.59
C VAL P 11 -22.25 -21.07 -37.24
N H14 P 12 -21.13 -21.81 -36.80
CA H14 P 12 -19.84 -21.59 -37.52
C H14 P 12 -19.75 -22.41 -38.69
CB H14 P 12 -18.59 -21.86 -36.65
OB H14 P 12 -18.79 -23.14 -36.01
CG H14 P 12 -18.28 -20.87 -35.71
CD1 H14 P 12 -17.71 -19.69 -36.13
CD2 H14 P 12 -18.48 -21.05 -34.35
CE1 H14 P 12 -17.38 -18.70 -35.23
CE2 H14 P 12 -18.14 -20.05 -33.45
CZ H14 P 12 -17.59 -18.86 -33.89
OXT H14 P 12 -20.19 -23.57 -38.72
N VAL P 13 -19.11 -21.90 -39.84
CA VAL P 13 -18.99 -22.71 -41.06
C VAL P 13 -17.74 -22.42 -41.60
N O7G Q 1 19.73 -36.88 -19.45
CA O7G Q 1 20.82 -37.53 -18.69
C O7G Q 1 20.39 -38.72 -17.85
O O7G Q 1 19.64 -38.60 -16.88
CB O7G Q 1 21.49 -36.52 -17.72
CAA O7G Q 1 18.64 -36.32 -18.65
CAB O7G Q 1 19.20 -37.87 -20.43
CAF O7G Q 1 21.97 -35.27 -18.49
CAG O7G Q 1 22.67 -37.19 -16.98
N VAL Q 2 21.00 -39.88 -18.19
CA VAL Q 2 20.85 -41.13 -17.40
C VAL Q 2 21.83 -40.94 -16.23
N WZJ Q 3 21.33 -40.92 -14.97
CA WZJ Q 3 22.30 -40.73 -13.89
C WZJ Q 3 22.65 -42.03 -13.12
O WZJ Q 3 21.81 -42.64 -12.48
CB WZJ Q 3 21.86 -39.65 -12.86
CN WZJ Q 3 19.90 -41.10 -14.71
CG2 WZJ Q 3 21.68 -38.36 -13.61
CG1 WZJ Q 3 22.95 -39.56 -11.78
CD1 WZJ Q 3 22.81 -38.28 -10.95
N THR Q 4 23.95 -42.39 -13.19
CA THR Q 4 24.56 -43.55 -12.47
C THR Q 4 25.39 -42.96 -11.46
N NZC Q 5 25.51 -43.45 -10.23
O NZC Q 5 27.77 -43.21 -7.63
OG1 NZC Q 5 25.47 -42.98 -7.01
C NZC Q 5 27.33 -43.42 -8.76
CA NZC Q 5 26.29 -42.66 -9.29
CB NZC Q 5 25.41 -42.10 -8.14
CG2 NZC Q 5 23.94 -42.05 -8.51
C40 NZC Q 5 24.85 -44.72 -9.76
N VAL Q 6 27.92 -44.42 -9.51
CA VAL Q 6 29.05 -45.17 -8.88
C VAL Q 6 30.23 -44.47 -9.22
N MLE Q 7 31.22 -44.27 -8.30
CN MLE Q 7 31.08 -44.79 -6.89
CA MLE Q 7 32.47 -43.48 -8.66
CB MLE Q 7 32.91 -42.57 -7.48
CG MLE Q 7 34.00 -41.56 -7.90
CD1 MLE Q 7 33.44 -40.44 -8.82
CD2 MLE Q 7 34.58 -40.89 -6.63
C MLE Q 7 33.51 -44.31 -9.11
O MLE Q 7 33.96 -45.25 -8.45
N VAL Q 8 34.08 -44.02 -10.38
CA VAL Q 8 35.12 -44.83 -11.05
C VAL Q 8 36.13 -44.02 -11.59
N MVA Q 9 37.42 -44.05 -11.15
CN MVA Q 9 37.83 -44.94 -10.02
CA MVA Q 9 38.43 -43.14 -11.75
CB MVA Q 9 38.73 -43.50 -13.22
CG1 MVA Q 9 40.10 -42.98 -13.69
CG2 MVA Q 9 38.68 -45.03 -13.36
C MVA Q 9 38.02 -41.79 -11.81
O MVA Q 9 38.13 -41.14 -12.85
CCT O7D Q 10 37.29 -41.85 -9.44
CA O7D Q 10 36.99 -39.78 -10.88
CCW O7D Q 10 38.12 -38.80 -11.17
CCX O7D Q 10 39.36 -39.09 -10.35
CCY O7D Q 10 40.44 -39.70 -10.85
CDA O7D Q 10 40.81 -39.20 -8.78
CDB O7D Q 10 39.58 -38.77 -9.08
CDC O7D Q 10 38.84 -38.16 -8.15
CDD O7D Q 10 39.34 -37.95 -6.86
CDE O7D Q 10 40.62 -38.40 -6.55
CDF O7D Q 10 41.34 -39.03 -7.56
CDH O7D Q 10 36.69 -37.46 -7.42
C O7D Q 10 35.97 -39.58 -11.86
N O7D Q 10 37.43 -41.18 -10.77
NCZ O7D Q 10 41.33 -39.76 -9.86
ODG O7D Q 10 37.58 -37.75 -8.52
O O7D Q 10 35.72 -38.45 -12.27
N VAL Q 11 35.23 -40.65 -12.37
CA VAL Q 11 34.08 -40.35 -13.24
C VAL Q 11 32.95 -41.05 -12.69
N H14 Q 12 31.74 -40.37 -12.65
CA H14 Q 12 30.55 -41.01 -12.11
C H14 Q 12 29.90 -41.68 -13.14
CB H14 Q 12 29.53 -40.01 -11.52
OB H14 Q 12 29.55 -38.83 -12.32
CG H14 Q 12 29.79 -39.71 -10.18
CD1 H14 Q 12 29.61 -40.69 -9.20
CD2 H14 Q 12 30.19 -38.43 -9.80
CE1 H14 Q 12 29.87 -40.37 -7.87
CE2 H14 Q 12 30.42 -38.12 -8.47
CZ H14 Q 12 30.26 -39.09 -7.51
OXT H14 Q 12 29.54 -41.08 -14.16
N VAL Q 13 29.59 -43.03 -12.98
CA VAL Q 13 28.82 -43.80 -13.98
C VAL Q 13 27.64 -44.23 -13.33
N O7G R 1 55.19 -44.82 3.28
CA O7G R 1 56.13 -45.09 2.25
C O7G R 1 55.45 -44.72 0.86
O O7G R 1 55.33 -43.53 0.57
CB O7G R 1 56.71 -46.50 2.20
CAA O7G R 1 54.03 -45.83 3.04
CAB O7G R 1 55.20 -45.00 4.67
CAF O7G R 1 57.38 -46.86 3.53
CAG O7G R 1 57.82 -46.52 1.14
N VAL R 2 55.00 -45.72 0.04
CA VAL R 2 54.37 -45.30 -1.25
C VAL R 2 52.85 -45.18 -1.06
N WZJ R 3 52.21 -44.09 -1.50
CA WZJ R 3 50.74 -43.91 -1.32
C WZJ R 3 50.15 -43.64 -2.71
O WZJ R 3 50.06 -42.50 -3.15
CB WZJ R 3 50.55 -42.88 -0.18
CN WZJ R 3 52.97 -43.00 -2.15
CG2 WZJ R 3 49.33 -43.34 0.67
CG1 WZJ R 3 50.41 -41.43 -0.64
CD1 WZJ R 3 48.97 -40.91 -0.55
N THR R 4 49.81 -44.76 -3.41
CA THR R 4 49.20 -44.71 -4.77
C THR R 4 48.06 -43.89 -4.75
N NZC R 5 47.71 -43.02 -5.73
O NZC R 5 44.70 -41.48 -6.81
OG1 NZC R 5 47.13 -40.04 -6.51
C NZC R 5 45.51 -42.37 -6.50
CA NZC R 5 46.50 -42.20 -5.52
CB NZC R 5 46.81 -40.70 -5.29
CG2 NZC R 5 48.02 -40.55 -4.37
C40 NZC R 5 48.47 -42.86 -7.00
N VAL R 6 45.36 -43.63 -7.08
CA VAL R 6 44.19 -43.90 -7.97
C VAL R 6 43.08 -44.07 -7.07
N MLE R 7 41.87 -43.48 -7.21
CN MLE R 7 41.56 -42.65 -8.38
CA MLE R 7 40.80 -43.68 -6.17
CB MLE R 7 40.02 -42.38 -6.02
CG MLE R 7 38.94 -42.47 -4.95
CD1 MLE R 7 39.49 -42.31 -3.51
CD2 MLE R 7 37.92 -41.33 -5.19
C MLE R 7 39.97 -44.73 -6.55
O MLE R 7 39.16 -44.56 -7.45
N VAL R 8 40.07 -45.99 -5.89
CA VAL R 8 39.24 -47.20 -6.25
C VAL R 8 38.21 -47.41 -5.33
N MVA R 9 36.93 -47.41 -5.73
CN MVA R 9 36.50 -47.22 -7.16
CA MVA R 9 35.81 -47.59 -4.71
CB MVA R 9 35.64 -49.07 -4.30
CG1 MVA R 9 34.14 -49.34 -4.09
CG2 MVA R 9 36.22 -50.03 -5.36
C MVA R 9 35.96 -46.77 -3.56
O MVA R 9 35.95 -47.24 -2.42
CCT O7D R 10 36.19 -44.79 -5.02
CA O7D R 10 36.39 -44.54 -2.49
CCW O7D R 10 35.19 -44.66 -1.53
CCX O7D R 10 33.87 -44.43 -2.28
CCY O7D R 10 33.08 -45.42 -2.61
CDA O7D R 10 32.19 -43.56 -3.28
CDB O7D R 10 33.35 -43.26 -2.68
CDC O7D R 10 33.75 -41.97 -2.59
CDD O7D R 10 32.97 -40.93 -3.10
CDE O7D R 10 31.76 -41.26 -3.72
CDF O7D R 10 31.38 -42.60 -3.80
CDH O7D R 10 35.48 -40.45 -2.02
C O7D R 10 37.57 -44.82 -1.80
N O7D R 10 36.17 -45.44 -3.67
NCZ O7D R 10 32.05 -44.89 -3.23
ODG O7D R 10 34.94 -41.78 -1.95
O O7D R 10 37.76 -44.36 -0.67
N VAL R 11 38.60 -45.58 -2.42
CA VAL R 11 39.84 -45.88 -1.65
C VAL R 11 40.97 -45.59 -2.38
N H14 R 12 42.02 -44.90 -1.74
CA H14 R 12 43.22 -44.62 -2.54
C H14 R 12 44.05 -45.77 -2.59
CB H14 R 12 44.07 -43.43 -2.03
OB H14 R 12 44.27 -43.55 -0.62
CG H14 R 12 43.45 -42.22 -2.32
CD1 H14 R 12 43.41 -41.76 -3.63
CD2 H14 R 12 42.84 -41.48 -1.31
CE1 H14 R 12 42.78 -40.57 -3.91
CE2 H14 R 12 42.19 -40.28 -1.60
CZ H14 R 12 42.18 -39.82 -2.91
OXT H14 R 12 44.26 -46.44 -1.60
N VAL R 13 44.66 -46.09 -3.80
CA VAL R 13 45.58 -47.22 -4.04
C VAL R 13 46.59 -46.66 -4.80
N O7G S 1 -39.18 -25.39 -16.06
CA O7G S 1 -40.34 -24.59 -16.53
C O7G S 1 -40.28 -24.13 -18.00
O O7G S 1 -39.34 -23.46 -18.43
CB O7G S 1 -40.49 -23.34 -15.65
CAA O7G S 1 -37.84 -24.93 -16.45
CAB O7G S 1 -39.36 -26.78 -16.56
CAF O7G S 1 -40.94 -23.75 -14.25
CAG O7G S 1 -41.50 -22.37 -16.28
N VAL S 2 -41.33 -24.50 -18.73
CA VAL S 2 -41.47 -24.10 -20.14
C VAL S 2 -41.84 -22.60 -20.11
N WZJ S 3 -41.07 -21.70 -20.76
CA WZJ S 3 -41.46 -20.29 -20.71
C WZJ S 3 -42.03 -19.83 -22.06
O WZJ S 3 -41.38 -19.91 -23.08
CB WZJ S 3 -40.27 -19.37 -20.33
CN WZJ S 3 -39.91 -22.15 -21.52
CG2 WZJ S 3 -39.77 -19.79 -18.96
CG1 WZJ S 3 -40.79 -17.93 -20.35
CD1 WZJ S 3 -39.79 -16.97 -19.67
N THR S 4 -43.26 -19.31 -22.01
CA THR S 4 -43.98 -18.76 -23.17
C THR S 4 -44.14 -17.41 -22.82
N NZC S 5 -44.04 -16.39 -23.70
O NZC S 5 -45.10 -12.96 -23.90
OG1 NZC S 5 -41.80 -15.24 -22.81
C NZC S 5 -45.13 -14.20 -23.85
CA NZC S 5 -44.13 -14.95 -23.25
CB NZC S 5 -42.72 -14.44 -23.58
CG2 NZC S 5 -42.43 -13.00 -23.21
C40 NZC S 5 -43.68 -16.69 -25.10
N VAL S 6 -46.29 -14.80 -24.29
CA VAL S 6 -47.32 -13.89 -24.80
C VAL S 6 -48.07 -13.47 -23.68
N MLE S 7 -48.49 -12.20 -23.53
CN MLE S 7 -48.25 -11.14 -24.57
CA MLE S 7 -49.23 -11.81 -22.30
CB MLE S 7 -48.88 -10.38 -21.90
CG MLE S 7 -49.50 -10.02 -20.55
CD1 MLE S 7 -48.86 -10.79 -19.38
CD2 MLE S 7 -49.28 -8.50 -20.37
C MLE S 7 -50.60 -11.98 -22.54
O MLE S 7 -51.11 -11.49 -23.54
N VAL S 8 -51.38 -12.72 -21.61
CA VAL S 8 -52.85 -12.95 -21.80
C VAL S 8 -53.64 -12.75 -20.65
N MVA S 9 -54.62 -11.82 -20.59
CN MVA S 9 -54.95 -10.89 -21.72
CA MVA S 9 -55.38 -11.64 -19.32
CB MVA S 9 -56.30 -12.84 -19.02
CG1 MVA S 9 -57.36 -12.47 -17.97
CG2 MVA S 9 -57.03 -13.31 -20.27
C MVA S 9 -54.53 -11.58 -18.20
O MVA S 9 -54.68 -12.32 -17.23
CCT O7D S 10 -53.17 -9.80 -19.23
CA O7D S 10 -52.63 -10.79 -16.96
CCW O7D S 10 -53.43 -10.36 -15.75
CCX O7D S 10 -54.31 -9.13 -15.87
CCY O7D S 10 -55.63 -9.22 -15.83
CDA O7D S 10 -55.06 -7.14 -15.98
CDB O7D S 10 -53.94 -7.85 -15.95
CDC O7D S 10 -52.75 -7.24 -16.01
CDD O7D S 10 -52.68 -5.85 -16.11
CDE O7D S 10 -53.85 -5.11 -16.14
CDF O7D S 10 -55.05 -5.80 -16.07
CDH O7D S 10 -50.45 -7.41 -16.47
C O7D S 10 -52.04 -12.02 -16.65
N O7D S 10 -53.47 -10.78 -18.16
NCZ O7D S 10 -56.09 -7.99 -15.90
ODG O7D S 10 -51.65 -8.05 -15.97
O O7D S 10 -51.55 -12.21 -15.53
N VAL S 11 -51.90 -13.06 -17.57
CA VAL S 11 -51.10 -14.27 -17.19
C VAL S 11 -50.19 -14.48 -18.26
N H14 S 12 -48.92 -15.08 -18.03
CA H14 S 12 -48.02 -15.31 -19.19
C H14 S 12 -48.12 -16.61 -19.70
CB H14 S 12 -46.52 -15.13 -18.86
OB H14 S 12 -46.27 -15.61 -17.52
CG H14 S 12 -46.11 -13.79 -19.01
CD1 H14 S 12 -45.97 -13.27 -20.30
CD2 H14 S 12 -45.82 -12.98 -17.91
CE1 H14 S 12 -45.56 -11.94 -20.48
CE2 H14 S 12 -45.43 -11.67 -18.11
CZ H14 S 12 -45.28 -11.13 -19.38
OXT H14 S 12 -48.12 -17.55 -18.92
N VAL S 13 -48.10 -16.84 -21.09
CA VAL S 13 -48.11 -18.20 -21.68
C VAL S 13 -47.03 -18.30 -22.59
N O7G T 1 -66.00 7.13 -24.81
CA O7G T 1 -65.27 6.96 -23.52
C O7G T 1 -65.61 5.71 -22.71
O O7G T 1 -65.38 5.63 -21.50
CB O7G T 1 -65.54 8.18 -22.61
CAA O7G T 1 -67.42 6.72 -24.85
CAB O7G T 1 -65.32 6.45 -25.95
CAF O7G T 1 -64.85 9.41 -23.19
CAG O7G T 1 -64.99 8.06 -21.17
N VAL T 2 -66.14 4.70 -23.34
CA VAL T 2 -66.37 3.48 -22.54
C VAL T 2 -64.89 2.95 -22.41
N WZJ T 3 -64.31 2.79 -21.19
CA WZJ T 3 -62.91 2.32 -21.12
C WZJ T 3 -62.82 1.01 -20.32
O WZJ T 3 -62.65 1.01 -19.09
CB WZJ T 3 -61.97 3.38 -20.47
CN WZJ T 3 -65.06 3.04 -19.94
CG2 WZJ T 3 -62.13 4.74 -21.19
CG1 WZJ T 3 -60.48 2.93 -20.57
CD1 WZJ T 3 -59.51 3.75 -19.67
N THR T 4 -62.91 -0.12 -21.07
CA THR T 4 -62.78 -1.46 -20.47
C THR T 4 -61.47 -1.55 -19.97
N NZC T 5 -61.14 -2.22 -18.83
O NZC T 5 -58.50 -4.04 -17.54
OG1 NZC T 5 -59.66 -2.37 -15.98
C NZC T 5 -59.22 -3.59 -18.44
CA NZC T 5 -59.69 -2.27 -18.43
CB NZC T 5 -59.37 -1.54 -17.11
CG2 NZC T 5 -60.21 -0.25 -17.05
C40 NZC T 5 -62.15 -2.93 -17.98
N VAL T 6 -59.61 -4.39 -19.50
CA VAL T 6 -59.14 -5.77 -19.76
C VAL T 6 -57.99 -5.57 -20.55
N MLE T 7 -56.81 -6.22 -20.31
CN MLE T 7 -56.64 -7.25 -19.23
CA MLE T 7 -55.63 -5.99 -21.18
CB MLE T 7 -54.35 -6.02 -20.35
CG MLE T 7 -53.20 -5.40 -21.14
CD1 MLE T 7 -53.28 -3.87 -21.17
CD2 MLE T 7 -51.88 -5.77 -20.45
C MLE T 7 -55.62 -6.98 -22.17
O MLE T 7 -55.52 -8.17 -21.86
N VAL T 8 -55.82 -6.62 -23.53
CA VAL T 8 -55.85 -7.63 -24.63
C VAL T 8 -54.76 -7.32 -25.43
N MVA T 9 -53.80 -8.19 -25.82
CN MVA T 9 -53.83 -9.64 -25.49
CA MVA T 9 -52.61 -7.71 -26.61
CB MVA T 9 -52.93 -7.56 -28.12
CG1 MVA T 9 -51.68 -7.34 -28.94
CG2 MVA T 9 -53.61 -8.83 -28.60
C MVA T 9 -52.02 -6.49 -26.17
O MVA T 9 -51.95 -5.50 -26.91
CCT O7D T 10 -51.54 -7.46 -23.95
CA O7D T 10 -50.93 -5.03 -24.55
CCW O7D T 10 -49.56 -4.77 -25.24
CCX O7D T 10 -48.60 -5.97 -25.13
CCY O7D T 10 -48.42 -6.89 -26.07
CDA O7D T 10 -47.16 -7.38 -24.37
CDB O7D T 10 -47.83 -6.25 -24.07
CDC O7D T 10 -47.65 -5.65 -22.90
CDD O7D T 10 -46.78 -6.14 -21.96
CDE O7D T 10 -46.10 -7.29 -22.28
CDF O7D T 10 -46.31 -7.91 -23.51
CDH O7D T 10 -48.51 -4.09 -21.34
C O7D T 10 -51.78 -3.90 -24.73
N O7D T 10 -51.53 -6.34 -24.94
NCZ O7D T 10 -47.52 -7.77 -25.61
ODG O7D T 10 -48.40 -4.50 -22.71
O O7D T 10 -51.31 -2.77 -24.61
N VAL T 11 -53.18 -4.02 -24.98
CA VAL T 11 -54.03 -2.78 -25.06
C VAL T 11 -55.17 -2.89 -24.20
N H14 T 12 -55.68 -1.74 -23.60
CA H14 T 12 -56.82 -1.89 -22.69
C H14 T 12 -58.04 -1.86 -23.39
CB H14 T 12 -56.88 -0.82 -21.59
OB H14 T 12 -56.60 0.50 -22.11
CG H14 T 12 -56.01 -1.09 -20.52
CD1 H14 T 12 -56.23 -2.17 -19.69
CD2 H14 T 12 -54.93 -0.24 -20.28
CE1 H14 T 12 -55.37 -2.41 -18.62
CE2 H14 T 12 -54.05 -0.48 -19.23
CZ H14 T 12 -54.27 -1.57 -18.39
OXT H14 T 12 -58.35 -0.95 -24.16
N VAL T 13 -58.95 -2.85 -23.17
CA VAL T 13 -60.27 -2.90 -23.84
C VAL T 13 -61.16 -3.08 -22.80
N O7G U 1 7.92 1.48 38.76
CA O7G U 1 9.31 1.76 38.31
C O7G U 1 9.48 3.18 37.68
O O7G U 1 8.77 3.57 36.75
CB O7G U 1 9.72 0.63 37.33
CAA O7G U 1 6.92 2.03 37.83
CAB O7G U 1 7.77 2.00 40.15
CAF O7G U 1 10.32 -0.55 38.11
CAG O7G U 1 10.74 1.11 36.30
N VAL U 2 10.49 3.90 38.25
CA VAL U 2 10.88 5.27 37.84
C VAL U 2 12.32 5.21 37.20
N WZJ U 3 12.49 4.77 35.91
CA WZJ U 3 13.86 4.74 35.27
C WZJ U 3 13.84 6.08 34.50
O WZJ U 3 13.00 6.33 33.63
CB WZJ U 3 14.19 3.55 34.40
CN WZJ U 3 11.30 4.49 35.07
CG2 WZJ U 3 13.89 2.29 35.22
CG1 WZJ U 3 15.71 3.54 34.08
CD1 WZJ U 3 15.98 4.02 32.65
N THR U 4 14.70 6.98 34.93
CA THR U 4 14.76 8.39 34.44
C THR U 4 15.54 8.41 33.36
N NZC U 5 15.27 9.33 32.41
O NZC U 5 17.22 10.56 29.73
OG1 NZC U 5 15.60 8.02 29.09
C NZC U 5 16.79 10.36 30.85
CA NZC U 5 16.03 9.27 31.13
CB NZC U 5 14.96 8.92 30.03
CG2 NZC U 5 14.36 10.14 29.32
C40 NZC U 5 14.25 10.42 32.58
N VAL U 6 17.20 11.17 31.89
CA VAL U 6 18.14 12.28 31.63
C VAL U 6 19.42 11.68 31.79
N MLE U 7 20.45 11.92 30.97
CN MLE U 7 20.39 12.93 29.87
CA MLE U 7 21.72 11.20 31.22
CB MLE U 7 22.36 10.93 29.87
CG MLE U 7 23.53 9.97 30.01
CD1 MLE U 7 23.03 8.53 30.13
CD2 MLE U 7 24.38 10.07 28.74
C MLE U 7 22.52 12.03 31.98
O MLE U 7 22.67 13.18 31.61
N VAL U 8 23.11 11.56 33.21
CA VAL U 8 24.00 12.49 33.99
C VAL U 8 25.23 11.85 34.12
N MVA U 9 26.42 12.42 33.82
CN MVA U 9 26.53 13.80 33.30
CA MVA U 9 27.71 11.66 33.87
CB MVA U 9 28.35 11.62 35.25
CG1 MVA U 9 29.73 10.97 35.19
CG2 MVA U 9 28.52 13.07 35.70
C MVA U 9 27.59 10.35 33.36
O MVA U 9 27.78 9.38 34.05
CCT O7D U 10 26.98 11.27 31.14
CA O7D U 10 27.13 8.73 31.60
CCW O7D U 10 28.54 8.05 31.52
CCX O7D U 10 29.56 8.94 30.79
CCY O7D U 10 30.42 9.75 31.41
CDA O7D U 10 30.73 9.96 29.28
CDB O7D U 10 29.74 9.06 29.45
CDC O7D U 10 29.16 8.47 28.40
CDD O7D U 10 29.56 8.78 27.10
CDE O7D U 10 30.57 9.72 26.94
CDF O7D U 10 31.16 10.30 28.06
CDH O7D U 10 27.17 7.51 27.66
C O7D U 10 26.22 7.91 32.30
N O7D U 10 27.24 10.13 32.08
NCZ O7D U 10 31.14 10.37 30.48
ODG O7D U 10 28.16 7.59 28.69
O O7D U 10 26.05 6.74 31.92
N VAL U 11 25.41 8.34 33.36
CA VAL U 11 24.40 7.37 33.92
C VAL U 11 23.07 7.85 33.71
N H14 U 12 22.07 6.96 33.38
CA H14 U 12 20.68 7.47 33.18
C H14 U 12 20.12 7.70 34.47
CB H14 U 12 19.74 6.58 32.35
OB H14 U 12 19.86 5.20 32.74
CG H14 U 12 19.97 6.69 30.98
CD1 H14 U 12 19.50 7.80 30.29
CD2 H14 U 12 20.66 5.69 30.28
CE1 H14 U 12 19.69 7.91 28.91
CE2 H14 U 12 20.87 5.81 28.91
CZ H14 U 12 20.38 6.93 28.22
OXT H14 U 12 20.42 7.03 35.46
N VAL U 13 19.18 8.70 34.64
CA VAL U 13 18.62 9.05 35.97
C VAL U 13 17.37 9.54 35.75
N O7G V 1 37.49 25.64 16.41
CA O7G V 1 36.57 25.57 17.55
C O7G V 1 37.20 24.92 18.81
O O7G V 1 38.04 24.02 18.77
CB O7G V 1 35.30 24.74 17.25
CAA O7G V 1 38.88 25.90 16.84
CAB O7G V 1 37.18 26.77 15.51
CAF O7G V 1 35.43 23.30 17.80
CAG O7G V 1 34.95 24.61 15.76
N VAL V 2 36.75 25.38 19.98
CA VAL V 2 37.30 24.85 21.25
C VAL V 2 36.67 23.47 21.49
N WZJ V 3 37.51 22.42 21.73
CA WZJ V 3 36.93 21.12 21.99
C WZJ V 3 37.08 20.76 23.48
O WZJ V 3 38.17 20.62 23.99
CB WZJ V 3 37.55 20.04 21.06
CN WZJ V 3 38.96 22.59 21.74
CG2 WZJ V 3 37.29 20.50 19.62
CG1 WZJ V 3 36.94 18.67 21.39
CD1 WZJ V 3 36.04 18.11 20.29
N THR V 4 35.93 20.64 24.14
CA THR V 4 35.77 20.21 25.53
C THR V 4 35.10 18.98 25.38
N NZC V 5 35.39 17.93 26.17
O NZC V 5 33.99 14.83 27.10
OG1 NZC V 5 35.81 15.21 24.19
C NZC V 5 34.13 16.04 26.98
CA NZC V 5 34.79 16.60 25.92
CB NZC V 5 36.07 15.87 25.43
CG2 NZC V 5 36.61 14.90 26.47
C40 NZC V 5 36.44 18.01 27.22
N VAL V 6 33.43 16.83 27.87
CA VAL V 6 32.66 16.14 28.93
C VAL V 6 31.32 16.02 28.53
N MLE V 7 30.62 14.88 28.71
CN MLE V 7 31.21 13.70 29.43
CA MLE V 7 29.22 14.83 28.20
CB MLE V 7 28.58 13.46 28.03
CG MLE V 7 28.03 13.15 26.63
CD1 MLE V 7 27.18 11.85 26.76
CD2 MLE V 7 27.21 14.28 26.00
C MLE V 7 28.41 15.47 29.16
O MLE V 7 28.40 15.04 30.32
N VAL V 8 27.54 16.52 28.76
CA VAL V 8 26.61 17.19 29.71
C VAL V 8 25.26 17.17 29.27
N MVA V 9 24.41 16.24 29.74
CN MVA V 9 24.81 15.18 30.71
CA MVA V 9 22.98 16.23 29.26
CB MVA V 9 22.23 17.38 29.96
CG1 MVA V 9 20.77 17.36 29.57
CG2 MVA V 9 22.37 17.17 31.47
C MVA V 9 22.94 16.32 27.87
O MVA V 9 22.47 17.30 27.30
CCT O7D V 10 23.92 14.06 27.78
CA O7D V 10 23.38 15.31 25.71
CCW O7D V 10 21.94 15.30 25.19
CCX O7D V 10 21.02 14.24 25.77
CCY O7D V 10 19.92 14.63 26.41
CDA O7D V 10 19.96 12.47 26.34
CDB O7D V 10 21.07 12.89 25.70
CDC O7D V 10 21.90 11.98 25.17
CDD O7D V 10 21.65 10.61 25.31
CDE O7D V 10 20.52 10.19 25.98
CDF O7D V 10 19.67 11.17 26.50
CDH O7D V 10 23.97 11.40 24.13
C O7D V 10 24.10 16.34 25.06
N O7D V 10 23.41 15.30 27.16
NCZ O7D V 10 19.28 13.53 26.77
ODG O7D V 10 23.02 12.43 24.53
O O7D V 10 24.02 16.43 23.84
N VAL V 11 24.96 17.24 25.72
CA VAL V 11 25.73 18.12 24.81
C VAL V 11 27.11 18.01 25.15
N H14 V 12 28.12 18.20 24.20
CA H14 V 12 29.52 18.16 24.70
C H14 V 12 29.98 19.46 25.04
CB H14 V 12 30.56 17.59 23.70
OB H14 V 12 30.32 18.06 22.36
CG H14 V 12 30.58 16.18 23.76
CD1 H14 V 12 30.03 15.41 22.75
CD2 H14 V 12 31.19 15.54 24.85
CE1 H14 V 12 30.06 14.02 22.81
CE2 H14 V 12 31.21 14.16 24.92
CZ H14 V 12 30.65 13.39 23.90
OXT H14 V 12 29.62 20.45 24.40
N VAL V 13 30.86 19.62 26.12
CA VAL V 13 31.48 20.93 26.56
C VAL V 13 32.85 20.60 26.75
N O7G W 1 3.36 37.03 -20.70
CA O7G W 1 2.14 37.06 -19.85
C O7G W 1 2.44 36.97 -18.35
O O7G W 1 2.67 35.89 -17.78
CB O7G W 1 1.21 35.92 -20.32
CAA O7G W 1 4.60 36.71 -19.94
CAB O7G W 1 3.54 38.31 -21.40
CAF O7G W 1 0.52 36.34 -21.64
CAG O7G W 1 0.16 35.59 -19.27
N VAL W 2 2.39 38.16 -17.74
CA VAL W 2 2.59 38.35 -16.28
C VAL W 2 1.34 37.90 -15.52
N WZJ W 3 1.35 36.87 -14.62
CA WZJ W 3 0.09 36.50 -13.94
C WZJ W 3 0.33 36.17 -12.47
O WZJ W 3 0.36 34.99 -12.12
CB WZJ W 3 -0.51 35.27 -14.63
CN WZJ W 3 2.57 36.09 -14.37
CG2 WZJ W 3 -0.26 35.33 -16.15
CG1 WZJ W 3 -2.03 35.22 -14.42
CD1 WZJ W 3 -2.37 34.36 -13.19
N THR W 4 0.46 37.22 -11.64
CA THR W 4 0.71 37.09 -10.19
C THR W 4 -0.40 36.60 -9.49
N NZC W 5 -0.28 35.90 -8.32
O NZC W 5 -2.63 35.29 -5.70
OG1 NZC W 5 -2.57 33.15 -7.98
C NZC W 5 -1.79 35.87 -6.41
CA NZC W 5 -1.49 35.36 -7.68
CB NZC W 5 -1.32 33.81 -7.68
CG2 NZC W 5 -0.82 33.27 -6.32
C40 NZC W 5 1.04 35.55 -7.72
N VAL W 6 -1.28 37.11 -5.93
CA VAL W 6 -1.83 37.53 -4.60
C VAL W 6 -3.14 38.07 -4.85
N MLE W 7 -4.16 37.93 -4.00
CN MLE W 7 -3.99 37.22 -2.69
CA MLE W 7 -5.51 38.49 -4.33
CB MLE W 7 -6.55 37.52 -3.76
CG MLE W 7 -7.94 37.85 -4.25
CD1 MLE W 7 -8.08 37.67 -5.76
CD2 MLE W 7 -8.92 36.90 -3.56
C MLE W 7 -5.62 39.72 -3.73
O MLE W 7 -5.67 39.79 -2.53
N VAL W 8 -5.63 40.92 -4.47
CA VAL W 8 -5.73 42.28 -3.80
C VAL W 8 -7.00 42.81 -4.00
N MVA W 9 -7.82 43.16 -2.96
CN MVA W 9 -7.36 43.03 -1.55
CA MVA W 9 -9.25 43.68 -3.22
CB MVA W 9 -9.19 45.20 -3.55
CG1 MVA W 9 -10.55 45.88 -3.47
CG2 MVA W 9 -8.25 45.91 -2.58
C MVA W 9 -9.94 42.95 -4.23
O MVA W 9 -10.40 43.51 -5.23
CCT O7D W 10 -9.49 40.89 -2.97
CA O7D W 10 -10.73 40.79 -5.18
CCW O7D W 10 -12.23 41.20 -5.26
CCX O7D W 10 -12.97 41.25 -3.90
CCY O7D W 10 -13.23 42.38 -3.28
CDA O7D W 10 -14.09 40.77 -2.11
CDB O7D W 10 -13.50 40.23 -3.19
CDC O7D W 10 -13.53 38.89 -3.35
CDD O7D W 10 -14.16 38.06 -2.44
CDE O7D W 10 -14.76 38.63 -1.32
CDF O7D W 10 -14.71 40.01 -1.18
CDH O7D W 10 -12.98 37.01 -4.66
C O7D W 10 -10.09 40.80 -6.46
N O7D W 10 -10.04 41.61 -4.15
NCZ O7D W 10 -13.91 42.09 -2.16
ODG O7D W 10 -12.92 38.42 -4.49
O O7D W 10 -10.65 40.34 -7.47
N VAL W 11 -8.75 41.24 -6.61
CA VAL W 11 -8.13 41.11 -7.97
C VAL W 11 -6.89 40.44 -7.89
N H14 W 12 -6.51 39.62 -8.95
CA H14 W 12 -5.20 38.95 -8.88
C H14 W 12 -4.20 39.82 -9.35
CB H14 W 12 -5.11 37.66 -9.73
OB H14 W 12 -5.71 37.87 -11.02
CG H14 W 12 -5.75 36.63 -9.05
CD1 H14 W 12 -5.14 36.07 -7.94
CD2 H14 W 12 -7.00 36.17 -9.47
CE1 H14 W 12 -5.77 35.05 -7.23
CE2 H14 W 12 -7.63 35.14 -8.77
CZ H14 W 12 -7.02 34.59 -7.64
OXT H14 W 12 -4.37 40.47 -10.39
N VAL W 13 -3.01 39.82 -8.67
CA VAL W 13 -1.81 40.61 -9.07
C VAL W 13 -0.77 39.73 -8.87
N O7G X 1 -17.46 36.56 18.49
CA O7G X 1 -16.61 36.86 17.31
C O7G X 1 -16.98 38.18 16.64
O O7G X 1 -18.11 38.37 16.17
CB O7G X 1 -16.70 35.75 16.24
CAA O7G X 1 -18.82 36.08 18.16
CAB O7G X 1 -17.60 37.77 19.33
CAF O7G X 1 -16.27 34.38 16.84
CAG O7G X 1 -15.84 36.05 14.99
N VAL X 2 -15.96 39.08 16.56
CA VAL X 2 -16.10 40.36 15.81
C VAL X 2 -15.94 39.97 14.32
N WZJ X 3 -16.88 40.35 13.45
CA WZJ X 3 -16.72 39.98 12.05
C WZJ X 3 -16.63 41.21 11.16
O WZJ X 3 -17.57 41.99 11.06
CB WZJ X 3 -17.93 39.12 11.63
CN WZJ X 3 -18.03 41.12 13.92
CG2 WZJ X 3 -17.75 37.77 12.29
CG1 WZJ X 3 -18.02 39.04 10.10
CD1 WZJ X 3 -18.68 37.75 9.62
N THR X 4 -15.47 41.27 10.46
CA THR X 4 -15.11 42.29 9.44
C THR X 4 -15.13 41.58 8.20
N NZC X 5 -15.64 42.15 7.07
O NZC X 5 -15.23 41.53 3.62
OG1 NZC X 5 -17.79 42.36 4.88
C NZC X 5 -14.99 41.79 4.80
CA NZC X 5 -15.74 41.30 5.85
CB NZC X 5 -17.23 41.12 5.42
CG2 NZC X 5 -18.06 40.66 6.64
C40 NZC X 5 -16.20 43.53 7.03
N VAL X 6 -13.85 42.52 5.07
CA VAL X 6 -13.07 42.89 3.87
C VAL X 6 -12.19 41.80 3.61
N MLE X 7 -11.84 41.45 2.34
CN MLE X 7 -12.40 42.18 1.16
CA MLE X 7 -10.90 40.30 2.10
CB MLE X 7 -11.33 39.46 0.92
CG MLE X 7 -10.49 38.17 0.78
CD1 MLE X 7 -10.82 37.15 1.88
CD2 MLE X 7 -10.78 37.58 -0.61
C MLE X 7 -9.61 40.80 1.95
O MLE X 7 -9.33 41.62 1.08
N VAL X 8 -8.62 40.37 2.87
CA VAL X 8 -7.22 40.86 2.86
C VAL X 8 -6.36 39.77 2.62
N MVA X 9 -5.91 39.49 1.40
CN MVA X 9 -6.28 40.29 0.21
CA MVA X 9 -5.00 38.30 1.19
CB MVA X 9 -3.58 38.64 1.68
CG1 MVA X 9 -2.60 37.64 1.08
CG2 MVA X 9 -3.21 40.05 1.27
C MVA X 9 -5.47 37.13 1.85
O MVA X 9 -4.89 36.67 2.82
CCT O7D X 10 -7.26 36.98 0.17
CA O7D X 10 -7.07 35.27 2.03
CCW O7D X 10 -6.20 34.05 1.68
CCX O7D X 10 -5.55 34.07 0.28
CCY O7D X 10 -4.26 34.32 0.11
CDA O7D X 10 -5.14 33.89 -1.83
CDB O7D X 10 -6.10 33.79 -0.90
CDC O7D X 10 -7.34 33.49 -1.29
CDD O7D X 10 -7.62 33.25 -2.63
CDE O7D X 10 -6.62 33.36 -3.56
CDF O7D X 10 -5.36 33.69 -3.11
CDH O7D X 10 -9.65 33.57 -0.74
C O7D X 10 -7.34 35.33 3.42
N O7D X 10 -6.56 36.50 1.40
NCZ O7D X 10 -4.02 34.22 -1.19
ODG O7D X 10 -8.28 33.41 -0.30
O O7D X 10 -7.68 34.29 4.02
N VAL X 11 -7.37 36.53 4.16
CA VAL X 11 -7.92 36.46 5.54
C VAL X 11 -8.97 37.44 5.65
N H14 X 12 -10.14 37.13 6.39
CA H14 X 12 -11.22 38.12 6.49
C H14 X 12 -11.01 38.94 7.63
CB H14 X 12 -12.63 37.52 6.60
OB H14 X 12 -12.63 36.30 7.34
CG H14 X 12 -13.19 37.26 5.34
CD1 H14 X 12 -13.59 38.32 4.52
CD2 H14 X 12 -13.38 35.96 4.89
CE1 H14 X 12 -14.14 38.06 3.28
CE2 H14 X 12 -13.93 35.70 3.65
CZ H14 X 12 -14.33 36.76 2.84
OXT H14 X 12 -10.80 38.48 8.75
N VAL X 13 -11.09 40.31 7.50
CA VAL X 13 -10.93 41.21 8.64
C VAL X 13 -12.07 42.05 8.64
N O7G Y 1 -33.71 44.05 -14.35
CA O7G Y 1 -34.01 44.69 -13.06
C O7G Y 1 -32.77 45.27 -12.36
O O7G Y 1 -31.86 44.56 -11.94
CB O7G Y 1 -34.69 43.68 -12.09
CAA O7G Y 1 -32.62 43.08 -14.28
CAB O7G Y 1 -33.34 45.10 -15.32
CAF O7G Y 1 -35.84 42.93 -12.77
CAG O7G Y 1 -35.23 44.40 -10.85
N VAL Y 2 -32.78 46.61 -12.23
CA VAL Y 2 -31.71 47.35 -11.51
C VAL Y 2 -32.05 47.13 -10.05
N WZJ Y 3 -31.15 46.52 -9.24
CA WZJ Y 3 -31.57 46.32 -7.85
C WZJ Y 3 -30.90 47.32 -6.90
O WZJ Y 3 -29.67 47.43 -6.86
CB WZJ Y 3 -31.32 44.89 -7.31
CN WZJ Y 3 -29.85 46.06 -9.72
CG2 WZJ Y 3 -32.29 43.95 -8.02
CG1 WZJ Y 3 -31.56 44.91 -5.80
CD1 WZJ Y 3 -31.74 43.50 -5.25
N THR Y 4 -31.75 48.00 -6.13
CA THR Y 4 -31.27 48.97 -5.13
C THR Y 4 -31.66 48.50 -3.85
N NZC Y 5 -30.81 48.57 -2.81
O NZC Y 5 -31.66 48.45 0.69
OG1 NZC Y 5 -30.56 45.82 -0.68
C NZC Y 5 -31.59 48.86 -0.47
CA NZC Y 5 -31.23 47.99 -1.49
CB NZC Y 5 -30.02 47.09 -1.04
CG2 NZC Y 5 -29.15 47.67 0.11
C40 NZC Y 5 -29.39 48.96 -2.83
N VAL Y 6 -31.90 50.19 -0.67
CA VAL Y 6 -32.29 51.02 0.54
C VAL Y 6 -33.64 50.81 0.81
N MLE Y 7 -34.07 50.60 2.07
CN MLE Y 7 -33.26 50.86 3.26
CA MLE Y 7 -35.53 50.46 2.23
CB MLE Y 7 -35.89 49.55 3.41
CG MLE Y 7 -37.22 48.81 3.20
CD1 MLE Y 7 -37.65 48.34 4.61
CD2 MLE Y 7 -38.32 49.68 2.63
C MLE Y 7 -35.99 51.75 2.52
O MLE Y 7 -35.48 52.49 3.36
N VAL Y 8 -37.07 52.24 1.89
CA VAL Y 8 -37.57 53.62 2.20
C VAL Y 8 -38.89 53.38 2.09
N MVA Y 9 -39.83 53.82 2.99
CN MVA Y 9 -39.62 54.85 3.99
CA MVA Y 9 -41.31 53.54 2.82
CB MVA Y 9 -41.91 54.58 1.79
CG1 MVA Y 9 -42.64 55.62 2.63
CG2 MVA Y 9 -40.72 55.06 1.02
C MVA Y 9 -41.69 52.29 2.37
O MVA Y 9 -42.24 52.14 1.29
CCT O7D Y 10 -41.06 51.05 4.43
CA O7D Y 10 -41.98 49.94 2.43
CCW O7D Y 10 -43.48 49.89 2.65
CCX O7D Y 10 -44.01 50.14 4.07
CCY O7D Y 10 -44.90 51.13 4.29
CDA O7D Y 10 -44.55 50.10 6.15
CDB O7D Y 10 -43.79 49.47 5.22
CDC O7D Y 10 -43.03 48.45 5.62
CDD O7D Y 10 -43.01 48.01 6.94
CDE O7D Y 10 -43.81 48.66 7.86
CDF O7D Y 10 -44.58 49.71 7.42
CDH O7D Y 10 -42.83 46.67 4.17
C O7D Y 10 -41.73 49.67 1.08
N O7D Y 10 -41.46 51.18 3.04
NCZ O7D Y 10 -45.21 51.10 5.58
ODG O7D Y 10 -42.21 47.81 4.74
O O7D Y 10 -42.31 48.75 0.51
N VAL Y 11 -40.80 50.38 0.34
CA VAL Y 11 -40.46 49.91 -1.01
C VAL Y 11 -39.06 49.98 -1.09
N H14 Y 12 -38.39 49.03 -1.88
CA H14 Y 12 -36.95 49.07 -1.99
C H14 Y 12 -36.52 49.77 -3.12
CB H14 Y 12 -36.33 47.64 -2.12
OB H14 Y 12 -37.17 46.78 -2.93
CG H14 Y 12 -36.03 46.95 -0.91
CD1 H14 Y 12 -34.98 47.40 -0.10
CD2 H14 Y 12 -36.70 45.80 -0.53
CE1 H14 Y 12 -34.65 46.72 1.08
CE2 H14 Y 12 -36.37 45.11 0.64
CZ H14 Y 12 -35.34 45.57 1.45
OXT H14 Y 12 -36.89 49.44 -4.25
N VAL Y 13 -35.58 50.79 -3.01
CA VAL Y 13 -35.00 51.40 -4.21
C VAL Y 13 -33.62 50.99 -4.21
N O7G Z 1 -45.85 56.38 25.51
CA O7G Z 1 -45.86 57.76 25.17
C O7G Z 1 -46.20 57.95 23.64
O O7G Z 1 -47.37 58.00 23.28
CB O7G Z 1 -44.58 58.53 25.50
CAA O7G Z 1 -44.71 55.72 24.68
CAB O7G Z 1 -45.48 55.72 26.70
CAF O7G Z 1 -44.32 58.56 27.02
CAG O7G Z 1 -44.76 60.01 25.09
N VAL Z 2 -45.16 58.05 22.76
CA VAL Z 2 -45.42 58.27 21.33
C VAL Z 2 -45.31 56.94 20.52
N WZJ Z 3 -46.41 56.43 19.90
CA WZJ Z 3 -46.26 55.20 19.09
C WZJ Z 3 -46.70 55.45 17.61
O WZJ Z 3 -47.84 55.19 17.25
CB WZJ Z 3 -47.01 53.99 19.71
CN WZJ Z 3 -47.72 57.09 19.99
CG2 WZJ Z 3 -46.60 53.84 21.18
CG1 WZJ Z 3 -46.63 52.75 18.88
CD1 WZJ Z 3 -46.60 51.45 19.70
N THR Z 4 -45.74 55.95 16.78
CA THR Z 4 -45.93 56.23 15.33
C THR Z 4 -45.57 55.09 14.58
N NZC Z 5 -46.14 54.80 13.39
O NZC Z 5 -45.38 52.71 10.57
OG1 NZC Z 5 -46.58 51.22 12.66
C NZC Z 5 -45.31 53.64 11.38
CA NZC Z 5 -45.76 53.52 12.70
CB NZC Z 5 -47.00 52.58 12.75
CG2 NZC Z 5 -47.97 52.82 11.59
C40 NZC Z 5 -47.16 55.71 12.82
N VAL Z 6 -44.70 54.82 10.98
CA VAL Z 6 -44.19 54.90 9.60
C VAL Z 6 -42.90 54.34 9.65
N MLE Z 7 -42.45 53.40 8.79
CN MLE Z 7 -43.29 52.88 7.66
CA MLE Z 7 -41.06 52.92 8.89
CB MLE Z 7 -40.94 51.48 8.40
CG MLE Z 7 -39.64 50.85 8.93
CD1 MLE Z 7 -39.73 50.49 10.41
CD2 MLE Z 7 -39.39 49.57 8.15
C MLE Z 7 -40.22 53.78 8.13
O MLE Z 7 -40.40 54.07 6.94
N VAL Z 8 -39.15 54.38 8.79
CA VAL Z 8 -38.20 55.31 8.13
C VAL Z 8 -36.92 54.83 8.40
N MVA Z 9 -36.02 54.49 7.44
CN MVA Z 9 -36.29 54.68 5.99
CA MVA Z 9 -34.67 53.96 7.84
CB MVA Z 9 -33.84 55.17 8.34
CG1 MVA Z 9 -32.38 54.78 8.34
CG2 MVA Z 9 -34.01 56.31 7.36
C MVA Z 9 -34.70 52.91 8.79
O MVA Z 9 -34.04 52.94 9.84
CCT O7D Z 10 -36.28 51.69 7.32
CA O7D Z 10 -35.52 50.72 9.51
CCW O7D Z 10 -34.14 50.00 9.65
CCX O7D Z 10 -33.56 49.55 8.31
CCY O7D Z 10 -32.56 50.17 7.69
CDA O7D Z 10 -33.14 48.46 6.51
CDB O7D Z 10 -33.93 48.49 7.59
CDC O7D Z 10 -34.87 47.57 7.76
CDD O7D Z 10 -35.05 46.57 6.82
CDE O7D Z 10 -34.23 46.55 5.70
CDF O7D Z 10 -33.26 47.53 5.57
CDH O7D Z 10 -36.76 46.79 9.02
C O7D Z 10 -35.97 51.06 10.81
N O7D Z 10 -35.45 51.82 8.55
NCZ O7D Z 10 -32.32 49.50 6.58
ODG O7D Z 10 -35.63 47.69 8.91
O O7D Z 10 -35.78 50.29 11.75
N VAL Z 11 -36.73 52.24 11.08
CA VAL Z 11 -37.23 52.50 12.48
C VAL Z 11 -38.55 53.01 12.46
N H14 Z 12 -39.49 52.57 13.37
CA H14 Z 12 -40.83 53.12 13.20
C H14 Z 12 -40.92 54.41 13.73
CB H14 Z 12 -41.94 52.28 13.81
OB H14 Z 12 -41.68 52.08 15.22
CG H14 Z 12 -42.09 51.03 13.23
CD1 H14 Z 12 -42.88 50.94 12.10
CD2 H14 Z 12 -41.53 49.90 13.79
CE1 H14 Z 12 -43.09 49.71 11.51
CE2 H14 Z 12 -41.74 48.66 13.20
CZ H14 Z 12 -42.52 48.58 12.05
OXT H14 Z 12 -40.23 54.80 14.68
N VAL Z 13 -41.78 55.30 13.14
CA VAL Z 13 -41.88 56.67 13.64
C VAL Z 13 -43.21 57.05 13.59
N O7G AA 1 -30.61 -24.42 19.31
CA O7G AA 1 -29.18 -24.33 19.68
C O7G AA 1 -28.98 -23.89 21.12
O O7G AA 1 -29.35 -22.78 21.47
CB O7G AA 1 -28.45 -23.33 18.78
CAA O7G AA 1 -31.40 -23.23 19.69
CAB O7G AA 1 -31.19 -25.61 19.98
CAF O7G AA 1 -28.50 -23.82 17.35
CAG O7G AA 1 -26.99 -23.15 19.19
N VAL AA 2 -28.37 -24.75 21.94
CA VAL AA 2 -28.04 -24.36 23.34
C VAL AA 2 -26.86 -23.39 23.12
N WZJ AA 3 -26.92 -22.14 23.61
CA WZJ AA 3 -25.81 -21.23 23.36
C WZJ AA 3 -25.09 -20.99 24.67
O WZJ AA 3 -25.64 -20.33 25.58
CB WZJ AA 3 -26.31 -19.87 22.72
CN WZJ AA 3 -28.05 -21.69 24.46
CG2 WZJ AA 3 -26.93 -20.20 21.36
CG1 WZJ AA 3 -25.15 -18.89 22.66
CD1 WZJ AA 3 -25.01 -18.14 21.35
N THR AA 4 -23.88 -21.56 24.68
CA THR AA 4 -22.89 -21.42 25.78
C THR AA 4 -21.95 -20.51 25.23
N NZC AA 5 -21.34 -19.58 25.99
O NZC AA 5 -18.43 -17.56 25.88
OG1 NZC AA 5 -21.08 -16.52 24.30
C NZC AA 5 -19.12 -18.58 25.92
CA NZC AA 5 -20.40 -18.61 25.39
CB NZC AA 5 -21.17 -17.27 25.51
CG2 NZC AA 5 -20.69 -16.36 26.66
C40 NZC AA 5 -21.71 -19.44 27.43
N VAL AA 6 -18.47 -19.71 26.42
CA VAL AA 6 -17.04 -19.56 26.89
C VAL AA 6 -16.23 -19.87 25.77
N MLE AA 7 -15.10 -19.19 25.54
CN MLE AA 7 -14.55 -18.18 26.50
CA MLE AA 7 -14.28 -19.50 24.32
CB MLE AA 7 -13.85 -18.16 23.69
CG MLE AA 7 -13.11 -18.42 22.37
CD1 MLE AA 7 -14.05 -18.85 21.24
CD2 MLE AA 7 -12.42 -17.10 21.98
C MLE AA 7 -13.23 -20.38 24.65
O MLE AA 7 -12.34 -20.09 25.47
N VAL AA 8 -13.26 -21.63 24.05
CA VAL AA 8 -12.26 -22.72 24.33
C VAL AA 8 -11.53 -23.11 23.20
N MVA AA 9 -10.26 -22.70 22.99
CN MVA AA 9 -9.49 -21.83 23.93
CA MVA AA 9 -9.56 -23.13 21.72
CB MVA AA 9 -9.13 -24.61 21.82
CG1 MVA AA 9 -8.07 -24.93 20.77
CG2 MVA AA 9 -8.51 -24.89 23.19
C MVA AA 9 -10.32 -22.92 20.56
O MVA AA 9 -10.76 -23.86 19.90
CCT O7D AA 10 -10.17 -20.47 20.89
CA O7D AA 10 -11.41 -21.48 18.94
CCW O7D AA 10 -10.62 -21.89 17.70
CCX O7D AA 10 -9.11 -21.54 17.80
CCY O7D AA 10 -8.15 -22.44 17.93
CDA O7D AA 10 -7.25 -20.47 17.83
CDB O7D AA 10 -8.56 -20.31 17.71
CDC O7D AA 10 -9.09 -19.08 17.58
CDD O7D AA 10 -8.24 -17.96 17.54
CDE O7D AA 10 -6.87 -18.14 17.64
CDF O7D AA 10 -6.41 -19.43 17.78
CDH O7D AA 10 -10.97 -17.73 17.94
C O7D AA 10 -12.65 -22.12 18.83
N O7D AA 10 -10.63 -21.69 20.16
NCZ O7D AA 10 -7.00 -21.77 17.95
ODG O7D AA 10 -10.46 -18.99 17.50
O O7D AA 10 -13.15 -22.27 17.69
N VAL AA 11 -13.38 -22.47 20.00
CA VAL AA 11 -14.80 -22.94 19.82
C VAL AA 11 -15.59 -22.50 20.91
N H14 AA 12 -16.95 -22.15 20.64
CA H14 AA 12 -17.84 -21.71 21.74
C H14 AA 12 -18.54 -22.76 22.39
CB H14 AA 12 -18.89 -20.59 21.37
OB H14 AA 12 -19.44 -20.80 20.07
CG H14 AA 12 -18.27 -19.32 21.40
CD1 H14 AA 12 -17.89 -18.79 22.62
CD2 H14 AA 12 -18.02 -18.61 20.23
CE1 H14 AA 12 -17.25 -17.57 22.69
CE2 H14 AA 12 -17.38 -17.37 20.29
CZ H14 AA 12 -17.00 -16.85 21.53
OXT H14 AA 12 -19.23 -23.62 21.82
N VAL AA 13 -18.48 -22.75 23.76
CA VAL AA 13 -19.22 -23.74 24.55
C VAL AA 13 -20.14 -23.03 25.37
N O7G BA 1 11.48 -14.02 27.67
CA O7G BA 1 10.14 -13.81 27.06
C O7G BA 1 9.64 -15.04 26.29
O O7G BA 1 10.38 -15.98 26.01
CB O7G BA 1 10.21 -12.55 26.15
CAA O7G BA 1 12.60 -14.33 26.74
CAB O7G BA 1 11.44 -15.11 28.66
CAF O7G BA 1 10.37 -11.28 27.04
CAG O7G BA 1 8.97 -12.33 25.30
N VAL BA 2 8.30 -15.05 26.05
CA VAL BA 2 7.60 -16.17 25.35
C VAL BA 2 6.60 -15.61 24.30
N WZJ BA 3 6.55 -16.10 23.00
CA WZJ BA 3 5.56 -15.55 22.07
C WZJ BA 3 4.63 -16.65 21.50
O WZJ BA 3 4.41 -16.74 20.29
CB WZJ BA 3 6.23 -14.88 20.84
CN WZJ BA 3 7.44 -17.18 22.56
CG2 WZJ BA 3 7.47 -14.10 21.26
CG1 WZJ BA 3 5.21 -13.92 20.16
CD1 WZJ BA 3 5.06 -14.24 18.67
N THR BA 4 4.09 -17.49 22.41
CA THR BA 4 3.24 -18.63 21.99
C THR BA 4 2.04 -18.21 21.39
N NZC BA 5 1.25 -19.09 20.70
O NZC BA 5 -1.79 -19.80 19.18
OG1 NZC BA 5 1.59 -17.65 18.45
C NZC BA 5 -1.05 -19.56 20.13
CA NZC BA 5 0.02 -18.68 20.02
CB NZC BA 5 0.40 -18.47 18.53
CG2 NZC BA 5 -0.73 -17.82 17.74
C40 NZC BA 5 1.65 -20.52 20.52
N VAL BA 6 -1.34 -20.18 21.35
CA VAL BA 6 -2.57 -21.03 21.47
C VAL BA 6 -3.43 -20.14 22.21
N MLE BA 7 -4.74 -20.01 21.95
CN MLE BA 7 -5.41 -20.83 20.90
CA MLE BA 7 -5.57 -19.06 22.74
CB MLE BA 7 -6.56 -18.39 21.77
CG MLE BA 7 -7.37 -17.26 22.40
CD1 MLE BA 7 -6.53 -15.98 22.49
CD2 MLE BA 7 -8.58 -16.99 21.51
C MLE BA 7 -6.22 -19.76 23.74
O MLE BA 7 -6.81 -20.79 23.45
N VAL BA 8 -6.14 -19.29 25.09
CA VAL BA 8 -6.78 -19.91 26.28
C VAL BA 8 -7.37 -18.88 27.03
N MVA BA 9 -8.65 -18.88 27.51
CN MVA BA 9 -9.57 -20.04 27.28
CA MVA BA 9 -9.24 -17.68 28.25
CB MVA BA 9 -8.86 -17.73 29.74
CG1 MVA BA 9 -9.38 -16.56 30.54
CG2 MVA BA 9 -9.52 -18.98 30.36
C MVA BA 9 -8.89 -16.45 27.68
O MVA BA 9 -8.38 -15.55 28.34
CCT O7D BA 10 -9.81 -17.22 25.53
CA O7D BA 10 -8.80 -14.90 25.76
CCW O7D BA 10 -9.71 -13.80 26.34
CCX O7D BA 10 -11.22 -14.09 26.30
CCY O7D BA 10 -11.90 -14.40 27.37
CDA O7D BA 10 -13.29 -14.32 25.70
CDB O7D BA 10 -12.05 -14.02 25.25
CDC O7D BA 10 -11.87 -13.75 23.94
CDD O7D BA 10 -12.95 -13.74 23.06
CDE O7D BA 10 -14.24 -14.06 23.54
CDF O7D BA 10 -14.37 -14.35 24.90
CDH O7D BA 10 -10.42 -13.08 22.19
C O7D BA 10 -7.44 -14.52 25.88
N O7D BA 10 -9.15 -16.20 26.39
NCZ O7D BA 10 -13.18 -14.56 27.01
ODG O7D BA 10 -10.60 -13.45 23.57
O O7D BA 10 -7.08 -13.34 25.75
N VAL BA 11 -6.46 -15.49 26.08
CA VAL BA 11 -5.03 -15.09 26.14
C VAL BA 11 -4.27 -15.94 25.31
N H14 BA 12 -3.30 -15.37 24.50
CA H14 BA 12 -2.49 -16.22 23.61
C H14 BA 12 -1.42 -16.71 24.33
CB H14 BA 12 -1.94 -15.43 22.44
OB H14 BA 12 -1.56 -14.14 22.94
CG H14 BA 12 -2.78 -15.29 21.33
CD1 H14 BA 12 -3.19 -16.41 20.64
CD2 H14 BA 12 -3.13 -14.03 20.85
CE1 H14 BA 12 -4.00 -16.27 19.51
CE2 H14 BA 12 -3.92 -13.88 19.72
CZ H14 BA 12 -4.36 -15.01 19.04
OXT H14 BA 12 -0.71 -15.97 25.02
N VAL BA 13 -1.12 -18.05 24.27
CA VAL BA 13 0.00 -18.61 25.05
C VAL BA 13 0.81 -19.33 24.21
N O7G CA 1 -16.41 7.51 32.48
CA O7G CA 1 -17.61 6.87 33.03
C O7G CA 1 -17.36 5.42 33.46
O O7G CA 1 -16.91 4.58 32.67
CB O7G CA 1 -18.78 6.84 32.00
CAA O7G CA 1 -15.84 6.80 31.32
CAB O7G CA 1 -15.38 7.60 33.54
CAF O7G CA 1 -18.91 8.19 31.33
CAG O7G CA 1 -20.09 6.52 32.71
N VAL CA 2 -17.70 5.14 34.72
CA VAL CA 2 -17.60 3.78 35.26
C VAL CA 2 -18.94 3.19 34.90
N WZJ CA 3 -19.00 2.10 34.11
CA WZJ CA 3 -20.36 1.55 33.82
C WZJ CA 3 -20.56 0.20 34.52
O WZJ CA 3 -19.77 -0.72 34.36
CB WZJ CA 3 -20.82 1.53 32.30
CN WZJ CA 3 -17.75 1.48 33.64
CG2 WZJ CA 3 -21.52 0.28 31.73
CG1 WZJ CA 3 -19.62 1.86 31.41
CD1 WZJ CA 3 -20.09 1.97 29.95
N THR CA 4 -21.65 0.18 35.31
CA THR CA 4 -22.17 -0.95 36.12
C THR CA 4 -23.42 -1.26 35.55
N NZC CA 5 -23.83 -2.53 35.40
O NZC CA 5 -26.85 -4.19 35.00
OG1 NZC CA 5 -23.55 -3.22 32.78
C NZC CA 5 -25.99 -3.45 35.48
CA NZC CA 5 -25.07 -2.84 34.68
CB NZC CA 5 -24.65 -3.80 33.52
CG2 NZC CA 5 -25.72 -4.02 32.46
C40 NZC CA 5 -22.99 -3.68 35.89
N VAL CA 6 -26.03 -3.20 36.85
CA VAL CA 6 -27.13 -3.85 37.62
C VAL CA 6 -28.23 -2.93 37.62
N MLE CA 7 -29.45 -3.32 37.24
CN MLE CA 7 -29.80 -4.74 36.94
CA MLE CA 7 -30.54 -2.31 37.19
CB MLE CA 7 -31.56 -2.66 36.06
CG MLE CA 7 -32.71 -1.65 35.99
CD1 MLE CA 7 -32.26 -0.30 35.37
CD2 MLE CA 7 -33.84 -2.25 35.13
C MLE CA 7 -31.20 -2.19 38.43
O MLE CA 7 -31.90 -3.10 38.90
N VAL CA 8 -31.10 -0.97 39.11
CA VAL CA 8 -31.75 -0.71 40.41
C VAL CA 8 -32.71 0.32 40.35
N MVA CA 9 -34.03 0.09 40.63
CN MVA CA 9 -34.54 -1.26 41.06
CA MVA CA 9 -35.00 1.24 40.57
CB MVA CA 9 -34.90 2.00 41.91
CG1 MVA CA 9 -35.83 3.19 41.98
CG2 MVA CA 9 -35.24 1.01 43.04
C MVA CA 9 -34.81 2.06 39.45
O MVA CA 9 -34.45 3.22 39.56
CCT O7D CA 10 -35.52 0.22 37.96
CA O7D CA 10 -34.90 2.51 37.06
CCW O7D CA 10 -36.11 3.49 37.05
CCX O7D CA 10 -37.49 2.85 37.30
CCY O7D CA 10 -38.18 3.09 38.43
CDA O7D CA 10 -39.36 1.79 37.17
CDB O7D CA 10 -38.22 2.06 36.51
CDC O7D CA 10 -38.02 1.53 35.30
CDD O7D CA 10 -38.97 0.70 34.70
CDE O7D CA 10 -40.14 0.43 35.40
CDF O7D CA 10 -40.31 1.00 36.65
CDH O7D CA 10 -36.54 1.06 33.54
C O7D CA 10 -33.66 3.24 37.04
N O7D CA 10 -35.04 1.61 38.21
NCZ O7D CA 10 -39.33 2.42 38.34
ODG O7D CA 10 -36.82 1.83 34.71
O O7D CA 10 -33.57 4.36 36.50
N VAL CA 11 -32.52 2.65 37.62
CA VAL CA 11 -31.19 3.32 37.58
C VAL CA 11 -30.16 2.37 37.26
N H14 CA 12 -29.17 2.65 36.31
CA H14 CA 12 -28.15 1.62 36.14
C H14 CA 12 -27.05 1.86 37.04
CB H14 CA 12 -27.55 1.47 34.71
OB H14 CA 12 -27.43 2.74 34.04
CG H14 CA 12 -28.34 0.58 33.94
CD1 H14 CA 12 -28.35 -0.79 34.23
CD2 H14 CA 12 -29.10 1.04 32.86
CE1 H14 CA 12 -29.13 -1.68 33.47
CE2 H14 CA 12 -29.86 0.15 32.09
CZ H14 CA 12 -29.88 -1.21 32.41
OXT H14 CA 12 -26.50 2.98 37.10
N VAL CA 13 -26.58 0.79 37.86
CA VAL CA 13 -25.36 0.90 38.72
C VAL CA 13 -24.38 -0.04 38.25
N O7G DA 1 -53.63 -11.43 45.80
CA O7G DA 1 -52.53 -11.36 44.83
C O7G DA 1 -52.30 -9.90 44.37
O O7G DA 1 -52.92 -9.44 43.41
CB O7G DA 1 -52.78 -12.27 43.62
CAA O7G DA 1 -54.81 -10.66 45.37
CAB O7G DA 1 -53.18 -10.89 47.11
CAF O7G DA 1 -53.77 -13.41 43.89
CAG O7G DA 1 -51.44 -12.88 43.18
N VAL DA 2 -51.44 -9.19 45.10
CA VAL DA 2 -51.13 -7.76 44.81
C VAL DA 2 -50.38 -7.61 43.47
N WZJ DA 3 -50.59 -6.50 42.66
CA WZJ DA 3 -49.85 -6.34 41.37
C WZJ DA 3 -49.15 -4.94 41.34
O WZJ DA 3 -49.49 -4.05 40.57
CB WZJ DA 3 -50.77 -6.58 40.15
CN WZJ DA 3 -51.55 -5.45 43.07
CG2 WZJ DA 3 -50.95 -8.11 40.04
CG1 WZJ DA 3 -50.17 -5.97 38.88
CD1 WZJ DA 3 -50.76 -6.61 37.61
N THR DA 4 -48.14 -4.79 42.21
CA THR DA 4 -47.40 -3.52 42.31
C THR DA 4 -46.67 -3.27 41.14
N NZC DA 5 -46.17 -2.04 40.88
O NZC DA 5 -43.52 -0.60 39.10
OG1 NZC DA 5 -45.30 -0.33 37.85
C NZC DA 5 -44.09 -1.31 39.93
CA NZC DA 5 -45.35 -1.92 39.65
CB NZC DA 5 -46.14 -1.30 38.49
CG2 NZC DA 5 -47.46 -0.67 38.93
C40 NZC DA 5 -46.39 -0.86 41.78
N VAL DA 6 -43.40 -1.57 41.14
CA VAL DA 6 -42.02 -1.04 41.38
C VAL DA 6 -41.18 -2.06 40.83
N MLE DA 7 -39.99 -1.80 40.25
CN MLE DA 7 -39.46 -0.42 40.15
CA MLE DA 7 -39.23 -2.91 39.61
CB MLE DA 7 -38.92 -2.44 38.18
CG MLE DA 7 -38.32 -3.55 37.34
CD1 MLE DA 7 -39.38 -4.35 36.59
CD2 MLE DA 7 -37.41 -2.86 36.30
C MLE DA 7 -38.09 -3.26 40.32
O MLE DA 7 -37.13 -2.49 40.40
N VAL DA 8 -38.08 -4.55 40.92
CA VAL DA 8 -36.95 -5.10 41.74
C VAL DA 8 -36.28 -6.12 41.03
N MVA DA 9 -34.95 -6.12 40.81
CN MVA DA 9 -34.08 -5.00 41.27
CA MVA DA 9 -34.31 -7.22 39.99
CB MVA DA 9 -33.92 -8.41 40.88
CG1 MVA DA 9 -32.88 -9.23 40.16
CG2 MVA DA 9 -33.31 -7.89 42.18
C MVA DA 9 -35.07 -7.67 38.86
O MVA DA 9 -35.45 -8.83 38.75
CCT O7D DA 10 -34.96 -5.36 37.95
CA O7D DA 10 -36.18 -7.20 36.74
CCW O7D DA 10 -35.41 -8.17 35.79
CCX O7D DA 10 -34.01 -7.67 35.43
CCY O7D DA 10 -32.92 -8.15 36.02
CDA O7D DA 10 -32.31 -6.69 34.54
CDB O7D DA 10 -33.66 -6.78 34.49
CDC O7D DA 10 -34.34 -6.02 33.62
CDD O7D DA 10 -33.68 -5.16 32.74
CDE O7D DA 10 -32.28 -5.08 32.80
CDF O7D DA 10 -31.62 -5.88 33.73
CDH O7D DA 10 -36.43 -5.16 32.92
C O7D DA 10 -37.46 -7.74 37.02
N O7D DA 10 -35.39 -6.80 37.91
NCZ O7D DA 10 -31.87 -7.53 35.48
ODG O7D DA 10 -35.68 -6.16 33.62
O O7D DA 10 -38.08 -8.31 36.12
N VAL DA 11 -38.11 -7.55 38.28
CA VAL DA 11 -39.50 -8.03 38.45
C VAL DA 11 -40.35 -6.99 38.93
N H14 DA 12 -41.73 -7.11 38.72
CA H14 DA 12 -42.56 -6.04 39.26
C H14 DA 12 -43.29 -6.41 40.42
CB H14 DA 12 -43.61 -5.52 38.22
OB H14 DA 12 -44.21 -6.65 37.52
CG H14 DA 12 -43.16 -4.64 37.27
CD1 H14 DA 12 -42.70 -3.40 37.63
CD2 H14 DA 12 -43.21 -4.99 35.94
CE1 H14 DA 12 -42.26 -2.49 36.68
CE2 H14 DA 12 -42.77 -4.10 34.96
CZ H14 DA 12 -42.30 -2.84 35.34
OXT H14 DA 12 -44.22 -7.21 40.38
N VAL DA 13 -42.94 -5.84 41.64
CA VAL DA 13 -43.67 -6.05 42.90
C VAL DA 13 -44.45 -4.87 43.03
N O7G EA 1 -13.85 -49.34 -7.52
CA O7G EA 1 -12.47 -48.85 -7.33
C O7G EA 1 -12.00 -48.93 -5.87
O O7G EA 1 -12.59 -48.31 -5.00
CB O7G EA 1 -12.39 -47.39 -7.87
CAA O7G EA 1 -14.84 -48.84 -6.55
CAB O7G EA 1 -13.91 -50.82 -7.47
CAF O7G EA 1 -12.14 -47.38 -9.40
CAG O7G EA 1 -11.28 -46.59 -7.18
N VAL EA 2 -10.90 -49.68 -5.65
CA VAL EA 2 -10.34 -49.82 -4.30
C VAL EA 2 -9.30 -48.69 -3.99
N WZJ EA 3 -9.60 -47.71 -3.09
CA WZJ EA 3 -8.61 -46.68 -2.77
C WZJ EA 3 -8.22 -46.82 -1.27
O WZJ EA 3 -8.59 -45.98 -0.43
CB WZJ EA 3 -9.05 -45.23 -3.09
CN WZJ EA 3 -10.89 -47.71 -2.36
CG2 WZJ EA 3 -9.41 -45.16 -4.56
CG1 WZJ EA 3 -7.86 -44.31 -2.74
CD1 WZJ EA 3 -7.95 -42.95 -3.45
N THR EA 4 -7.50 -47.91 -0.95
CA THR EA 4 -7.03 -48.18 0.44
C THR EA 4 -6.04 -47.22 0.73
N NZC EA 5 -5.78 -46.84 2.00
O NZC EA 5 -3.11 -45.13 3.68
OG1 NZC EA 5 -4.63 -43.33 2.23
C NZC EA 5 -3.75 -46.04 3.14
CA NZC EA 5 -4.77 -45.77 2.22
CB NZC EA 5 -5.50 -44.44 2.56
CG2 NZC EA 5 -5.88 -44.32 4.04
C40 NZC EA 5 -6.49 -47.44 3.14
N VAL EA 6 -3.33 -47.34 3.36
CA VAL EA 6 -2.15 -47.57 4.27
C VAL EA 6 -1.03 -47.56 3.42
N MLE EA 7 0.13 -46.99 3.80
CN MLE EA 7 0.29 -46.39 5.17
CA MLE EA 7 1.33 -46.96 2.88
CB MLE EA 7 2.01 -45.59 3.07
CG MLE EA 7 2.92 -45.23 1.89
CD1 MLE EA 7 2.16 -44.48 0.77
CD2 MLE EA 7 4.01 -44.30 2.44
C MLE EA 7 2.21 -48.04 3.11
O MLE EA 7 2.67 -48.38 4.20
N VAL EA 8 2.57 -48.83 2.03
CA VAL EA 8 3.46 -50.01 2.18
C VAL EA 8 4.46 -49.82 1.26
N MVA EA 9 5.79 -49.86 1.54
CN MVA EA 9 6.36 -50.22 2.87
CA MVA EA 9 6.75 -49.64 0.41
CB MVA EA 9 6.81 -50.92 -0.46
CG1 MVA EA 9 8.17 -51.00 -1.11
CG2 MVA EA 9 6.55 -52.16 0.38
C MVA EA 9 6.42 -48.53 -0.42
O MVA EA 9 6.36 -48.62 -1.66
CCT O7D EA 10 6.20 -47.14 1.59
CA O7D EA 10 5.82 -46.18 -0.76
CCW O7D EA 10 7.02 -45.79 -1.64
CCX O7D EA 10 8.33 -45.62 -0.87
CCY O7D EA 10 9.27 -46.55 -0.82
CDA O7D EA 10 9.97 -44.83 0.26
CDB O7D EA 10 8.75 -44.54 -0.21
CDC O7D EA 10 8.21 -43.35 0.02
CDD O7D EA 10 8.91 -42.40 0.77
CDE O7D EA 10 10.17 -42.71 1.26
CDF O7D EA 10 10.67 -43.96 0.99
CDH O7D EA 10 6.32 -41.92 -0.04
C O7D EA 10 4.71 -46.31 -1.62
N O7D EA 10 6.16 -47.34 0.11
NCZ O7D EA 10 10.28 -46.07 -0.11
ODG O7D EA 10 6.96 -43.12 -0.51
O O7D EA 10 4.53 -45.50 -2.51
N VAL EA 11 3.73 -47.29 -1.46
CA VAL EA 11 2.54 -47.31 -2.36
C VAL EA 11 1.39 -47.36 -1.55
N H14 EA 12 0.24 -46.62 -1.87
CA H14 EA 12 -0.89 -46.70 -0.91
C H14 EA 12 -1.64 -47.86 -1.18
CB H14 EA 12 -1.87 -45.51 -0.95
OB H14 EA 12 -2.22 -45.28 -2.31
CG H14 EA 12 -1.36 -44.34 -0.40
CD1 H14 EA 12 -1.33 -44.22 0.98
CD2 H14 EA 12 -0.94 -43.28 -1.20
CE1 H14 EA 12 -0.85 -43.06 1.58
CE2 H14 EA 12 -0.45 -42.13 -0.60
CZ H14 EA 12 -0.41 -42.03 0.80
OXT H14 EA 12 -1.67 -48.39 -2.29
N VAL EA 13 -2.38 -48.43 -0.18
CA VAL EA 13 -3.16 -49.66 -0.47
C VAL EA 13 -4.31 -49.58 0.30
N O7G FA 1 22.32 -42.10 17.70
CA O7G FA 1 21.13 -42.57 16.96
C O7G FA 1 21.50 -43.44 15.75
O O7G FA 1 22.18 -42.97 14.84
CB O7G FA 1 20.27 -41.39 16.47
CAA O7G FA 1 23.36 -41.45 16.91
CAB O7G FA 1 22.92 -43.26 18.42
CAF O7G FA 1 19.93 -40.40 17.60
CAG O7G FA 1 18.94 -41.89 15.87
N VAL FA 2 20.98 -44.68 15.74
CA VAL FA 2 21.20 -45.61 14.63
C VAL FA 2 20.20 -45.22 13.56
N WZJ FA 3 20.62 -44.84 12.33
CA WZJ FA 3 19.57 -44.46 11.41
C WZJ FA 3 19.36 -45.52 10.37
O WZJ FA 3 20.32 -45.91 9.71
CB WZJ FA 3 19.86 -43.11 10.68
CN WZJ FA 3 22.02 -44.77 11.98
CG2 WZJ FA 3 19.93 -41.98 11.70
CG1 WZJ FA 3 18.70 -42.86 9.70
CD1 WZJ FA 3 18.79 -41.46 9.09
N THR FA 4 18.10 -45.91 10.19
CA THR FA 4 17.69 -46.85 9.13
C THR FA 4 16.79 -46.14 8.30
N NZC FA 5 16.85 -46.29 6.97
O NZC FA 5 14.51 -45.77 4.38
OG1 NZC FA 5 17.83 -43.93 5.99
C NZC FA 5 14.98 -46.19 5.43
CA NZC FA 5 15.94 -45.47 6.11
CB NZC FA 5 16.90 -44.68 5.17
CG2 NZC FA 5 16.16 -43.71 4.25
C40 NZC FA 5 17.86 -47.20 6.30
N VAL FA 6 14.42 -47.36 5.93
CA VAL FA 6 13.34 -47.93 5.09
C VAL FA 6 12.13 -47.40 5.58
N MLE FA 7 11.10 -47.08 4.77
CN MLE FA 7 11.17 -47.28 3.27
CA MLE FA 7 9.84 -46.54 5.37
CB MLE FA 7 9.32 -45.47 4.42
CG MLE FA 7 8.11 -44.76 5.04
CD1 MLE FA 7 8.53 -43.85 6.19
CD2 MLE FA 7 7.49 -44.00 3.87
C MLE FA 7 8.97 -47.60 5.62
O MLE FA 7 8.67 -48.44 4.77
N VAL FA 8 8.42 -47.71 6.92
CA VAL FA 8 7.52 -48.81 7.30
C VAL FA 8 6.32 -48.31 7.78
N MVA FA 9 5.25 -48.13 6.99
CN MVA FA 9 5.30 -48.47 5.53
CA MVA FA 9 3.99 -47.56 7.56
CB MVA FA 9 3.29 -48.65 8.39
CG1 MVA FA 9 1.79 -48.35 8.48
CG2 MVA FA 9 3.49 -50.01 7.70
C MVA FA 9 4.17 -46.41 8.34
O MVA FA 9 3.89 -46.39 9.53
CCT O7D FA 10 4.96 -45.11 6.37
CA O7D FA 10 4.75 -44.07 8.63
CCW O7D FA 10 3.41 -43.67 9.25
CCX O7D FA 10 2.17 -43.75 8.32
CCY O7D FA 10 1.17 -44.57 8.62
CDA O7D FA 10 0.65 -43.50 6.83
CDB O7D FA 10 1.87 -43.07 7.21
CDC O7D FA 10 2.50 -42.14 6.45
CDD O7D FA 10 1.91 -41.61 5.31
CDE O7D FA 10 0.66 -42.06 4.94
CDF O7D FA 10 0.04 -43.01 5.73
CDH O7D FA 10 4.59 -41.21 5.88
C O7D FA 10 5.71 -44.11 9.61
N O7D FA 10 4.63 -45.28 7.82
NCZ O7D FA 10 0.24 -44.43 7.69
ODG O7D FA 10 3.72 -41.74 6.88
O O7D FA 10 5.73 -43.24 10.46
N VAL FA 11 6.75 -45.04 9.53
CA VAL FA 11 7.88 -44.98 10.48
C VAL FA 11 9.06 -45.38 9.84
N H14 FA 12 10.24 -44.63 10.10
CA H14 FA 12 11.51 -45.03 9.51
C H14 FA 12 12.25 -45.95 10.33
CB H14 FA 12 12.47 -43.83 9.23
OB H14 FA 12 12.46 -42.90 10.33
CG H14 FA 12 12.18 -43.17 8.03
CD1 H14 FA 12 12.39 -43.82 6.81
CD2 H14 FA 12 11.74 -41.85 8.03
CE1 H14 FA 12 12.11 -43.17 5.62
CE2 H14 FA 12 11.49 -41.19 6.83
CZ H14 FA 12 11.67 -41.85 5.62
OXT H14 FA 12 12.49 -45.73 11.52
N VAL FA 13 12.78 -47.10 9.75
CA VAL FA 13 13.62 -48.07 10.49
C VAL FA 13 14.85 -48.15 9.76
N O7G GA 1 51.73 2.99 -44.79
CA O7G GA 1 51.82 2.81 -43.33
C O7G GA 1 52.52 3.99 -42.62
O O7G GA 1 53.64 3.86 -42.10
CB O7G GA 1 52.60 1.51 -42.99
CAA O7G GA 1 52.59 4.06 -45.32
CAB O7G GA 1 50.33 3.32 -45.17
CAF O7G GA 1 52.19 0.31 -43.83
CAG O7G GA 1 52.37 1.15 -41.52
N VAL GA 2 51.82 5.14 -42.59
CA VAL GA 2 52.27 6.41 -41.89
C VAL GA 2 51.34 6.46 -40.65
N WZJ GA 3 51.75 7.07 -39.49
CA WZJ GA 3 50.82 7.09 -38.33
C WZJ GA 3 50.74 8.50 -37.73
O WZJ GA 3 51.66 8.91 -37.01
CB WZJ GA 3 51.28 6.07 -37.27
CN WZJ GA 3 53.06 7.74 -39.39
CG2 WZJ GA 3 50.96 4.65 -37.80
CG1 WZJ GA 3 50.54 6.33 -35.94
CD1 WZJ GA 3 50.59 5.11 -35.01
N THR GA 4 49.62 9.18 -38.03
CA THR GA 4 49.34 10.57 -37.55
C THR GA 4 48.62 10.59 -36.33
N NZC GA 5 48.54 11.69 -35.53
O NZC GA 5 46.95 13.06 -32.71
OG1 NZC GA 5 47.99 11.07 -31.87
C NZC GA 5 47.08 12.74 -33.89
CA NZC GA 5 47.78 11.58 -34.27
CB NZC GA 5 48.70 11.07 -33.13
CG2 NZC GA 5 49.97 11.93 -32.95
C40 NZC GA 5 49.19 12.98 -35.87
N VAL GA 6 46.41 13.50 -34.88
CA VAL GA 6 45.56 14.64 -34.49
C VAL GA 6 44.28 14.04 -34.41
N MLE GA 7 43.36 14.28 -33.46
CN MLE GA 7 43.62 15.22 -32.32
CA MLE GA 7 42.04 13.61 -33.56
CB MLE GA 7 41.53 13.27 -32.14
CG MLE GA 7 40.32 12.35 -32.15
CD1 MLE GA 7 40.75 10.90 -32.33
CD2 MLE GA 7 39.61 12.48 -30.80
C MLE GA 7 41.17 14.49 -34.22
O MLE GA 7 41.01 15.63 -33.80
N VAL GA 8 40.52 14.09 -35.40
CA VAL GA 8 39.57 14.97 -36.14
C VAL GA 8 38.36 14.27 -36.31
N MVA GA 9 37.12 14.75 -36.02
CN MVA GA 9 36.91 16.11 -35.46
CA MVA GA 9 35.89 13.88 -36.17
CB MVA GA 9 35.31 13.89 -37.60
CG1 MVA GA 9 33.90 13.34 -37.61
CG2 MVA GA 9 35.25 15.31 -38.14
C MVA GA 9 36.06 12.52 -35.79
O MVA GA 9 35.93 11.61 -36.61
CCT O7D GA 10 36.59 13.28 -33.49
CA O7D GA 10 36.65 10.82 -34.12
CCW O7D GA 10 35.32 10.08 -34.10
CCX O7D GA 10 34.27 10.73 -33.22
CCY O7D GA 10 33.23 11.33 -33.73
CDA O7D GA 10 33.07 11.45 -31.58
CDB O7D GA 10 34.21 10.78 -31.87
CDC O7D GA 10 34.99 10.33 -30.88
CDD O7D GA 10 34.63 10.53 -29.54
CDE O7D GA 10 33.46 11.22 -29.26
CDF O7D GA 10 32.69 11.68 -30.32
CDH O7D GA 10 37.00 9.29 -30.17
C O7D GA 10 37.57 10.10 -34.88
N O7D GA 10 36.42 12.21 -34.53
NCZ O7D GA 10 32.48 11.79 -32.72
ODG O7D GA 10 36.10 9.66 -31.24
O O7D GA 10 37.65 8.87 -34.76
N VAL GA 11 38.47 10.78 -35.74
CA VAL GA 11 39.50 10.00 -36.48
C VAL GA 11 40.81 10.50 -36.17
N H14 GA 12 41.86 9.61 -36.09
CA H14 GA 12 43.20 10.12 -35.78
C H14 GA 12 43.83 10.36 -37.00
CB H14 GA 12 44.06 9.13 -34.99
OB H14 GA 12 43.68 7.80 -35.44
CG H14 GA 12 44.01 9.14 -33.59
CD1 H14 GA 12 44.46 10.24 -32.88
CD2 H14 GA 12 43.58 8.02 -32.87
CE1 H14 GA 12 44.45 10.22 -31.49
CE2 H14 GA 12 43.55 8.00 -31.48
CZ H14 GA 12 43.99 9.10 -30.77
OXT H14 GA 12 43.92 9.48 -37.87
N VAL GA 13 44.32 11.63 -37.26
CA VAL GA 13 45.02 11.91 -38.52
C VAL GA 13 46.35 12.05 -38.20
N O7G HA 1 25.17 25.03 -17.64
CA O7G HA 1 25.95 25.11 -18.89
C O7G HA 1 25.25 24.55 -20.13
O O7G HA 1 24.54 23.54 -20.10
CB O7G HA 1 27.30 24.36 -18.72
CAA O7G HA 1 23.75 25.29 -17.88
CAB O7G HA 1 25.63 26.12 -16.74
CAF O7G HA 1 27.43 23.20 -19.73
CAG O7G HA 1 27.53 23.71 -17.34
N VAL HA 2 25.51 25.22 -21.25
CA VAL HA 2 25.00 24.81 -22.57
C VAL HA 2 25.87 23.63 -22.97
N WZJ HA 3 25.28 22.46 -23.22
CA WZJ HA 3 26.13 21.31 -23.54
C WZJ HA 3 25.95 20.97 -24.99
O WZJ HA 3 24.88 20.49 -25.38
CB WZJ HA 3 25.80 20.06 -22.65
CN WZJ HA 3 23.82 22.31 -23.14
CG2 WZJ HA 3 26.68 20.14 -21.40
CG1 WZJ HA 3 26.12 18.74 -23.37
CD1 WZJ HA 3 26.27 17.53 -22.43
N THR HA 4 27.08 21.16 -25.74
CA THR HA 4 27.24 20.78 -27.16
C THR HA 4 28.05 19.60 -27.13
N NZC HA 5 27.85 18.62 -28.03
O NZC HA 5 29.73 15.94 -29.39
OG1 NZC HA 5 27.14 16.42 -26.30
C NZC HA 5 29.39 17.09 -29.10
CA NZC HA 5 28.66 17.36 -27.93
CB NZC HA 5 27.65 16.23 -27.62
CG2 NZC HA 5 28.21 14.81 -27.59
C40 NZC HA 5 26.78 18.76 -29.02
N VAL HA 6 29.91 18.08 -29.93
CA VAL HA 6 30.74 17.60 -31.10
C VAL HA 6 32.05 17.57 -30.60
N MLE HA 7 32.92 16.58 -30.93
CN MLE HA 7 32.56 15.53 -31.94
CA MLE HA 7 34.30 16.54 -30.36
CB MLE HA 7 34.65 15.09 -30.05
CG MLE HA 7 36.03 14.98 -29.40
CD1 MLE HA 7 36.04 15.78 -28.08
CD2 MLE HA 7 36.36 13.50 -29.13
C MLE HA 7 35.20 17.16 -31.24
O MLE HA 7 35.38 16.77 -32.38
N VAL HA 8 35.91 18.24 -30.76
CA VAL HA 8 36.83 19.01 -31.65
C VAL HA 8 38.12 19.10 -31.11
N MVA HA 9 39.17 18.38 -31.62
CN MVA HA 9 39.05 17.42 -32.77
CA MVA HA 9 40.52 18.51 -31.00
CB MVA HA 9 41.18 19.80 -31.48
CG1 MVA HA 9 42.70 19.70 -31.34
CG2 MVA HA 9 40.88 20.05 -32.96
C MVA HA 9 40.50 18.44 -29.60
O MVA HA 9 40.80 19.41 -28.91
CCT O7D HA 10 39.71 16.12 -29.77
CA O7D HA 10 40.09 17.24 -27.52
CCW O7D HA 10 41.53 17.33 -26.99
CCX O7D HA 10 42.54 16.52 -27.82
CCY O7D HA 10 43.51 17.10 -28.51
CDA O7D HA 10 43.68 14.95 -28.73
CDB O7D HA 10 42.64 15.20 -27.94
CDC O7D HA 10 41.92 14.16 -27.46
CDD O7D HA 10 42.28 12.83 -27.77
CDE O7D HA 10 43.37 12.60 -28.60
CDF O7D HA 10 44.06 13.72 -29.05
CDH O7D HA 10 39.92 13.39 -26.51
C O7D HA 10 39.30 18.17 -26.83
N O7D HA 10 40.11 17.32 -29.00
NCZ O7D HA 10 44.20 16.13 -29.09
ODG O7D HA 10 40.86 14.46 -26.66
O O7D HA 10 39.48 18.40 -25.62
N VAL HA 11 38.23 18.85 -27.46
CA VAL HA 11 37.39 19.72 -26.60
C VAL HA 11 36.06 19.55 -27.04
N H14 HA 12 35.03 19.51 -26.07
CA H14 HA 12 33.66 19.37 -26.54
C H14 HA 12 32.98 20.63 -26.76
CB H14 HA 12 32.74 18.52 -25.59
OB H14 HA 12 32.97 18.84 -24.21
CG H14 HA 12 32.86 17.14 -25.75
CD1 H14 HA 12 32.37 16.53 -26.91
CD2 H14 HA 12 33.43 16.36 -24.75
CE1 H14 HA 12 32.46 15.17 -27.08
CE2 H14 HA 12 33.52 14.98 -24.93
CZ H14 HA 12 33.04 14.39 -26.09
OXT H14 HA 12 32.99 21.56 -25.95
N VAL HA 13 32.22 20.75 -27.91
CA VAL HA 13 31.44 21.96 -28.19
C VAL HA 13 30.10 21.59 -28.43
N O7G IA 1 -9.78 21.62 -24.10
CA O7G IA 1 -9.22 20.62 -23.17
C O7G IA 1 -9.48 19.12 -23.49
O O7G IA 1 -9.85 18.34 -22.62
CB O7G IA 1 -9.80 20.89 -21.73
CAA O7G IA 1 -11.15 21.33 -24.54
CAB O7G IA 1 -8.94 21.80 -25.32
CAF O7G IA 1 -9.94 22.40 -21.37
CAG O7G IA 1 -8.94 20.26 -20.63
N VAL IA 2 -9.22 18.69 -24.75
CA VAL IA 2 -9.37 17.25 -25.13
C VAL IA 2 -8.02 16.53 -24.81
N WZJ IA 3 -8.01 15.38 -24.03
CA WZJ IA 3 -6.71 14.71 -23.73
C WZJ IA 3 -6.68 13.22 -24.20
O WZJ IA 3 -7.11 12.30 -23.48
CB WZJ IA 3 -6.38 14.83 -22.23
CN WZJ IA 3 -9.27 14.83 -23.49
CG2 WZJ IA 3 -6.17 16.32 -21.88
CG1 WZJ IA 3 -5.09 14.08 -21.85
CD1 WZJ IA 3 -5.39 13.17 -20.63
N THR IA 4 -6.07 13.03 -25.39
CA THR IA 4 -5.92 11.71 -26.03
C THR IA 4 -4.80 11.01 -25.59
N NZC IA 5 -4.66 9.67 -25.85
O NZC IA 5 -1.80 7.50 -26.08
OG1 NZC IA 5 -4.29 8.93 -23.09
C NZC IA 5 -2.74 8.22 -26.39
CA NZC IA 5 -3.43 8.93 -25.39
CB NZC IA 5 -3.89 8.07 -24.19
CG2 NZC IA 5 -2.83 7.11 -23.69
C40 NZC IA 5 -5.72 8.86 -26.53
N VAL IA 6 -2.90 8.43 -27.80
CA VAL IA 6 -1.93 7.71 -28.70
C VAL IA 6 -0.67 8.41 -28.56
N MLE IA 7 0.54 7.80 -28.60
CN MLE IA 7 0.70 6.34 -28.82
CA MLE IA 7 1.77 8.63 -28.45
CB MLE IA 7 2.72 7.94 -27.50
CG MLE IA 7 3.91 8.83 -27.15
CD1 MLE IA 7 3.60 9.79 -26.01
CD2 MLE IA 7 5.01 7.88 -26.70
C MLE IA 7 2.32 8.78 -29.70
O MLE IA 7 2.74 7.81 -30.30
N VAL IA 8 2.36 10.06 -30.32
CA VAL IA 8 2.89 10.32 -31.70
C VAL IA 8 4.05 11.09 -31.61
N MVA IA 9 5.26 10.64 -32.05
CN MVA IA 9 5.47 9.30 -32.70
CA MVA IA 9 6.50 11.47 -31.86
CB MVA IA 9 6.57 12.56 -32.95
CG1 MVA IA 9 7.95 13.17 -32.94
CG2 MVA IA 9 6.29 11.97 -34.33
C MVA IA 9 6.65 12.01 -30.55
O MVA IA 9 6.73 13.22 -30.30
CCT O7D IA 10 6.65 9.69 -29.69
CA O7D IA 10 6.88 11.68 -28.13
CCW O7D IA 10 8.26 12.32 -27.89
CCX O7D IA 10 9.43 11.39 -28.18
CCY O7D IA 10 10.17 11.54 -29.27
CDA O7D IA 10 10.97 9.87 -28.11
CDB O7D IA 10 9.91 10.36 -27.43
CDC O7D IA 10 9.58 9.79 -26.24
CDD O7D IA 10 10.29 8.71 -25.72
CDE O7D IA 10 11.39 8.21 -26.43
CDF O7D IA 10 11.69 8.84 -27.64
CDH O7D IA 10 7.91 9.51 -24.57
C O7D IA 10 5.83 12.56 -27.72
N O7D IA 10 6.75 11.17 -29.51
NCZ O7D IA 10 11.10 10.58 -29.23
ODG O7D IA 10 8.50 10.33 -25.59
O O7D IA 10 5.97 13.23 -26.70
N VAL IA 11 4.60 12.65 -28.39
CA VAL IA 11 3.59 13.54 -27.79
C VAL IA 11 2.35 12.85 -27.67
N H14 IA 12 1.50 13.17 -26.63
CA H14 IA 12 0.22 12.44 -26.64
C H14 IA 12 -0.76 13.10 -27.44
CB H14 IA 12 -0.38 12.26 -25.22
OB H14 IA 12 -0.42 13.51 -24.48
CG H14 IA 12 0.26 11.31 -24.45
CD1 H14 IA 12 0.10 9.98 -24.76
CD2 H14 IA 12 1.02 11.69 -23.35
CE1 H14 IA 12 0.72 9.00 -23.99
CE2 H14 IA 12 1.64 10.72 -22.57
CZ H14 IA 12 1.48 9.38 -22.90
OXT H14 IA 12 -0.99 14.31 -27.32
N VAL IA 13 -1.53 12.36 -28.35
CA VAL IA 13 -2.61 12.96 -29.16
C VAL IA 13 -3.81 12.29 -28.84
N O7G JA 1 20.76 -8.04 -33.71
CA O7G JA 1 19.69 -7.05 -33.69
C O7G JA 1 20.12 -5.73 -34.32
O O7G JA 1 21.18 -5.17 -34.00
CB O7G JA 1 19.19 -6.74 -32.25
CAA O7G JA 1 22.05 -7.58 -33.17
CAB O7G JA 1 20.99 -8.45 -35.11
CAF O7G JA 1 18.86 -8.01 -31.47
CAG O7G JA 1 17.92 -5.87 -32.30
N VAL JA 2 19.23 -5.22 -35.19
CA VAL JA 2 19.45 -3.94 -35.86
C VAL JA 2 18.76 -2.96 -34.93
N WZJ JA 3 19.48 -2.01 -34.32
CA WZJ JA 3 18.75 -1.11 -33.43
C WZJ JA 3 18.51 0.23 -34.08
O WZJ JA 3 19.46 0.91 -34.47
CB WZJ JA 3 19.55 -0.91 -32.09
CN WZJ JA 3 20.93 -1.89 -34.51
CG2 WZJ JA 3 19.67 -2.25 -31.41
CG1 WZJ JA 3 18.85 0.15 -31.23
CD1 WZJ JA 3 19.45 0.22 -29.84
N THR JA 4 17.22 0.58 -34.11
CA THR JA 4 16.69 1.87 -34.62
C THR JA 4 16.08 2.48 -33.46
N NZC JA 5 16.09 3.80 -33.29
O NZC JA 5 14.33 6.12 -31.36
OG1 NZC JA 5 17.71 3.98 -30.95
C NZC JA 5 14.54 5.27 -32.20
CA NZC JA 5 15.56 4.35 -32.01
CB NZC JA 5 16.79 5.01 -31.33
CG2 NZC JA 5 16.54 5.74 -30.02
C40 NZC JA 5 16.72 4.69 -34.33
N VAL JA 6 13.67 5.19 -33.29
CA VAL JA 6 12.57 6.17 -33.33
C VAL JA 6 11.50 5.54 -32.66
N MLE JA 7 10.74 6.18 -31.73
CN MLE JA 7 11.00 7.63 -31.40
CA MLE JA 7 9.61 5.48 -31.03
CB MLE JA 7 9.47 6.05 -29.61
CG MLE JA 7 8.51 5.25 -28.69
CD1 MLE JA 7 8.92 3.78 -28.50
CD2 MLE JA 7 8.55 5.92 -27.28
C MLE JA 7 8.43 5.66 -31.76
O MLE JA 7 8.01 6.79 -31.97
N VAL JA 8 7.72 4.55 -32.24
CA VAL JA 8 6.45 4.62 -33.04
C VAL JA 8 5.44 3.82 -32.41
N MVA JA 9 4.25 4.33 -32.02
CN MVA JA 9 3.91 5.76 -32.23
CA MVA JA 9 3.24 3.46 -31.32
CB MVA JA 9 2.53 2.51 -32.33
CG1 MVA JA 9 1.05 2.36 -32.03
CG2 MVA JA 9 2.70 3.01 -33.76
C MVA JA 9 3.77 2.61 -30.32
O MVA JA 9 3.61 1.39 -30.33
CCT O7D JA 10 4.80 4.53 -29.15
CA O7D JA 10 5.10 2.11 -28.34
CCW O7D JA 10 3.97 1.49 -27.50
CCX O7D JA 10 2.87 2.46 -27.01
CCY O7D JA 10 1.62 2.45 -27.50
CDA O7D JA 10 1.72 3.92 -25.92
CDB O7D JA 10 2.93 3.35 -26.00
CDC O7D JA 10 3.91 3.72 -25.18
CDD O7D JA 10 3.69 4.72 -24.20
CDE O7D JA 10 2.43 5.29 -24.12
CDF O7D JA 10 1.45 4.86 -25.01
CDH O7D JA 10 6.20 3.75 -24.69
C O7D JA 10 5.91 1.07 -28.95
N O7D JA 10 4.54 3.07 -29.32
NCZ O7D JA 10 0.93 3.37 -26.84
ODG O7D JA 10 5.11 3.09 -25.36
O O7D JA 10 6.06 -0.06 -28.47
N VAL JA 11 6.61 1.36 -30.11
CA VAL JA 11 7.47 0.31 -30.70
C VAL JA 11 8.68 0.94 -31.04
N H14 JA 12 9.91 0.34 -30.78
CA H14 JA 12 11.10 1.06 -31.25
C H14 JA 12 11.47 0.65 -32.58
CB H14 JA 12 12.32 0.97 -30.29
OB H14 JA 12 12.51 -0.36 -29.67
CG H14 JA 12 12.33 1.99 -29.31
CD1 H14 JA 12 12.56 3.32 -29.65
CD2 H14 JA 12 12.17 1.68 -27.94
CE1 H14 JA 12 12.59 4.33 -28.69
CE2 H14 JA 12 12.21 2.67 -26.97
CZ H14 JA 12 12.43 4.01 -27.34
OXT H14 JA 12 11.49 -0.54 -32.93
N VAL JA 13 11.84 1.62 -33.53
CA VAL JA 13 12.31 1.25 -34.89
C VAL JA 13 13.55 1.87 -35.18
C ACT KA . 41.11 9.14 19.00
O ACT KA . 41.39 9.23 17.74
OXT ACT KA . 41.16 10.07 19.94
CH3 ACT KA . 40.64 7.70 19.48
C ACT LA . 50.16 23.77 13.04
O ACT LA . 49.74 24.48 12.05
OXT ACT LA . 49.58 23.36 14.11
CH3 ACT LA . 51.59 23.31 12.92
C ACT MA . 40.63 5.64 20.78
O ACT MA . 40.09 5.14 19.71
OXT ACT MA . 40.65 5.16 21.97
CH3 ACT MA . 41.38 7.02 20.58
C ACT NA . 28.43 -4.63 0.18
O ACT NA . 29.20 -5.64 0.44
OXT ACT NA . 28.44 -3.83 -0.83
CH3 ACT NA . 27.30 -4.37 1.21
C ACT OA . 21.56 -36.23 1.60
O ACT OA . 21.87 -37.42 2.04
OXT ACT OA . 21.80 -35.07 2.10
CH3 ACT OA . 20.79 -36.20 0.24
C ACT PA . 3.54 -31.61 13.28
O ACT PA . 4.21 -32.26 14.15
OXT ACT PA . 3.66 -30.37 12.95
CH3 ACT PA . 2.43 -32.40 12.49
C ACT QA . 19.76 -35.71 -2.39
O ACT QA . 20.08 -36.81 -2.93
OXT ACT QA . 19.05 -34.79 -2.87
CH3 ACT QA . 20.27 -35.45 -0.94
C ACT RA . 18.77 -18.00 4.77
O ACT RA . 18.59 -19.26 4.57
OXT ACT RA . 18.82 -17.38 5.88
CH3 ACT RA . 18.97 -17.09 3.47
C ACT SA . 1.73 -14.05 -12.21
O ACT SA . 2.88 -14.31 -12.65
OXT ACT SA . 0.94 -14.82 -11.61
CH3 ACT SA . 1.22 -12.60 -12.43
C ACT TA . 24.08 5.09 -23.60
O ACT TA . 24.76 4.57 -22.67
OXT ACT TA . 24.16 4.92 -24.85
CH3 ACT TA . 22.96 6.06 -23.12
C ACT UA . 23.93 14.06 -24.83
O ACT UA . 25.07 13.69 -24.29
OXT ACT UA . 22.87 13.35 -25.04
CH3 ACT UA . 23.80 15.58 -25.34
C ACT VA . 33.56 31.54 -24.66
O ACT VA . 34.44 30.98 -23.94
OXT ACT VA . 33.16 32.76 -24.71
CH3 ACT VA . 32.85 30.57 -25.57
C ACT WA . 1.91 -2.46 -30.59
O ACT WA . 1.62 -1.26 -30.92
OXT ACT WA . 1.73 -3.04 -29.48
CH3 ACT WA . 2.56 -3.31 -31.74
C ACT XA . 23.26 8.53 -21.66
O ACT XA . 23.13 9.55 -22.40
OXT ACT XA . 23.15 8.44 -20.35
CH3 ACT XA . 23.60 7.20 -22.40
C ACT YA . -33.26 -10.51 -21.62
O ACT YA . -32.43 -10.31 -20.65
OXT ACT YA . -33.87 -11.60 -22.00
CH3 ACT YA . -33.61 -9.23 -22.49
C ACT ZA . -33.47 -6.57 -22.49
O ACT ZA . -33.11 -5.54 -21.80
OXT ACT ZA . -34.06 -6.61 -23.64
CH3 ACT ZA . -33.14 -7.96 -21.85
C ACT AB . -27.09 37.06 0.01
O ACT AB . -26.66 38.19 -0.39
OXT ACT AB . -27.33 36.01 -0.68
CH3 ACT AB . -27.39 36.97 1.56
C ACT BB . -26.45 36.67 4.24
O ACT BB . -25.66 37.42 4.87
OXT ACT BB . -27.31 35.85 4.69
CH3 ACT BB . -26.42 36.75 2.67
C ACT CB . -22.84 -5.29 23.15
O ACT CB . -22.52 -4.67 22.09
OXT ACT CB . -22.20 -5.40 24.24
CH3 ACT CB . -24.21 -6.04 23.13
C ACT DB . -25.58 -8.18 22.27
O ACT DB . -25.44 -9.12 23.18
OXT ACT DB . -26.44 -8.08 21.28
CH3 ACT DB . -24.55 -6.99 22.36
#